data_9V6Z
# 
_entry.id   9V6Z 
# 
_audit_conform.dict_name       mmcif_pdbx.dic 
_audit_conform.dict_version    5.404 
_audit_conform.dict_location   http://mmcif.pdb.org/dictionaries/ascii/mmcif_pdbx.dic 
# 
loop_
_database_2.database_id 
_database_2.database_code 
_database_2.pdbx_database_accession 
_database_2.pdbx_DOI 
PDB   9V6Z         pdb_00009v6z 10.2210/pdb9v6z/pdb 
WWPDB D_1300059837 ?            ?                   
# 
loop_
_pdbx_audit_revision_history.ordinal 
_pdbx_audit_revision_history.data_content_type 
_pdbx_audit_revision_history.major_revision 
_pdbx_audit_revision_history.minor_revision 
_pdbx_audit_revision_history.revision_date 
_pdbx_audit_revision_history.part_number 
1 'Structure model' 1 0 2025-06-11 ? 
2 'Structure model' 1 1 2025-06-25 ? 
# 
_pdbx_audit_revision_details.ordinal             1 
_pdbx_audit_revision_details.revision_ordinal    1 
_pdbx_audit_revision_details.data_content_type   'Structure model' 
_pdbx_audit_revision_details.provider            repository 
_pdbx_audit_revision_details.type                'Initial release' 
_pdbx_audit_revision_details.description         ? 
_pdbx_audit_revision_details.details             ? 
# 
loop_
_pdbx_audit_revision_group.ordinal 
_pdbx_audit_revision_group.revision_ordinal 
_pdbx_audit_revision_group.data_content_type 
_pdbx_audit_revision_group.group 
1 2 'Structure model' 'Database references' 
2 2 'Structure model' 'Structure summary'   
# 
loop_
_pdbx_audit_revision_category.ordinal 
_pdbx_audit_revision_category.revision_ordinal 
_pdbx_audit_revision_category.data_content_type 
_pdbx_audit_revision_category.category 
1 2 'Structure model' citation 
2 2 'Structure model' struct   
# 
loop_
_pdbx_audit_revision_item.ordinal 
_pdbx_audit_revision_item.revision_ordinal 
_pdbx_audit_revision_item.data_content_type 
_pdbx_audit_revision_item.item 
1 2 'Structure model' '_citation.title' 
2 2 'Structure model' '_struct.title'   
# 
_pdbx_database_status.status_code                     REL 
_pdbx_database_status.status_code_sf                  REL 
_pdbx_database_status.status_code_mr                  ? 
_pdbx_database_status.entry_id                        9V6Z 
_pdbx_database_status.recvd_initial_deposition_date   2025-05-27 
_pdbx_database_status.SG_entry                        N 
_pdbx_database_status.deposit_site                    PDBJ 
_pdbx_database_status.process_site                    PDBJ 
_pdbx_database_status.status_code_cs                  ? 
_pdbx_database_status.status_code_nmr_data            ? 
_pdbx_database_status.methods_development_category    ? 
_pdbx_database_status.pdb_format_compatible           Y 
# 
_pdbx_contact_author.id                 2 
_pdbx_contact_author.email              ahmedakrem@bzu.edu.pk 
_pdbx_contact_author.name_first         Ahmed 
_pdbx_contact_author.name_last          Akrem 
_pdbx_contact_author.name_mi            ? 
_pdbx_contact_author.role               'principal investigator/group leader' 
_pdbx_contact_author.identifier_ORCID   0000-0002-9349-2723 
# 
loop_
_audit_author.name 
_audit_author.pdbx_ordinal 
_audit_author.identifier_ORCID 
'Saeed, A.'          1 0000-0002-7820-6311 
'Betzel, C.'         2 0000-0002-3879-5019 
'Brognaro, H.'       3 0009-0005-0852-5842 
'Rajaiah Prabhu, P.' 4 0000-0002-8312-0563 
'Alves Franca, B.'   5 0000-0001-6008-6000 
'Mehmood, S.'        6 0000-0002-4335-4728 
'Khaliq, B.'         7 0000-0001-9471-2428 
'Ishaq, U.'          8 0000-0002-0025-5113 
'Akrem, A.'          9 0000-0002-9349-2723 
# 
_citation.abstract                  ? 
_citation.abstract_id_CAS           ? 
_citation.book_id_ISBN              ? 
_citation.book_publisher            ? 
_citation.book_publisher_city       ? 
_citation.book_title                ? 
_citation.coordinate_linkage        ? 
_citation.country                   ? 
_citation.database_id_Medline       ? 
_citation.details                   ? 
_citation.id                        primary 
_citation.journal_abbrev            'To Be Published' 
_citation.journal_id_ASTM           ? 
_citation.journal_id_CSD            0353 
_citation.journal_id_ISSN           ? 
_citation.journal_full              ? 
_citation.journal_issue             ? 
_citation.journal_volume            ? 
_citation.language                  ? 
_citation.page_first                ? 
_citation.page_last                 ? 
_citation.title                     'Crystal structure of Isoform Chitin Binding Protein from Iberis umbellata L.' 
_citation.year                      ? 
_citation.database_id_CSD           ? 
_citation.pdbx_database_id_DOI      ? 
_citation.pdbx_database_id_PubMed   ? 
_citation.pdbx_database_id_patent   ? 
_citation.unpublished_flag          ? 
# 
loop_
_citation_author.citation_id 
_citation_author.name 
_citation_author.ordinal 
_citation_author.identifier_ORCID 
primary 'Saeed, A.'          1 0000-0002-7820-6311 
primary 'Betzel, C.'         2 0000-0002-3879-5019 
primary 'Brognaro, H.'       3 0009-0005-0852-5842 
primary 'Rajaiah Prabhu, P.' 4 0000-0002-8312-0563 
primary 'Alves Franca, B.'   5 0000-0001-6008-6000 
primary 'Mehmood, S.'        6 0000-0002-4335-4728 
primary 'Khaliq, B.'         7 0000-0001-9471-2428 
primary 'Ishaq, U.'          8 0000-0002-0025-5113 
primary 'Akrem, A.'          9 0000-0002-9349-2723 
# 
loop_
_entity.id 
_entity.type 
_entity.src_method 
_entity.pdbx_description 
_entity.formula_weight 
_entity.pdbx_number_of_molecules 
_entity.pdbx_ec 
_entity.pdbx_mutation 
_entity.pdbx_fragment 
_entity.details 
1 polymer     nat 'Chitin Binding Protein III' 3661.004 1  ? ? ? ? 
2 polymer     nat 'Chitin Binding Protein III' 8078.433 1  ? ? ? ? 
3 non-polymer syn 'SULFATE ION'                96.063   2  ? ? ? ? 
4 non-polymer syn 'SODIUM ION'                 22.990   3  ? ? ? ? 
5 non-polymer syn 'NITRATE ION'                62.005   1  ? ? ? ? 
6 non-polymer syn 'CHLORIDE ION'               35.453   3  ? ? ? ? 
7 non-polymer nat 'ACETATE ION'                59.044   2  ? ? ? ? 
8 water       nat water                        18.015   52 ? ? ? ? 
# 
loop_
_entity_poly.entity_id 
_entity_poly.type 
_entity_poly.nstd_linkage 
_entity_poly.nstd_monomer 
_entity_poly.pdbx_seq_one_letter_code 
_entity_poly.pdbx_seq_one_letter_code_can 
_entity_poly.pdbx_strand_id 
_entity_poly.pdbx_target_identifier 
1 'polypeptide(L)' no no AGPFGPRPSCPSEFVSAHRLSACESWIHSEATNAG                                        
AGPFGPRPSCPSEFVSAHRLSACESWIHSEATNAG                                        A ? 
2 'polypeptide(L)' no no PKERPPLLRLCCTELHKENPECVCSTLRRAAKATRVRQGTAAASQVQRLFQTARHLPSTCGFAGVGTCPFKATP 
PKERPPLLRLCCTELHKENPECVCSTLRRAAKATRVRQGTAAASQVQRLFQTARHLPSTCGFAGVGTCPFKATP B ? 
# 
loop_
_pdbx_entity_nonpoly.entity_id 
_pdbx_entity_nonpoly.name 
_pdbx_entity_nonpoly.comp_id 
3 'SULFATE ION'  SO4 
4 'SODIUM ION'   NA  
5 'NITRATE ION'  NO3 
6 'CHLORIDE ION' CL  
7 'ACETATE ION'  ACT 
8 water          HOH 
# 
loop_
_entity_poly_seq.entity_id 
_entity_poly_seq.num 
_entity_poly_seq.mon_id 
_entity_poly_seq.hetero 
1 1  ALA n 
1 2  GLY n 
1 3  PRO n 
1 4  PHE n 
1 5  GLY n 
1 6  PRO n 
1 7  ARG n 
1 8  PRO n 
1 9  SER n 
1 10 CYS n 
1 11 PRO n 
1 12 SER n 
1 13 GLU n 
1 14 PHE n 
1 15 VAL n 
1 16 SER n 
1 17 ALA n 
1 18 HIS n 
1 19 ARG n 
1 20 LEU n 
1 21 SER n 
1 22 ALA n 
1 23 CYS n 
1 24 GLU n 
1 25 SER n 
1 26 TRP n 
1 27 ILE n 
1 28 HIS n 
1 29 SER n 
1 30 GLU n 
1 31 ALA n 
1 32 THR n 
1 33 ASN n 
1 34 ALA n 
1 35 GLY n 
2 1  PRO n 
2 2  LYS n 
2 3  GLU n 
2 4  ARG n 
2 5  PRO n 
2 6  PRO n 
2 7  LEU n 
2 8  LEU n 
2 9  ARG n 
2 10 LEU n 
2 11 CYS n 
2 12 CYS n 
2 13 THR n 
2 14 GLU n 
2 15 LEU n 
2 16 HIS n 
2 17 LYS n 
2 18 GLU n 
2 19 ASN n 
2 20 PRO n 
2 21 GLU n 
2 22 CYS n 
2 23 VAL n 
2 24 CYS n 
2 25 SER n 
2 26 THR n 
2 27 LEU n 
2 28 ARG n 
2 29 ARG n 
2 30 ALA n 
2 31 ALA n 
2 32 LYS n 
2 33 ALA n 
2 34 THR n 
2 35 ARG n 
2 36 VAL n 
2 37 ARG n 
2 38 GLN n 
2 39 GLY n 
2 40 THR n 
2 41 ALA n 
2 42 ALA n 
2 43 ALA n 
2 44 SER n 
2 45 GLN n 
2 46 VAL n 
2 47 GLN n 
2 48 ARG n 
2 49 LEU n 
2 50 PHE n 
2 51 GLN n 
2 52 THR n 
2 53 ALA n 
2 54 ARG n 
2 55 HIS n 
2 56 LEU n 
2 57 PRO n 
2 58 SER n 
2 59 THR n 
2 60 CYS n 
2 61 GLY n 
2 62 PHE n 
2 63 ALA n 
2 64 GLY n 
2 65 VAL n 
2 66 GLY n 
2 67 THR n 
2 68 CYS n 
2 69 PRO n 
2 70 PHE n 
2 71 LYS n 
2 72 ALA n 
2 73 THR n 
2 74 PRO n 
# 
loop_
_entity_src_nat.entity_id 
_entity_src_nat.pdbx_src_id 
_entity_src_nat.pdbx_alt_source_flag 
_entity_src_nat.pdbx_beg_seq_num 
_entity_src_nat.pdbx_end_seq_num 
_entity_src_nat.common_name 
_entity_src_nat.pdbx_organism_scientific 
_entity_src_nat.pdbx_ncbi_taxonomy_id 
_entity_src_nat.genus 
_entity_src_nat.species 
_entity_src_nat.strain 
_entity_src_nat.tissue 
_entity_src_nat.tissue_fraction 
_entity_src_nat.pdbx_secretion 
_entity_src_nat.pdbx_fragment 
_entity_src_nat.pdbx_variant 
_entity_src_nat.pdbx_cell_line 
_entity_src_nat.pdbx_atcc 
_entity_src_nat.pdbx_cellular_location 
_entity_src_nat.pdbx_organ 
_entity_src_nat.pdbx_organelle 
_entity_src_nat.pdbx_cell 
_entity_src_nat.pdbx_plasmid_name 
_entity_src_nat.pdbx_plasmid_details 
_entity_src_nat.details 
1 1 sample 1 35 ? 'Iberis umbellata' 226049 ? ? ? ? ? ? ? ? ? ? ? ? ? ? ? ? ? 
2 1 sample 1 74 ? 'Iberis umbellata' 226049 ? ? ? ? ? ? ? ? ? ? ? ? ? ? ? ? ? 
# 
loop_
_chem_comp.id 
_chem_comp.type 
_chem_comp.mon_nstd_flag 
_chem_comp.name 
_chem_comp.pdbx_synonyms 
_chem_comp.formula 
_chem_comp.formula_weight 
ACT non-polymer         . 'ACETATE ION'   ? 'C2 H3 O2 -1'    59.044  
ALA 'L-peptide linking' y ALANINE         ? 'C3 H7 N O2'     89.093  
ARG 'L-peptide linking' y ARGININE        ? 'C6 H15 N4 O2 1' 175.209 
ASN 'L-peptide linking' y ASPARAGINE      ? 'C4 H8 N2 O3'    132.118 
CL  non-polymer         . 'CHLORIDE ION'  ? 'Cl -1'          35.453  
CYS 'L-peptide linking' y CYSTEINE        ? 'C3 H7 N O2 S'   121.158 
GLN 'L-peptide linking' y GLUTAMINE       ? 'C5 H10 N2 O3'   146.144 
GLU 'L-peptide linking' y 'GLUTAMIC ACID' ? 'C5 H9 N O4'     147.129 
GLY 'peptide linking'   y GLYCINE         ? 'C2 H5 N O2'     75.067  
HIS 'L-peptide linking' y HISTIDINE       ? 'C6 H10 N3 O2 1' 156.162 
HOH non-polymer         . WATER           ? 'H2 O'           18.015  
ILE 'L-peptide linking' y ISOLEUCINE      ? 'C6 H13 N O2'    131.173 
LEU 'L-peptide linking' y LEUCINE         ? 'C6 H13 N O2'    131.173 
LYS 'L-peptide linking' y LYSINE          ? 'C6 H15 N2 O2 1' 147.195 
NA  non-polymer         . 'SODIUM ION'    ? 'Na 1'           22.990  
NO3 non-polymer         . 'NITRATE ION'   ? 'N O3 -1'        62.005  
PHE 'L-peptide linking' y PHENYLALANINE   ? 'C9 H11 N O2'    165.189 
PRO 'L-peptide linking' y PROLINE         ? 'C5 H9 N O2'     115.130 
SER 'L-peptide linking' y SERINE          ? 'C3 H7 N O3'     105.093 
SO4 non-polymer         . 'SULFATE ION'   ? 'O4 S -2'        96.063  
THR 'L-peptide linking' y THREONINE       ? 'C4 H9 N O3'     119.119 
TRP 'L-peptide linking' y TRYPTOPHAN      ? 'C11 H12 N2 O2'  204.225 
VAL 'L-peptide linking' y VALINE          ? 'C5 H11 N O2'    117.146 
# 
loop_
_pdbx_poly_seq_scheme.asym_id 
_pdbx_poly_seq_scheme.entity_id 
_pdbx_poly_seq_scheme.seq_id 
_pdbx_poly_seq_scheme.mon_id 
_pdbx_poly_seq_scheme.ndb_seq_num 
_pdbx_poly_seq_scheme.pdb_seq_num 
_pdbx_poly_seq_scheme.auth_seq_num 
_pdbx_poly_seq_scheme.pdb_mon_id 
_pdbx_poly_seq_scheme.auth_mon_id 
_pdbx_poly_seq_scheme.pdb_strand_id 
_pdbx_poly_seq_scheme.pdb_ins_code 
_pdbx_poly_seq_scheme.hetero 
A 1 1  ALA 1  1   1   ALA ALA A . n 
A 1 2  GLY 2  2   2   GLY GLY A . n 
A 1 3  PRO 3  3   3   PRO PRO A . n 
A 1 4  PHE 4  4   4   PHE PHE A . n 
A 1 5  GLY 5  5   5   GLY GLY A . n 
A 1 6  PRO 6  6   6   PRO PRO A . n 
A 1 7  ARG 7  7   7   ARG ARG A . n 
A 1 8  PRO 8  8   8   PRO PRO A . n 
A 1 9  SER 9  9   9   SER SER A . n 
A 1 10 CYS 10 10  10  CYS CYS A . n 
A 1 11 PRO 11 11  11  PRO PRO A . n 
A 1 12 SER 12 12  12  SER SER A . n 
A 1 13 GLU 13 13  13  GLU GLU A . n 
A 1 14 PHE 14 14  14  PHE PHE A . n 
A 1 15 VAL 15 15  15  VAL VAL A . n 
A 1 16 SER 16 16  16  SER SER A . n 
A 1 17 ALA 17 17  17  ALA ALA A . n 
A 1 18 HIS 18 18  18  HIS HIS A . n 
A 1 19 ARG 19 19  19  ARG ARG A . n 
A 1 20 LEU 20 20  20  LEU LEU A . n 
A 1 21 SER 21 21  21  SER SER A . n 
A 1 22 ALA 22 22  22  ALA ALA A . n 
A 1 23 CYS 23 23  23  CYS CYS A . n 
A 1 24 GLU 24 24  24  GLU GLU A . n 
A 1 25 SER 25 25  25  SER SER A . n 
A 1 26 TRP 26 26  26  TRP TRP A . n 
A 1 27 ILE 27 27  27  ILE ILE A . n 
A 1 28 HIS 28 28  28  HIS HIS A . n 
A 1 29 SER 29 29  29  SER SER A . n 
A 1 30 GLU 30 30  30  GLU GLU A . n 
A 1 31 ALA 31 31  31  ALA ALA A . n 
A 1 32 THR 32 32  32  THR THR A . n 
A 1 33 ASN 33 33  33  ASN ASN A . n 
A 1 34 ALA 34 34  34  ALA ALA A . n 
A 1 35 GLY 35 35  35  GLY GLY A . n 
B 2 1  PRO 1  53  53  PRO PRO B . n 
B 2 2  LYS 2  54  54  LYS LYS B . n 
B 2 3  GLU 3  55  55  GLU GLU B . n 
B 2 4  ARG 4  56  56  ARG ARG B . n 
B 2 5  PRO 5  57  57  PRO PRO B . n 
B 2 6  PRO 6  58  58  PRO PRO B . n 
B 2 7  LEU 7  59  59  LEU LEU B . n 
B 2 8  LEU 8  60  60  LEU LEU B . n 
B 2 9  ARG 9  61  61  ARG ARG B . n 
B 2 10 LEU 10 62  62  LEU LEU B . n 
B 2 11 CYS 11 63  63  CYS CYS B . n 
B 2 12 CYS 12 64  64  CYS CYS B . n 
B 2 13 THR 13 65  65  THR THR B . n 
B 2 14 GLU 14 66  66  GLU GLU B . n 
B 2 15 LEU 15 67  67  LEU LEU B . n 
B 2 16 HIS 16 68  68  HIS HIS B . n 
B 2 17 LYS 17 69  69  LYS LYS B . n 
B 2 18 GLU 18 70  70  GLU GLU B . n 
B 2 19 ASN 19 71  71  ASN ASN B . n 
B 2 20 PRO 20 72  72  PRO PRO B . n 
B 2 21 GLU 21 73  73  GLU GLU B . n 
B 2 22 CYS 22 74  74  CYS CYS B . n 
B 2 23 VAL 23 75  75  VAL VAL B . n 
B 2 24 CYS 24 76  76  CYS CYS B . n 
B 2 25 SER 25 77  77  SER SER B . n 
B 2 26 THR 26 78  78  THR THR B . n 
B 2 27 LEU 27 79  79  LEU LEU B . n 
B 2 28 ARG 28 80  80  ARG ARG B . n 
B 2 29 ARG 29 81  81  ARG ARG B . n 
B 2 30 ALA 30 82  82  ALA ALA B . n 
B 2 31 ALA 31 83  83  ALA ALA B . n 
B 2 32 LYS 32 84  84  LYS LYS B . n 
B 2 33 ALA 33 85  85  ALA ALA B . n 
B 2 34 THR 34 86  86  THR THR B . n 
B 2 35 ARG 35 87  87  ARG ARG B . n 
B 2 36 VAL 36 88  88  VAL VAL B . n 
B 2 37 ARG 37 89  89  ARG ARG B . n 
B 2 38 GLN 38 90  90  GLN GLN B . n 
B 2 39 GLY 39 91  91  GLY GLY B . n 
B 2 40 THR 40 92  92  THR THR B . n 
B 2 41 ALA 41 93  93  ALA ALA B . n 
B 2 42 ALA 42 94  94  ALA ALA B . n 
B 2 43 ALA 43 95  95  ALA ALA B . n 
B 2 44 SER 44 96  96  SER SER B . n 
B 2 45 GLN 45 97  97  GLN GLN B . n 
B 2 46 VAL 46 98  98  VAL VAL B . n 
B 2 47 GLN 47 99  99  GLN GLN B . n 
B 2 48 ARG 48 100 100 ARG ARG B . n 
B 2 49 LEU 49 101 101 LEU LEU B . n 
B 2 50 PHE 50 102 102 PHE PHE B . n 
B 2 51 GLN 51 103 103 GLN GLN B . n 
B 2 52 THR 52 104 104 THR THR B . n 
B 2 53 ALA 53 105 105 ALA ALA B . n 
B 2 54 ARG 54 106 106 ARG ARG B . n 
B 2 55 HIS 55 107 107 HIS HIS B . n 
B 2 56 LEU 56 108 108 LEU LEU B . n 
B 2 57 PRO 57 109 109 PRO PRO B . n 
B 2 58 SER 58 110 110 SER SER B . n 
B 2 59 THR 59 111 111 THR THR B . n 
B 2 60 CYS 60 112 112 CYS CYS B . n 
B 2 61 GLY 61 113 113 GLY GLY B . n 
B 2 62 PHE 62 114 114 PHE PHE B . n 
B 2 63 ALA 63 115 115 ALA ALA B . n 
B 2 64 GLY 64 116 116 GLY GLY B . n 
B 2 65 VAL 65 117 117 VAL VAL B . n 
B 2 66 GLY 66 118 118 GLY GLY B . n 
B 2 67 THR 67 119 119 THR THR B . n 
B 2 68 CYS 68 120 120 CYS CYS B . n 
B 2 69 PRO 69 121 121 PRO PRO B . n 
B 2 70 PHE 70 122 122 PHE PHE B . n 
B 2 71 LYS 71 123 123 LYS LYS B . n 
B 2 72 ALA 72 124 124 ALA ALA B . n 
B 2 73 THR 73 125 125 THR THR B . n 
B 2 74 PRO 74 126 126 PRO PRO B . n 
# 
loop_
_pdbx_entity_instance_feature.ordinal 
_pdbx_entity_instance_feature.comp_id 
_pdbx_entity_instance_feature.asym_id 
_pdbx_entity_instance_feature.seq_num 
_pdbx_entity_instance_feature.auth_comp_id 
_pdbx_entity_instance_feature.auth_asym_id 
_pdbx_entity_instance_feature.auth_seq_num 
_pdbx_entity_instance_feature.feature_type 
_pdbx_entity_instance_feature.details 
1 ACT ? ? ACT ? ? 'SUBJECT OF INVESTIGATION' ? 
2 CL  ? ? CL  ? ? 'SUBJECT OF INVESTIGATION' ? 
3 NA  ? ? NA  ? ? 'SUBJECT OF INVESTIGATION' ? 
4 NO3 ? ? NO3 ? ? 'SUBJECT OF INVESTIGATION' ? 
5 SO4 ? ? SO4 ? ? 'SUBJECT OF INVESTIGATION' ? 
# 
loop_
_pdbx_nonpoly_scheme.asym_id 
_pdbx_nonpoly_scheme.entity_id 
_pdbx_nonpoly_scheme.mon_id 
_pdbx_nonpoly_scheme.ndb_seq_num 
_pdbx_nonpoly_scheme.pdb_seq_num 
_pdbx_nonpoly_scheme.auth_seq_num 
_pdbx_nonpoly_scheme.pdb_mon_id 
_pdbx_nonpoly_scheme.auth_mon_id 
_pdbx_nonpoly_scheme.pdb_strand_id 
_pdbx_nonpoly_scheme.pdb_ins_code 
C 3 SO4 1  101 11  SO4 SO4 A . 
D 4 NA  1  102 21  NA  NA  A . 
E 4 NA  1  103 23  NA  NA  A . 
F 5 NO3 1  104 121 NO3 NO3 A . 
G 6 CL  1  201 1   CL  CL  B . 
H 6 CL  1  202 2   CL  CL  B . 
I 6 CL  1  203 3   CL  CL  B . 
J 3 SO4 1  204 12  SO4 SO4 B . 
K 4 NA  1  205 22  NA  NA  B . 
L 7 ACT 1  206 201 ACT ACT B . 
M 7 ACT 1  207 202 ACT ACT B . 
N 8 HOH 1  201 27  HOH HOH A . 
N 8 HOH 2  202 46  HOH HOH A . 
N 8 HOH 3  203 2   HOH HOH A . 
N 8 HOH 4  204 5   HOH HOH A . 
N 8 HOH 5  205 3   HOH HOH A . 
N 8 HOH 6  206 14  HOH HOH A . 
N 8 HOH 7  207 1   HOH HOH A . 
N 8 HOH 8  208 25  HOH HOH A . 
N 8 HOH 9  209 398 HOH HOH A . 
N 8 HOH 10 210 18  HOH HOH A . 
N 8 HOH 11 211 22  HOH HOH A . 
N 8 HOH 12 212 13  HOH HOH A . 
N 8 HOH 13 213 454 HOH HOH A . 
N 8 HOH 14 214 59  HOH HOH A . 
N 8 HOH 15 215 444 HOH HOH A . 
N 8 HOH 16 216 430 HOH HOH A . 
N 8 HOH 17 217 61  HOH HOH A . 
N 8 HOH 18 218 53  HOH HOH A . 
O 8 HOH 1  301 543 HOH HOH B . 
O 8 HOH 2  302 476 HOH HOH B . 
O 8 HOH 3  303 183 HOH HOH B . 
O 8 HOH 4  304 139 HOH HOH B . 
O 8 HOH 5  305 35  HOH HOH B . 
O 8 HOH 6  306 143 HOH HOH B . 
O 8 HOH 7  307 39  HOH HOH B . 
O 8 HOH 8  308 6   HOH HOH B . 
O 8 HOH 9  309 11  HOH HOH B . 
O 8 HOH 10 310 24  HOH HOH B . 
O 8 HOH 11 311 448 HOH HOH B . 
O 8 HOH 12 312 8   HOH HOH B . 
O 8 HOH 13 313 20  HOH HOH B . 
O 8 HOH 14 314 32  HOH HOH B . 
O 8 HOH 15 315 103 HOH HOH B . 
O 8 HOH 16 316 19  HOH HOH B . 
O 8 HOH 17 317 10  HOH HOH B . 
O 8 HOH 18 318 9   HOH HOH B . 
O 8 HOH 19 319 4   HOH HOH B . 
O 8 HOH 20 320 144 HOH HOH B . 
O 8 HOH 21 321 56  HOH HOH B . 
O 8 HOH 22 322 21  HOH HOH B . 
O 8 HOH 23 323 7   HOH HOH B . 
O 8 HOH 24 324 55  HOH HOH B . 
O 8 HOH 25 325 54  HOH HOH B . 
O 8 HOH 26 326 33  HOH HOH B . 
O 8 HOH 27 327 474 HOH HOH B . 
O 8 HOH 28 328 45  HOH HOH B . 
O 8 HOH 29 329 156 HOH HOH B . 
O 8 HOH 30 330 509 HOH HOH B . 
O 8 HOH 31 331 17  HOH HOH B . 
O 8 HOH 32 332 69  HOH HOH B . 
O 8 HOH 33 333 532 HOH HOH B . 
O 8 HOH 34 334 44  HOH HOH B . 
# 
loop_
_software.citation_id 
_software.classification 
_software.compiler_name 
_software.compiler_version 
_software.contact_author 
_software.contact_author_email 
_software.date 
_software.description 
_software.dependencies 
_software.hardware 
_software.language 
_software.location 
_software.mods 
_software.name 
_software.os 
_software.os_version 
_software.type 
_software.version 
_software.pdbx_reference_DOI 
_software.pdbx_ordinal 
? refinement        ? ? ? ? ? ? ? ? ? ? ? PHENIX      ? ? ? '(1.21.2_5419: ???)' ? 1 
? 'data extraction' ? ? ? ? ? ? ? ? ? ? ? PDB_EXTRACT ? ? ? .                    ? 2 
? 'data reduction'  ? ? ? ? ? ? ? ? ? ? ? XDS         ? ? ? .                    ? 3 
? 'data scaling'    ? ? ? ? ? ? ? ? ? ? ? pointless   ? ? ? .                    ? 4 
? phasing           ? ? ? ? ? ? ? ? ? ? ? PHENIX      ? ? ? .                    ? 5 
# 
_cell.angle_alpha                  90.00 
_cell.angle_alpha_esd              ? 
_cell.angle_beta                   90.00 
_cell.angle_beta_esd               ? 
_cell.angle_gamma                  90.00 
_cell.angle_gamma_esd              ? 
_cell.entry_id                     9V6Z 
_cell.details                      ? 
_cell.formula_units_Z              ? 
_cell.length_a                     45.179 
_cell.length_a_esd                 ? 
_cell.length_b                     73.121 
_cell.length_b_esd                 ? 
_cell.length_c                     31.296 
_cell.length_c_esd                 ? 
_cell.volume                       ? 
_cell.volume_esd                   ? 
_cell.Z_PDB                        4 
_cell.reciprocal_angle_alpha       ? 
_cell.reciprocal_angle_beta        ? 
_cell.reciprocal_angle_gamma       ? 
_cell.reciprocal_angle_alpha_esd   ? 
_cell.reciprocal_angle_beta_esd    ? 
_cell.reciprocal_angle_gamma_esd   ? 
_cell.reciprocal_length_a          ? 
_cell.reciprocal_length_b          ? 
_cell.reciprocal_length_c          ? 
_cell.reciprocal_length_a_esd      ? 
_cell.reciprocal_length_b_esd      ? 
_cell.reciprocal_length_c_esd      ? 
_cell.pdbx_unique_axis             ? 
_cell.pdbx_esd_method              ? 
# 
_symmetry.entry_id                         9V6Z 
_symmetry.cell_setting                     ? 
_symmetry.Int_Tables_number                18 
_symmetry.space_group_name_Hall            ? 
_symmetry.space_group_name_H-M             'P 21 21 2' 
_symmetry.pdbx_full_space_group_name_H-M   ? 
# 
_exptl.absorpt_coefficient_mu     ? 
_exptl.absorpt_correction_T_max   ? 
_exptl.absorpt_correction_T_min   ? 
_exptl.absorpt_correction_type    ? 
_exptl.absorpt_process_details    ? 
_exptl.entry_id                   9V6Z 
_exptl.crystals_number            1 
_exptl.details                    ? 
_exptl.method                     'X-RAY DIFFRACTION' 
_exptl.method_details             ? 
# 
_exptl_crystal.colour                       ? 
_exptl_crystal.density_diffrn               ? 
_exptl_crystal.density_Matthews             2.26 
_exptl_crystal.density_method               ? 
_exptl_crystal.density_percent_sol          45.49 
_exptl_crystal.description                  ? 
_exptl_crystal.F_000                        ? 
_exptl_crystal.id                           1 
_exptl_crystal.preparation                  ? 
_exptl_crystal.size_max                     ? 
_exptl_crystal.size_mid                     ? 
_exptl_crystal.size_min                     ? 
_exptl_crystal.size_rad                     ? 
_exptl_crystal.colour_lustre                ? 
_exptl_crystal.colour_modifier              ? 
_exptl_crystal.colour_primary               ? 
_exptl_crystal.density_meas                 ? 
_exptl_crystal.density_meas_esd             ? 
_exptl_crystal.density_meas_gt              ? 
_exptl_crystal.density_meas_lt              ? 
_exptl_crystal.density_meas_temp            ? 
_exptl_crystal.density_meas_temp_esd        ? 
_exptl_crystal.density_meas_temp_gt         ? 
_exptl_crystal.density_meas_temp_lt         ? 
_exptl_crystal.pdbx_crystal_image_url       ? 
_exptl_crystal.pdbx_crystal_image_format    ? 
_exptl_crystal.pdbx_mosaicity               ? 
_exptl_crystal.pdbx_mosaicity_esd           ? 
_exptl_crystal.pdbx_mosaic_method           ? 
_exptl_crystal.pdbx_mosaic_block_size       ? 
_exptl_crystal.pdbx_mosaic_block_size_esd   ? 
# 
_exptl_crystal_grow.apparatus       ? 
_exptl_crystal_grow.atmosphere      ? 
_exptl_crystal_grow.crystal_id      1 
_exptl_crystal_grow.details         ? 
_exptl_crystal_grow.method          'VAPOR DIFFUSION, HANGING DROP' 
_exptl_crystal_grow.method_ref      ? 
_exptl_crystal_grow.pH              4.3 
_exptl_crystal_grow.pressure        ? 
_exptl_crystal_grow.pressure_esd    ? 
_exptl_crystal_grow.seeding         ? 
_exptl_crystal_grow.seeding_ref     ? 
_exptl_crystal_grow.temp_details    ? 
_exptl_crystal_grow.temp_esd        ? 
_exptl_crystal_grow.time            ? 
_exptl_crystal_grow.pdbx_details    
'2.2M Ammonium sulfate, 0.2M Lithium Nitrate  16-20mg Protein in 50mM Sodium acetate, 150mM Sodium Chloride, pH 4.3' 
_exptl_crystal_grow.pdbx_pH_range   ? 
_exptl_crystal_grow.temp            293 
# 
_diffrn.ambient_environment              ? 
_diffrn.ambient_temp                     100 
_diffrn.ambient_temp_details             ? 
_diffrn.ambient_temp_esd                 ? 
_diffrn.crystal_id                       1 
_diffrn.crystal_support                  ? 
_diffrn.crystal_treatment                ? 
_diffrn.details                          ? 
_diffrn.id                               1 
_diffrn.ambient_pressure                 ? 
_diffrn.ambient_pressure_esd             ? 
_diffrn.ambient_pressure_gt              ? 
_diffrn.ambient_pressure_lt              ? 
_diffrn.ambient_temp_gt                  ? 
_diffrn.ambient_temp_lt                  ? 
_diffrn.pdbx_serial_crystal_experiment   N 
# 
_diffrn_detector.details                      ? 
_diffrn_detector.detector                     PIXEL 
_diffrn_detector.diffrn_id                    1 
_diffrn_detector.type                         'DECTRIS EIGER X 16M' 
_diffrn_detector.area_resol_mean              ? 
_diffrn_detector.dtime                        ? 
_diffrn_detector.pdbx_frames_total            ? 
_diffrn_detector.pdbx_collection_time_total   ? 
_diffrn_detector.pdbx_collection_date         2024-07-22 
_diffrn_detector.pdbx_frequency               ? 
_diffrn_detector.id                           ? 
_diffrn_detector.number_of_axes               ? 
# 
_diffrn_radiation.collimation                      ? 
_diffrn_radiation.diffrn_id                        1 
_diffrn_radiation.filter_edge                      ? 
_diffrn_radiation.inhomogeneity                    ? 
_diffrn_radiation.monochromator                    'SI(111)' 
_diffrn_radiation.polarisn_norm                    ? 
_diffrn_radiation.polarisn_ratio                   ? 
_diffrn_radiation.probe                            ? 
_diffrn_radiation.type                             ? 
_diffrn_radiation.xray_symbol                      ? 
_diffrn_radiation.wavelength_id                    1 
_diffrn_radiation.pdbx_monochromatic_or_laue_m_l   M 
_diffrn_radiation.pdbx_wavelength_list             ? 
_diffrn_radiation.pdbx_wavelength                  ? 
_diffrn_radiation.pdbx_diffrn_protocol             'SINGLE WAVELENGTH' 
_diffrn_radiation.pdbx_analyzer                    ? 
_diffrn_radiation.pdbx_scattering_type             x-ray 
# 
_diffrn_radiation_wavelength.id           1 
_diffrn_radiation_wavelength.wavelength   0.97 
_diffrn_radiation_wavelength.wt           1.0 
# 
_diffrn_source.current                     ? 
_diffrn_source.details                     ? 
_diffrn_source.diffrn_id                   1 
_diffrn_source.power                       ? 
_diffrn_source.size                        ? 
_diffrn_source.source                      SYNCHROTRON 
_diffrn_source.target                      ? 
_diffrn_source.type                        'PETRA III, EMBL c/o DESY BEAMLINE P13 (MX1)' 
_diffrn_source.voltage                     ? 
_diffrn_source.take-off_angle              ? 
_diffrn_source.pdbx_wavelength_list        0.97 
_diffrn_source.pdbx_wavelength             ? 
_diffrn_source.pdbx_synchrotron_beamline   'P13 (MX1)' 
_diffrn_source.pdbx_synchrotron_site       'PETRA III, EMBL c/o DESY' 
# 
_reflns.B_iso_Wilson_estimate                          17.8239 
_reflns.entry_id                                       9V6Z 
_reflns.data_reduction_details                         ? 
_reflns.data_reduction_method                          ? 
_reflns.d_resolution_high                              1.4 
_reflns.d_resolution_low                               31.2 
_reflns.details                                        ? 
_reflns.limit_h_max                                    ? 
_reflns.limit_h_min                                    ? 
_reflns.limit_k_max                                    ? 
_reflns.limit_k_min                                    ? 
_reflns.limit_l_max                                    ? 
_reflns.limit_l_min                                    ? 
_reflns.number_all                                     ? 
_reflns.number_obs                                     19586 
_reflns.observed_criterion                             ? 
_reflns.observed_criterion_F_max                       ? 
_reflns.observed_criterion_F_min                       ? 
_reflns.observed_criterion_I_max                       ? 
_reflns.observed_criterion_I_min                       ? 
_reflns.observed_criterion_sigma_F                     ? 
_reflns.observed_criterion_sigma_I                     ? 
_reflns.percent_possible_obs                           100 
_reflns.R_free_details                                 ? 
_reflns.Rmerge_F_all                                   ? 
_reflns.Rmerge_F_obs                                   ? 
_reflns.Friedel_coverage                               ? 
_reflns.number_gt                                      ? 
_reflns.threshold_expression                           ? 
_reflns.pdbx_redundancy                                5.3 
_reflns.pdbx_netI_over_av_sigmaI                       ? 
_reflns.pdbx_netI_over_sigmaI                          0.3000 
_reflns.pdbx_res_netI_over_av_sigmaI_2                 ? 
_reflns.pdbx_res_netI_over_sigmaI_2                    ? 
_reflns.pdbx_chi_squared                               ? 
_reflns.pdbx_scaling_rejects                           ? 
_reflns.pdbx_d_res_high_opt                            ? 
_reflns.pdbx_d_res_low_opt                             ? 
_reflns.pdbx_d_res_opt_method                          ? 
_reflns.phase_calculation_details                      ? 
_reflns.pdbx_Rrim_I_all                                0.071 
_reflns.pdbx_Rpim_I_all                                0.028 
_reflns.pdbx_d_opt                                     ? 
_reflns.pdbx_number_measured_all                       ? 
_reflns.pdbx_diffrn_id                                 1 
_reflns.pdbx_ordinal                                   1 
_reflns.pdbx_CC_half                                   0.998 
_reflns.pdbx_CC_star                                   0.998 
_reflns.pdbx_R_split                                   ? 
_reflns.pdbx_Rmerge_I_obs                              0.066 
_reflns.pdbx_Rmerge_I_all                              ? 
_reflns.pdbx_Rsym_value                                ? 
_reflns.pdbx_CC_split_method                           ? 
_reflns.pdbx_aniso_diffraction_limit_axis_1_ortho[1]   ? 
_reflns.pdbx_aniso_diffraction_limit_axis_1_ortho[2]   ? 
_reflns.pdbx_aniso_diffraction_limit_axis_1_ortho[3]   ? 
_reflns.pdbx_aniso_diffraction_limit_axis_2_ortho[1]   ? 
_reflns.pdbx_aniso_diffraction_limit_axis_2_ortho[2]   ? 
_reflns.pdbx_aniso_diffraction_limit_axis_2_ortho[3]   ? 
_reflns.pdbx_aniso_diffraction_limit_axis_3_ortho[1]   ? 
_reflns.pdbx_aniso_diffraction_limit_axis_3_ortho[2]   ? 
_reflns.pdbx_aniso_diffraction_limit_axis_3_ortho[3]   ? 
_reflns.pdbx_aniso_diffraction_limit_1                 ? 
_reflns.pdbx_aniso_diffraction_limit_2                 ? 
_reflns.pdbx_aniso_diffraction_limit_3                 ? 
_reflns.pdbx_aniso_B_tensor_eigenvector_1_ortho[1]     ? 
_reflns.pdbx_aniso_B_tensor_eigenvector_1_ortho[2]     ? 
_reflns.pdbx_aniso_B_tensor_eigenvector_1_ortho[3]     ? 
_reflns.pdbx_aniso_B_tensor_eigenvector_2_ortho[1]     ? 
_reflns.pdbx_aniso_B_tensor_eigenvector_2_ortho[2]     ? 
_reflns.pdbx_aniso_B_tensor_eigenvector_2_ortho[3]     ? 
_reflns.pdbx_aniso_B_tensor_eigenvector_3_ortho[1]     ? 
_reflns.pdbx_aniso_B_tensor_eigenvector_3_ortho[2]     ? 
_reflns.pdbx_aniso_B_tensor_eigenvector_3_ortho[3]     ? 
_reflns.pdbx_aniso_B_tensor_eigenvalue_1               ? 
_reflns.pdbx_aniso_B_tensor_eigenvalue_2               ? 
_reflns.pdbx_aniso_B_tensor_eigenvalue_3               ? 
_reflns.pdbx_orthogonalization_convention              ? 
_reflns.pdbx_percent_possible_ellipsoidal              ? 
_reflns.pdbx_percent_possible_spherical                ? 
_reflns.pdbx_percent_possible_ellipsoidal_anomalous    ? 
_reflns.pdbx_percent_possible_spherical_anomalous      ? 
_reflns.pdbx_redundancy_anomalous                      ? 
_reflns.pdbx_CC_half_anomalous                         ? 
_reflns.pdbx_absDiff_over_sigma_anomalous              ? 
_reflns.pdbx_percent_possible_anomalous                ? 
_reflns.pdbx_observed_signal_threshold                 ? 
_reflns.pdbx_signal_type                               ? 
_reflns.pdbx_signal_details                            ? 
_reflns.pdbx_signal_software_id                        ? 
# 
_reflns_shell.d_res_high                                    1.44 
_reflns_shell.d_res_low                                     1.51 
_reflns_shell.meanI_over_sigI_all                           ? 
_reflns_shell.meanI_over_sigI_obs                           5.55 
_reflns_shell.number_measured_all                           ? 
_reflns_shell.number_measured_obs                           ? 
_reflns_shell.number_possible                               ? 
_reflns_shell.number_unique_all                             ? 
_reflns_shell.number_unique_obs                             3620 
_reflns_shell.percent_possible_obs                          ? 
_reflns_shell.Rmerge_F_all                                  ? 
_reflns_shell.Rmerge_F_obs                                  ? 
_reflns_shell.meanI_over_sigI_gt                            ? 
_reflns_shell.meanI_over_uI_all                             ? 
_reflns_shell.meanI_over_uI_gt                              ? 
_reflns_shell.number_measured_gt                            ? 
_reflns_shell.number_unique_gt                              ? 
_reflns_shell.percent_possible_gt                           ? 
_reflns_shell.Rmerge_F_gt                                   ? 
_reflns_shell.Rmerge_I_gt                                   ? 
_reflns_shell.pdbx_redundancy                               2.2 
_reflns_shell.pdbx_chi_squared                              ? 
_reflns_shell.pdbx_netI_over_sigmaI_all                     ? 
_reflns_shell.pdbx_netI_over_sigmaI_obs                     ? 
_reflns_shell.pdbx_Rrim_I_all                               0.09 
_reflns_shell.pdbx_Rpim_I_all                               0.03 
_reflns_shell.pdbx_rejects                                  ? 
_reflns_shell.pdbx_ordinal                                  1 
_reflns_shell.pdbx_diffrn_id                                1 
_reflns_shell.pdbx_CC_half                                  0.0003 
_reflns_shell.pdbx_CC_star                                  0.0246 
_reflns_shell.pdbx_R_split                                  ? 
_reflns_shell.percent_possible_all                          100 
_reflns_shell.Rmerge_I_all                                  ? 
_reflns_shell.Rmerge_I_obs                                  0.082 
_reflns_shell.pdbx_Rsym_value                               ? 
_reflns_shell.pdbx_percent_possible_ellipsoidal             ? 
_reflns_shell.pdbx_percent_possible_spherical               ? 
_reflns_shell.pdbx_percent_possible_ellipsoidal_anomalous   ? 
_reflns_shell.pdbx_percent_possible_spherical_anomalous     ? 
_reflns_shell.pdbx_redundancy_anomalous                     ? 
_reflns_shell.pdbx_CC_half_anomalous                        ? 
_reflns_shell.pdbx_absDiff_over_sigma_anomalous             ? 
_reflns_shell.pdbx_percent_possible_anomalous               ? 
# 
_refine.aniso_B[1][1]                            ? 
_refine.aniso_B[1][2]                            ? 
_refine.aniso_B[1][3]                            ? 
_refine.aniso_B[2][2]                            ? 
_refine.aniso_B[2][3]                            ? 
_refine.aniso_B[3][3]                            ? 
_refine.B_iso_max                                ? 
_refine.B_iso_mean                               ? 
_refine.B_iso_min                                ? 
_refine.correlation_coeff_Fo_to_Fc               ? 
_refine.correlation_coeff_Fo_to_Fc_free          ? 
_refine.details                                  ? 
_refine.diff_density_max                         ? 
_refine.diff_density_max_esd                     ? 
_refine.diff_density_min                         ? 
_refine.diff_density_min_esd                     ? 
_refine.diff_density_rms                         ? 
_refine.diff_density_rms_esd                     ? 
_refine.entry_id                                 9V6Z 
_refine.pdbx_refine_id                           'X-RAY DIFFRACTION' 
_refine.ls_abs_structure_details                 ? 
_refine.ls_abs_structure_Flack                   ? 
_refine.ls_abs_structure_Flack_esd               ? 
_refine.ls_abs_structure_Rogers                  ? 
_refine.ls_abs_structure_Rogers_esd              ? 
_refine.ls_d_res_high                            1.44 
_refine.ls_d_res_low                             28.42 
_refine.ls_extinction_coef                       ? 
_refine.ls_extinction_coef_esd                   ? 
_refine.ls_extinction_expression                 ? 
_refine.ls_extinction_method                     ? 
_refine.ls_goodness_of_fit_all                   ? 
_refine.ls_goodness_of_fit_all_esd               ? 
_refine.ls_goodness_of_fit_obs                   ? 
_refine.ls_goodness_of_fit_obs_esd               ? 
_refine.ls_hydrogen_treatment                    ? 
_refine.ls_matrix_type                           ? 
_refine.ls_number_constraints                    ? 
_refine.ls_number_parameters                     ? 
_refine.ls_number_reflns_all                     ? 
_refine.ls_number_reflns_obs                     19582 
_refine.ls_number_reflns_R_free                  963 
_refine.ls_number_reflns_R_work                  ? 
_refine.ls_number_restraints                     ? 
_refine.ls_percent_reflns_obs                    99.95 
_refine.ls_percent_reflns_R_free                 4.92 
_refine.ls_R_factor_all                          ? 
_refine.ls_R_factor_obs                          0.1910 
_refine.ls_R_factor_R_free                       0.2188 
_refine.ls_R_factor_R_free_error                 ? 
_refine.ls_R_factor_R_free_error_details         ? 
_refine.ls_R_factor_R_work                       0.1897 
_refine.ls_R_Fsqd_factor_obs                     ? 
_refine.ls_R_I_factor_obs                        ? 
_refine.ls_redundancy_reflns_all                 ? 
_refine.ls_redundancy_reflns_obs                 ? 
_refine.ls_restrained_S_all                      ? 
_refine.ls_restrained_S_obs                      ? 
_refine.ls_shift_over_esd_max                    ? 
_refine.ls_shift_over_esd_mean                   ? 
_refine.ls_structure_factor_coef                 ? 
_refine.ls_weighting_details                     ? 
_refine.ls_weighting_scheme                      ? 
_refine.ls_wR_factor_all                         ? 
_refine.ls_wR_factor_obs                         ? 
_refine.ls_wR_factor_R_free                      ? 
_refine.ls_wR_factor_R_work                      ? 
_refine.occupancy_max                            ? 
_refine.occupancy_min                            ? 
_refine.solvent_model_details                    'FLAT BULK SOLVENT MODEL' 
_refine.solvent_model_param_bsol                 ? 
_refine.solvent_model_param_ksol                 ? 
_refine.correlation_coeff_I_to_Fcsqd_work        ? 
_refine.correlation_coeff_I_to_Fcsqd_free        ? 
_refine.pdbx_R_complete                          ? 
_refine.ls_R_factor_gt                           ? 
_refine.ls_goodness_of_fit_gt                    ? 
_refine.ls_goodness_of_fit_ref                   ? 
_refine.ls_shift_over_su_max                     ? 
_refine.ls_shift_over_su_max_lt                  ? 
_refine.ls_shift_over_su_mean                    ? 
_refine.ls_shift_over_su_mean_lt                 ? 
_refine.pdbx_ls_sigma_I                          ? 
_refine.pdbx_ls_sigma_F                          1.35 
_refine.pdbx_ls_sigma_Fsqd                       ? 
_refine.pdbx_data_cutoff_high_absF               ? 
_refine.pdbx_data_cutoff_high_rms_absF           ? 
_refine.pdbx_data_cutoff_low_absF                ? 
_refine.pdbx_isotropic_thermal_model             ? 
_refine.pdbx_ls_cross_valid_method               NONE 
_refine.pdbx_method_to_determine_struct          'MOLECULAR REPLACEMENT' 
_refine.pdbx_starting_model                      ? 
_refine.pdbx_stereochemistry_target_values       ML 
_refine.pdbx_R_Free_selection_details            ? 
_refine.pdbx_stereochem_target_val_spec_case     ? 
_refine.pdbx_overall_ESU_R                       ? 
_refine.pdbx_overall_ESU_R_Free                  ? 
_refine.pdbx_solvent_vdw_probe_radii             1.10 
_refine.pdbx_solvent_ion_probe_radii             ? 
_refine.pdbx_solvent_shrinkage_radii             0.90 
_refine.pdbx_real_space_R                        ? 
_refine.pdbx_density_correlation                 ? 
_refine.pdbx_pd_number_of_powder_patterns        ? 
_refine.pdbx_pd_number_of_points                 ? 
_refine.pdbx_pd_meas_number_of_points            ? 
_refine.pdbx_pd_proc_ls_prof_R_factor            ? 
_refine.pdbx_pd_proc_ls_prof_wR_factor           ? 
_refine.pdbx_pd_Marquardt_correlation_coeff      ? 
_refine.pdbx_pd_Fsqrd_R_factor                   ? 
_refine.pdbx_pd_ls_matrix_band_width             ? 
_refine.pdbx_overall_phase_error                 21.12 
_refine.pdbx_overall_SU_R_free_Cruickshank_DPI   ? 
_refine.pdbx_overall_SU_R_free_Blow_DPI          ? 
_refine.pdbx_overall_SU_R_Blow_DPI               ? 
_refine.pdbx_TLS_residual_ADP_flag               ? 
_refine.pdbx_diffrn_id                           1 
_refine.overall_SU_B                             ? 
_refine.overall_SU_ML                            0.14 
_refine.overall_SU_R_Cruickshank_DPI             ? 
_refine.overall_SU_R_free                        ? 
_refine.overall_FOM_free_R_set                   ? 
_refine.overall_FOM_work_R_set                   ? 
_refine.pdbx_average_fsc_overall                 ? 
_refine.pdbx_average_fsc_work                    ? 
_refine.pdbx_average_fsc_free                    ? 
# 
_refine_hist.pdbx_refine_id                   'X-RAY DIFFRACTION' 
_refine_hist.cycle_id                         LAST 
_refine_hist.details                          ? 
_refine_hist.d_res_high                       1.44 
_refine_hist.d_res_low                        28.42 
_refine_hist.number_atoms_solvent             52 
_refine_hist.number_atoms_total               897 
_refine_hist.number_reflns_all                ? 
_refine_hist.number_reflns_obs                ? 
_refine_hist.number_reflns_R_free             ? 
_refine_hist.number_reflns_R_work             ? 
_refine_hist.R_factor_all                     ? 
_refine_hist.R_factor_obs                     ? 
_refine_hist.R_factor_R_free                  ? 
_refine_hist.R_factor_R_work                  ? 
_refine_hist.pdbx_number_residues_total       ? 
_refine_hist.pdbx_B_iso_mean_ligand           ? 
_refine_hist.pdbx_B_iso_mean_solvent          ? 
_refine_hist.pdbx_number_atoms_protein        817 
_refine_hist.pdbx_number_atoms_nucleic_acid   0 
_refine_hist.pdbx_number_atoms_ligand         28 
_refine_hist.pdbx_number_atoms_lipid          ? 
_refine_hist.pdbx_number_atoms_carb           ? 
_refine_hist.pdbx_pseudo_atom_details         ? 
# 
loop_
_refine_ls_restr.pdbx_refine_id 
_refine_ls_restr.criterion 
_refine_ls_restr.dev_ideal 
_refine_ls_restr.dev_ideal_target 
_refine_ls_restr.number 
_refine_ls_restr.rejects 
_refine_ls_restr.type 
_refine_ls_restr.weight 
_refine_ls_restr.pdbx_Zscore 
_refine_ls_restr.pdbx_restraint_function 
'X-RAY DIFFRACTION' ? 0.006  ? 854  ? f_bond_d           ? ? ? 
'X-RAY DIFFRACTION' ? 0.779  ? 1155 ? f_angle_d          ? ? ? 
'X-RAY DIFFRACTION' ? 12.587 ? 312  ? f_dihedral_angle_d ? ? ? 
'X-RAY DIFFRACTION' ? 0.076  ? 125  ? f_chiral_restr     ? ? ? 
'X-RAY DIFFRACTION' ? 0.009  ? 153  ? f_plane_restr      ? ? ? 
# 
loop_
_refine_ls_shell.pdbx_refine_id 
_refine_ls_shell.d_res_high 
_refine_ls_shell.d_res_low 
_refine_ls_shell.number_reflns_all 
_refine_ls_shell.number_reflns_obs 
_refine_ls_shell.number_reflns_R_free 
_refine_ls_shell.number_reflns_R_work 
_refine_ls_shell.percent_reflns_obs 
_refine_ls_shell.percent_reflns_R_free 
_refine_ls_shell.R_factor_all 
_refine_ls_shell.R_factor_obs 
_refine_ls_shell.R_factor_R_free_error 
_refine_ls_shell.R_factor_R_work 
_refine_ls_shell.redundancy_reflns_all 
_refine_ls_shell.redundancy_reflns_obs 
_refine_ls_shell.wR_factor_all 
_refine_ls_shell.wR_factor_obs 
_refine_ls_shell.wR_factor_R_free 
_refine_ls_shell.wR_factor_R_work 
_refine_ls_shell.pdbx_R_complete 
_refine_ls_shell.correlation_coeff_Fo_to_Fc 
_refine_ls_shell.correlation_coeff_Fo_to_Fc_free 
_refine_ls_shell.correlation_coeff_I_to_Fcsqd_work 
_refine_ls_shell.correlation_coeff_I_to_Fcsqd_free 
_refine_ls_shell.pdbx_total_number_of_bins_used 
_refine_ls_shell.pdbx_phase_error 
_refine_ls_shell.pdbx_fsc_work 
_refine_ls_shell.pdbx_fsc_free 
_refine_ls_shell.R_factor_R_free 
'X-RAY DIFFRACTION' 1.44 1.51 . . 147 2595 100.00 . . . . 0.2461 . . . . . . . . . . . . . . . 0.2820 
'X-RAY DIFFRACTION' 1.51 1.61 . . 141 2609 100.00 . . . . 0.1998 . . . . . . . . . . . . . . . 0.2232 
'X-RAY DIFFRACTION' 1.61 1.73 . . 146 2607 100.00 . . . . 0.1891 . . . . . . . . . . . . . . . 0.1923 
'X-RAY DIFFRACTION' 1.73 1.90 . . 125 2632 100.00 . . . . 0.1873 . . . . . . . . . . . . . . . 0.2699 
'X-RAY DIFFRACTION' 1.90 2.18 . . 134 2648 100.00 . . . . 0.1828 . . . . . . . . . . . . . . . 0.1849 
'X-RAY DIFFRACTION' 2.18 2.75 . . 137 2699 100.00 . . . . 0.1961 . . . . . . . . . . . . . . . 0.2261 
'X-RAY DIFFRACTION' 2.75 3.09 . . 133 2829 100.00 . . . . 0.1844 . . . . . . . . . . . . . . . 0.2162 
# 
_struct.entry_id                     9V6Z 
_struct.title                        'Crystal structure of Isoform Chitin Binding Protein from Iberis umbellata L.' 
_struct.pdbx_model_details           ? 
_struct.pdbx_formula_weight          ? 
_struct.pdbx_formula_weight_method   ? 
_struct.pdbx_model_type_details      ? 
_struct.pdbx_CASP_flag               N 
# 
_struct_keywords.entry_id        9V6Z 
_struct_keywords.text            'Isoform, Chitin Binding Protein, Iberis, Candytuft, PLANT PROTEIN' 
_struct_keywords.pdbx_keywords   'PLANT PROTEIN' 
# 
loop_
_struct_asym.id 
_struct_asym.pdbx_blank_PDB_chainid_flag 
_struct_asym.pdbx_modified 
_struct_asym.entity_id 
_struct_asym.details 
A N N 1 ? 
B N N 2 ? 
C N N 3 ? 
D N N 4 ? 
E N N 4 ? 
F N N 5 ? 
G N N 6 ? 
H N N 6 ? 
I N N 6 ? 
J N N 3 ? 
K N N 4 ? 
L N N 7 ? 
M N N 7 ? 
N N N 8 ? 
O N N 8 ? 
# 
loop_
_struct_ref.id 
_struct_ref.db_name 
_struct_ref.db_code 
_struct_ref.pdbx_db_accession 
_struct_ref.pdbx_db_isoform 
_struct_ref.entity_id 
_struct_ref.pdbx_seq_one_letter_code 
_struct_ref.pdbx_align_begin 
1 PDB 9V6Z 9V6Z ? 1 ? 1 
2 PDB 9V6Z 9V6Z ? 2 ? 1 
# 
loop_
_struct_ref_seq.align_id 
_struct_ref_seq.ref_id 
_struct_ref_seq.pdbx_PDB_id_code 
_struct_ref_seq.pdbx_strand_id 
_struct_ref_seq.seq_align_beg 
_struct_ref_seq.pdbx_seq_align_beg_ins_code 
_struct_ref_seq.seq_align_end 
_struct_ref_seq.pdbx_seq_align_end_ins_code 
_struct_ref_seq.pdbx_db_accession 
_struct_ref_seq.db_align_beg 
_struct_ref_seq.pdbx_db_align_beg_ins_code 
_struct_ref_seq.db_align_end 
_struct_ref_seq.pdbx_db_align_end_ins_code 
_struct_ref_seq.pdbx_auth_seq_align_beg 
_struct_ref_seq.pdbx_auth_seq_align_end 
1 1 9V6Z A 1 ? 35 ? 9V6Z 1  ? 35  ? 1  35  
2 2 9V6Z B 1 ? 74 ? 9V6Z 53 ? 126 ? 53 126 
# 
_pdbx_struct_assembly.id                   1 
_pdbx_struct_assembly.details              author_and_software_defined_assembly 
_pdbx_struct_assembly.method_details       PISA 
_pdbx_struct_assembly.oligomeric_details   dimeric 
_pdbx_struct_assembly.oligomeric_count     2 
# 
_pdbx_struct_assembly_gen.assembly_id       1 
_pdbx_struct_assembly_gen.oper_expression   1 
_pdbx_struct_assembly_gen.asym_id_list      A,B,C,D,E,F,G,H,I,J,K,L,M,N,O 
# 
_pdbx_struct_assembly_auth_evidence.id                     1 
_pdbx_struct_assembly_auth_evidence.assembly_id            1 
_pdbx_struct_assembly_auth_evidence.experimental_support   SAXS 
_pdbx_struct_assembly_auth_evidence.details                ? 
# 
_pdbx_struct_oper_list.id                   1 
_pdbx_struct_oper_list.type                 'identity operation' 
_pdbx_struct_oper_list.name                 1_555 
_pdbx_struct_oper_list.symmetry_operation   x,y,z 
_pdbx_struct_oper_list.matrix[1][1]         1.0 
_pdbx_struct_oper_list.matrix[1][2]         0.0 
_pdbx_struct_oper_list.matrix[1][3]         0.0 
_pdbx_struct_oper_list.vector[1]            0.0 
_pdbx_struct_oper_list.matrix[2][1]         0.0 
_pdbx_struct_oper_list.matrix[2][2]         1.0 
_pdbx_struct_oper_list.matrix[2][3]         0.0 
_pdbx_struct_oper_list.vector[2]            0.0 
_pdbx_struct_oper_list.matrix[3][1]         0.0 
_pdbx_struct_oper_list.matrix[3][2]         0.0 
_pdbx_struct_oper_list.matrix[3][3]         1.0 
_pdbx_struct_oper_list.vector[3]            0.0 
# 
loop_
_struct_conf.conf_type_id 
_struct_conf.id 
_struct_conf.pdbx_PDB_helix_id 
_struct_conf.beg_label_comp_id 
_struct_conf.beg_label_asym_id 
_struct_conf.beg_label_seq_id 
_struct_conf.pdbx_beg_PDB_ins_code 
_struct_conf.end_label_comp_id 
_struct_conf.end_label_asym_id 
_struct_conf.end_label_seq_id 
_struct_conf.pdbx_end_PDB_ins_code 
_struct_conf.beg_auth_comp_id 
_struct_conf.beg_auth_asym_id 
_struct_conf.beg_auth_seq_id 
_struct_conf.end_auth_comp_id 
_struct_conf.end_auth_asym_id 
_struct_conf.end_auth_seq_id 
_struct_conf.pdbx_PDB_helix_class 
_struct_conf.details 
_struct_conf.pdbx_PDB_helix_length 
HELX_P HELX_P1 AA1 SER A 9  ? ALA A 17 ? SER A 9  ALA A 17  1 ? 9  
HELX_P HELX_P2 AA2 LEU A 20 ? THR A 32 ? LEU A 20 THR A 32  1 ? 13 
HELX_P HELX_P3 AA3 PRO B 5  ? HIS B 16 ? PRO B 57 HIS B 68  1 ? 12 
HELX_P HELX_P4 AA4 ASN B 19 ? GLN B 38 ? ASN B 71 GLN B 90  1 ? 20 
HELX_P HELX_P5 AA5 ALA B 42 ? CYS B 60 ? ALA B 94 CYS B 112 1 ? 19 
# 
_struct_conf_type.id          HELX_P 
_struct_conf_type.criteria    ? 
_struct_conf_type.reference   ? 
# 
loop_
_struct_conn.id 
_struct_conn.conn_type_id 
_struct_conn.pdbx_leaving_atom_flag 
_struct_conn.pdbx_PDB_id 
_struct_conn.ptnr1_label_asym_id 
_struct_conn.ptnr1_label_comp_id 
_struct_conn.ptnr1_label_seq_id 
_struct_conn.ptnr1_label_atom_id 
_struct_conn.pdbx_ptnr1_label_alt_id 
_struct_conn.pdbx_ptnr1_PDB_ins_code 
_struct_conn.pdbx_ptnr1_standard_comp_id 
_struct_conn.ptnr1_symmetry 
_struct_conn.ptnr2_label_asym_id 
_struct_conn.ptnr2_label_comp_id 
_struct_conn.ptnr2_label_seq_id 
_struct_conn.ptnr2_label_atom_id 
_struct_conn.pdbx_ptnr2_label_alt_id 
_struct_conn.pdbx_ptnr2_PDB_ins_code 
_struct_conn.ptnr1_auth_asym_id 
_struct_conn.ptnr1_auth_comp_id 
_struct_conn.ptnr1_auth_seq_id 
_struct_conn.ptnr2_auth_asym_id 
_struct_conn.ptnr2_auth_comp_id 
_struct_conn.ptnr2_auth_seq_id 
_struct_conn.ptnr2_symmetry 
_struct_conn.pdbx_ptnr3_label_atom_id 
_struct_conn.pdbx_ptnr3_label_seq_id 
_struct_conn.pdbx_ptnr3_label_comp_id 
_struct_conn.pdbx_ptnr3_label_asym_id 
_struct_conn.pdbx_ptnr3_label_alt_id 
_struct_conn.pdbx_ptnr3_PDB_ins_code 
_struct_conn.details 
_struct_conn.pdbx_dist_value 
_struct_conn.pdbx_value_order 
_struct_conn.pdbx_role 
disulf1 disulf ? ? A CYS 10 SG ? ? ? 1_555 B CYS 22 SG ? ? A CYS 10  B CYS 74  1_555 ? ? ? ? ? ? ? 2.036 ? ? 
disulf2 disulf ? ? A CYS 23 SG ? ? ? 1_555 B CYS 11 SG ? ? A CYS 23  B CYS 63  1_555 ? ? ? ? ? ? ? 2.062 ? ? 
disulf3 disulf ? ? B CYS 12 SG ? ? ? 1_555 B CYS 60 SG ? ? B CYS 64  B CYS 112 1_555 ? ? ? ? ? ? ? 2.026 ? ? 
disulf4 disulf ? ? B CYS 24 SG ? ? ? 1_555 B CYS 68 SG ? ? B CYS 76  B CYS 120 1_555 ? ? ? ? ? ? ? 2.036 ? ? 
metalc1 metalc ? ? D NA  .  NA ? ? ? 1_555 F NO3 .  O2 ? ? A NA  102 A NO3 104 1_555 ? ? ? ? ? ? ? 3.169 ? ? 
metalc2 metalc ? ? D NA  .  NA ? ? ? 1_555 F NO3 .  O3 ? ? A NA  102 A NO3 104 1_555 ? ? ? ? ? ? ? 2.646 ? ? 
metalc3 metalc ? ? E NA  .  NA ? ? ? 1_555 N HOH .  O  ? ? A NA  103 A HOH 215 1_555 ? ? ? ? ? ? ? 2.252 ? ? 
# 
loop_
_struct_conn_type.id 
_struct_conn_type.criteria 
_struct_conn_type.reference 
disulf ? ? 
metalc ? ? 
# 
_pdbx_struct_conn_angle.id                    1 
_pdbx_struct_conn_angle.ptnr1_label_atom_id   O2 
_pdbx_struct_conn_angle.ptnr1_label_alt_id    ? 
_pdbx_struct_conn_angle.ptnr1_label_asym_id   F 
_pdbx_struct_conn_angle.ptnr1_label_comp_id   NO3 
_pdbx_struct_conn_angle.ptnr1_label_seq_id    . 
_pdbx_struct_conn_angle.ptnr1_auth_atom_id    ? 
_pdbx_struct_conn_angle.ptnr1_auth_asym_id    A 
_pdbx_struct_conn_angle.ptnr1_auth_comp_id    NO3 
_pdbx_struct_conn_angle.ptnr1_auth_seq_id     104 
_pdbx_struct_conn_angle.ptnr1_PDB_ins_code    ? 
_pdbx_struct_conn_angle.ptnr1_symmetry        1_555 
_pdbx_struct_conn_angle.ptnr2_label_atom_id   NA 
_pdbx_struct_conn_angle.ptnr2_label_alt_id    ? 
_pdbx_struct_conn_angle.ptnr2_label_asym_id   D 
_pdbx_struct_conn_angle.ptnr2_label_comp_id   NA 
_pdbx_struct_conn_angle.ptnr2_label_seq_id    . 
_pdbx_struct_conn_angle.ptnr2_auth_atom_id    ? 
_pdbx_struct_conn_angle.ptnr2_auth_asym_id    A 
_pdbx_struct_conn_angle.ptnr2_auth_comp_id    NA 
_pdbx_struct_conn_angle.ptnr2_auth_seq_id     102 
_pdbx_struct_conn_angle.ptnr2_PDB_ins_code    ? 
_pdbx_struct_conn_angle.ptnr2_symmetry        1_555 
_pdbx_struct_conn_angle.ptnr3_label_atom_id   O3 
_pdbx_struct_conn_angle.ptnr3_label_alt_id    ? 
_pdbx_struct_conn_angle.ptnr3_label_asym_id   F 
_pdbx_struct_conn_angle.ptnr3_label_comp_id   NO3 
_pdbx_struct_conn_angle.ptnr3_label_seq_id    . 
_pdbx_struct_conn_angle.ptnr3_auth_atom_id    ? 
_pdbx_struct_conn_angle.ptnr3_auth_asym_id    A 
_pdbx_struct_conn_angle.ptnr3_auth_comp_id    NO3 
_pdbx_struct_conn_angle.ptnr3_auth_seq_id     104 
_pdbx_struct_conn_angle.ptnr3_PDB_ins_code    ? 
_pdbx_struct_conn_angle.ptnr3_symmetry        1_555 
_pdbx_struct_conn_angle.value                 42.2 
_pdbx_struct_conn_angle.value_esd             ? 
# 
loop_
_pdbx_modification_feature.ordinal 
_pdbx_modification_feature.label_comp_id 
_pdbx_modification_feature.label_asym_id 
_pdbx_modification_feature.label_seq_id 
_pdbx_modification_feature.label_alt_id 
_pdbx_modification_feature.modified_residue_label_comp_id 
_pdbx_modification_feature.modified_residue_label_asym_id 
_pdbx_modification_feature.modified_residue_label_seq_id 
_pdbx_modification_feature.modified_residue_label_alt_id 
_pdbx_modification_feature.auth_comp_id 
_pdbx_modification_feature.auth_asym_id 
_pdbx_modification_feature.auth_seq_id 
_pdbx_modification_feature.PDB_ins_code 
_pdbx_modification_feature.symmetry 
_pdbx_modification_feature.modified_residue_auth_comp_id 
_pdbx_modification_feature.modified_residue_auth_asym_id 
_pdbx_modification_feature.modified_residue_auth_seq_id 
_pdbx_modification_feature.modified_residue_PDB_ins_code 
_pdbx_modification_feature.modified_residue_symmetry 
_pdbx_modification_feature.comp_id_linking_atom 
_pdbx_modification_feature.modified_residue_id_linking_atom 
_pdbx_modification_feature.modified_residue_id 
_pdbx_modification_feature.ref_pcm_id 
_pdbx_modification_feature.ref_comp_id 
_pdbx_modification_feature.type 
_pdbx_modification_feature.category 
1 CYS A 10 ? CYS B 22 ? CYS A 10 ? 1_555 CYS B 74  ? 1_555 SG SG . . . None 'Disulfide bridge' 
2 CYS A 23 ? CYS B 11 ? CYS A 23 ? 1_555 CYS B 63  ? 1_555 SG SG . . . None 'Disulfide bridge' 
3 CYS B 12 ? CYS B 60 ? CYS B 64 ? 1_555 CYS B 112 ? 1_555 SG SG . . . None 'Disulfide bridge' 
4 CYS B 24 ? CYS B 68 ? CYS B 76 ? 1_555 CYS B 120 ? 1_555 SG SG . . . None 'Disulfide bridge' 
# 
_pdbx_entry_details.entry_id                   9V6Z 
_pdbx_entry_details.nonpolymer_details         ? 
_pdbx_entry_details.sequence_details           ? 
_pdbx_entry_details.compound_details           ? 
_pdbx_entry_details.source_details             ? 
_pdbx_entry_details.has_ligand_of_interest     Y 
_pdbx_entry_details.has_protein_modification   Y 
# 
loop_
_chem_comp_atom.comp_id 
_chem_comp_atom.atom_id 
_chem_comp_atom.type_symbol 
_chem_comp_atom.pdbx_aromatic_flag 
_chem_comp_atom.pdbx_stereo_config 
_chem_comp_atom.pdbx_ordinal 
ACT C    C  N N 1   
ACT O    O  N N 2   
ACT OXT  O  N N 3   
ACT CH3  C  N N 4   
ACT H1   H  N N 5   
ACT H2   H  N N 6   
ACT H3   H  N N 7   
ALA N    N  N N 8   
ALA CA   C  N S 9   
ALA C    C  N N 10  
ALA O    O  N N 11  
ALA CB   C  N N 12  
ALA OXT  O  N N 13  
ALA H    H  N N 14  
ALA H2   H  N N 15  
ALA HA   H  N N 16  
ALA HB1  H  N N 17  
ALA HB2  H  N N 18  
ALA HB3  H  N N 19  
ALA HXT  H  N N 20  
ARG N    N  N N 21  
ARG CA   C  N S 22  
ARG C    C  N N 23  
ARG O    O  N N 24  
ARG CB   C  N N 25  
ARG CG   C  N N 26  
ARG CD   C  N N 27  
ARG NE   N  N N 28  
ARG CZ   C  N N 29  
ARG NH1  N  N N 30  
ARG NH2  N  N N 31  
ARG OXT  O  N N 32  
ARG H    H  N N 33  
ARG H2   H  N N 34  
ARG HA   H  N N 35  
ARG HB2  H  N N 36  
ARG HB3  H  N N 37  
ARG HG2  H  N N 38  
ARG HG3  H  N N 39  
ARG HD2  H  N N 40  
ARG HD3  H  N N 41  
ARG HE   H  N N 42  
ARG HH11 H  N N 43  
ARG HH12 H  N N 44  
ARG HH21 H  N N 45  
ARG HH22 H  N N 46  
ARG HXT  H  N N 47  
ASN N    N  N N 48  
ASN CA   C  N S 49  
ASN C    C  N N 50  
ASN O    O  N N 51  
ASN CB   C  N N 52  
ASN CG   C  N N 53  
ASN OD1  O  N N 54  
ASN ND2  N  N N 55  
ASN OXT  O  N N 56  
ASN H    H  N N 57  
ASN H2   H  N N 58  
ASN HA   H  N N 59  
ASN HB2  H  N N 60  
ASN HB3  H  N N 61  
ASN HD21 H  N N 62  
ASN HD22 H  N N 63  
ASN HXT  H  N N 64  
CL  CL   CL N N 65  
CYS N    N  N N 66  
CYS CA   C  N R 67  
CYS C    C  N N 68  
CYS O    O  N N 69  
CYS CB   C  N N 70  
CYS SG   S  N N 71  
CYS OXT  O  N N 72  
CYS H    H  N N 73  
CYS H2   H  N N 74  
CYS HA   H  N N 75  
CYS HB2  H  N N 76  
CYS HB3  H  N N 77  
CYS HG   H  N N 78  
CYS HXT  H  N N 79  
GLN N    N  N N 80  
GLN CA   C  N S 81  
GLN C    C  N N 82  
GLN O    O  N N 83  
GLN CB   C  N N 84  
GLN CG   C  N N 85  
GLN CD   C  N N 86  
GLN OE1  O  N N 87  
GLN NE2  N  N N 88  
GLN OXT  O  N N 89  
GLN H    H  N N 90  
GLN H2   H  N N 91  
GLN HA   H  N N 92  
GLN HB2  H  N N 93  
GLN HB3  H  N N 94  
GLN HG2  H  N N 95  
GLN HG3  H  N N 96  
GLN HE21 H  N N 97  
GLN HE22 H  N N 98  
GLN HXT  H  N N 99  
GLU N    N  N N 100 
GLU CA   C  N S 101 
GLU C    C  N N 102 
GLU O    O  N N 103 
GLU CB   C  N N 104 
GLU CG   C  N N 105 
GLU CD   C  N N 106 
GLU OE1  O  N N 107 
GLU OE2  O  N N 108 
GLU OXT  O  N N 109 
GLU H    H  N N 110 
GLU H2   H  N N 111 
GLU HA   H  N N 112 
GLU HB2  H  N N 113 
GLU HB3  H  N N 114 
GLU HG2  H  N N 115 
GLU HG3  H  N N 116 
GLU HE2  H  N N 117 
GLU HXT  H  N N 118 
GLY N    N  N N 119 
GLY CA   C  N N 120 
GLY C    C  N N 121 
GLY O    O  N N 122 
GLY OXT  O  N N 123 
GLY H    H  N N 124 
GLY H2   H  N N 125 
GLY HA2  H  N N 126 
GLY HA3  H  N N 127 
GLY HXT  H  N N 128 
HIS N    N  N N 129 
HIS CA   C  N S 130 
HIS C    C  N N 131 
HIS O    O  N N 132 
HIS CB   C  N N 133 
HIS CG   C  Y N 134 
HIS ND1  N  Y N 135 
HIS CD2  C  Y N 136 
HIS CE1  C  Y N 137 
HIS NE2  N  Y N 138 
HIS OXT  O  N N 139 
HIS H    H  N N 140 
HIS H2   H  N N 141 
HIS HA   H  N N 142 
HIS HB2  H  N N 143 
HIS HB3  H  N N 144 
HIS HD1  H  N N 145 
HIS HD2  H  N N 146 
HIS HE1  H  N N 147 
HIS HE2  H  N N 148 
HIS HXT  H  N N 149 
HOH O    O  N N 150 
HOH H1   H  N N 151 
HOH H2   H  N N 152 
ILE N    N  N N 153 
ILE CA   C  N S 154 
ILE C    C  N N 155 
ILE O    O  N N 156 
ILE CB   C  N S 157 
ILE CG1  C  N N 158 
ILE CG2  C  N N 159 
ILE CD1  C  N N 160 
ILE OXT  O  N N 161 
ILE H    H  N N 162 
ILE H2   H  N N 163 
ILE HA   H  N N 164 
ILE HB   H  N N 165 
ILE HG12 H  N N 166 
ILE HG13 H  N N 167 
ILE HG21 H  N N 168 
ILE HG22 H  N N 169 
ILE HG23 H  N N 170 
ILE HD11 H  N N 171 
ILE HD12 H  N N 172 
ILE HD13 H  N N 173 
ILE HXT  H  N N 174 
LEU N    N  N N 175 
LEU CA   C  N S 176 
LEU C    C  N N 177 
LEU O    O  N N 178 
LEU CB   C  N N 179 
LEU CG   C  N N 180 
LEU CD1  C  N N 181 
LEU CD2  C  N N 182 
LEU OXT  O  N N 183 
LEU H    H  N N 184 
LEU H2   H  N N 185 
LEU HA   H  N N 186 
LEU HB2  H  N N 187 
LEU HB3  H  N N 188 
LEU HG   H  N N 189 
LEU HD11 H  N N 190 
LEU HD12 H  N N 191 
LEU HD13 H  N N 192 
LEU HD21 H  N N 193 
LEU HD22 H  N N 194 
LEU HD23 H  N N 195 
LEU HXT  H  N N 196 
LYS N    N  N N 197 
LYS CA   C  N S 198 
LYS C    C  N N 199 
LYS O    O  N N 200 
LYS CB   C  N N 201 
LYS CG   C  N N 202 
LYS CD   C  N N 203 
LYS CE   C  N N 204 
LYS NZ   N  N N 205 
LYS OXT  O  N N 206 
LYS H    H  N N 207 
LYS H2   H  N N 208 
LYS HA   H  N N 209 
LYS HB2  H  N N 210 
LYS HB3  H  N N 211 
LYS HG2  H  N N 212 
LYS HG3  H  N N 213 
LYS HD2  H  N N 214 
LYS HD3  H  N N 215 
LYS HE2  H  N N 216 
LYS HE3  H  N N 217 
LYS HZ1  H  N N 218 
LYS HZ2  H  N N 219 
LYS HZ3  H  N N 220 
LYS HXT  H  N N 221 
NA  NA   NA N N 222 
NO3 N    N  N N 223 
NO3 O1   O  N N 224 
NO3 O2   O  N N 225 
NO3 O3   O  N N 226 
PHE N    N  N N 227 
PHE CA   C  N S 228 
PHE C    C  N N 229 
PHE O    O  N N 230 
PHE CB   C  N N 231 
PHE CG   C  Y N 232 
PHE CD1  C  Y N 233 
PHE CD2  C  Y N 234 
PHE CE1  C  Y N 235 
PHE CE2  C  Y N 236 
PHE CZ   C  Y N 237 
PHE OXT  O  N N 238 
PHE H    H  N N 239 
PHE H2   H  N N 240 
PHE HA   H  N N 241 
PHE HB2  H  N N 242 
PHE HB3  H  N N 243 
PHE HD1  H  N N 244 
PHE HD2  H  N N 245 
PHE HE1  H  N N 246 
PHE HE2  H  N N 247 
PHE HZ   H  N N 248 
PHE HXT  H  N N 249 
PRO N    N  N N 250 
PRO CA   C  N S 251 
PRO C    C  N N 252 
PRO O    O  N N 253 
PRO CB   C  N N 254 
PRO CG   C  N N 255 
PRO CD   C  N N 256 
PRO OXT  O  N N 257 
PRO H    H  N N 258 
PRO HA   H  N N 259 
PRO HB2  H  N N 260 
PRO HB3  H  N N 261 
PRO HG2  H  N N 262 
PRO HG3  H  N N 263 
PRO HD2  H  N N 264 
PRO HD3  H  N N 265 
PRO HXT  H  N N 266 
SER N    N  N N 267 
SER CA   C  N S 268 
SER C    C  N N 269 
SER O    O  N N 270 
SER CB   C  N N 271 
SER OG   O  N N 272 
SER OXT  O  N N 273 
SER H    H  N N 274 
SER H2   H  N N 275 
SER HA   H  N N 276 
SER HB2  H  N N 277 
SER HB3  H  N N 278 
SER HG   H  N N 279 
SER HXT  H  N N 280 
SO4 S    S  N N 281 
SO4 O1   O  N N 282 
SO4 O2   O  N N 283 
SO4 O3   O  N N 284 
SO4 O4   O  N N 285 
THR N    N  N N 286 
THR CA   C  N S 287 
THR C    C  N N 288 
THR O    O  N N 289 
THR CB   C  N R 290 
THR OG1  O  N N 291 
THR CG2  C  N N 292 
THR OXT  O  N N 293 
THR H    H  N N 294 
THR H2   H  N N 295 
THR HA   H  N N 296 
THR HB   H  N N 297 
THR HG1  H  N N 298 
THR HG21 H  N N 299 
THR HG22 H  N N 300 
THR HG23 H  N N 301 
THR HXT  H  N N 302 
TRP N    N  N N 303 
TRP CA   C  N S 304 
TRP C    C  N N 305 
TRP O    O  N N 306 
TRP CB   C  N N 307 
TRP CG   C  Y N 308 
TRP CD1  C  Y N 309 
TRP CD2  C  Y N 310 
TRP NE1  N  Y N 311 
TRP CE2  C  Y N 312 
TRP CE3  C  Y N 313 
TRP CZ2  C  Y N 314 
TRP CZ3  C  Y N 315 
TRP CH2  C  Y N 316 
TRP OXT  O  N N 317 
TRP H    H  N N 318 
TRP H2   H  N N 319 
TRP HA   H  N N 320 
TRP HB2  H  N N 321 
TRP HB3  H  N N 322 
TRP HD1  H  N N 323 
TRP HE1  H  N N 324 
TRP HE3  H  N N 325 
TRP HZ2  H  N N 326 
TRP HZ3  H  N N 327 
TRP HH2  H  N N 328 
TRP HXT  H  N N 329 
VAL N    N  N N 330 
VAL CA   C  N S 331 
VAL C    C  N N 332 
VAL O    O  N N 333 
VAL CB   C  N N 334 
VAL CG1  C  N N 335 
VAL CG2  C  N N 336 
VAL OXT  O  N N 337 
VAL H    H  N N 338 
VAL H2   H  N N 339 
VAL HA   H  N N 340 
VAL HB   H  N N 341 
VAL HG11 H  N N 342 
VAL HG12 H  N N 343 
VAL HG13 H  N N 344 
VAL HG21 H  N N 345 
VAL HG22 H  N N 346 
VAL HG23 H  N N 347 
VAL HXT  H  N N 348 
# 
loop_
_chem_comp_bond.comp_id 
_chem_comp_bond.atom_id_1 
_chem_comp_bond.atom_id_2 
_chem_comp_bond.value_order 
_chem_comp_bond.pdbx_aromatic_flag 
_chem_comp_bond.pdbx_stereo_config 
_chem_comp_bond.pdbx_ordinal 
ACT C   O    doub N N 1   
ACT C   OXT  sing N N 2   
ACT C   CH3  sing N N 3   
ACT CH3 H1   sing N N 4   
ACT CH3 H2   sing N N 5   
ACT CH3 H3   sing N N 6   
ALA N   CA   sing N N 7   
ALA N   H    sing N N 8   
ALA N   H2   sing N N 9   
ALA CA  C    sing N N 10  
ALA CA  CB   sing N N 11  
ALA CA  HA   sing N N 12  
ALA C   O    doub N N 13  
ALA C   OXT  sing N N 14  
ALA CB  HB1  sing N N 15  
ALA CB  HB2  sing N N 16  
ALA CB  HB3  sing N N 17  
ALA OXT HXT  sing N N 18  
ARG N   CA   sing N N 19  
ARG N   H    sing N N 20  
ARG N   H2   sing N N 21  
ARG CA  C    sing N N 22  
ARG CA  CB   sing N N 23  
ARG CA  HA   sing N N 24  
ARG C   O    doub N N 25  
ARG C   OXT  sing N N 26  
ARG CB  CG   sing N N 27  
ARG CB  HB2  sing N N 28  
ARG CB  HB3  sing N N 29  
ARG CG  CD   sing N N 30  
ARG CG  HG2  sing N N 31  
ARG CG  HG3  sing N N 32  
ARG CD  NE   sing N N 33  
ARG CD  HD2  sing N N 34  
ARG CD  HD3  sing N N 35  
ARG NE  CZ   sing N N 36  
ARG NE  HE   sing N N 37  
ARG CZ  NH1  sing N N 38  
ARG CZ  NH2  doub N N 39  
ARG NH1 HH11 sing N N 40  
ARG NH1 HH12 sing N N 41  
ARG NH2 HH21 sing N N 42  
ARG NH2 HH22 sing N N 43  
ARG OXT HXT  sing N N 44  
ASN N   CA   sing N N 45  
ASN N   H    sing N N 46  
ASN N   H2   sing N N 47  
ASN CA  C    sing N N 48  
ASN CA  CB   sing N N 49  
ASN CA  HA   sing N N 50  
ASN C   O    doub N N 51  
ASN C   OXT  sing N N 52  
ASN CB  CG   sing N N 53  
ASN CB  HB2  sing N N 54  
ASN CB  HB3  sing N N 55  
ASN CG  OD1  doub N N 56  
ASN CG  ND2  sing N N 57  
ASN ND2 HD21 sing N N 58  
ASN ND2 HD22 sing N N 59  
ASN OXT HXT  sing N N 60  
CYS N   CA   sing N N 61  
CYS N   H    sing N N 62  
CYS N   H2   sing N N 63  
CYS CA  C    sing N N 64  
CYS CA  CB   sing N N 65  
CYS CA  HA   sing N N 66  
CYS C   O    doub N N 67  
CYS C   OXT  sing N N 68  
CYS CB  SG   sing N N 69  
CYS CB  HB2  sing N N 70  
CYS CB  HB3  sing N N 71  
CYS SG  HG   sing N N 72  
CYS OXT HXT  sing N N 73  
GLN N   CA   sing N N 74  
GLN N   H    sing N N 75  
GLN N   H2   sing N N 76  
GLN CA  C    sing N N 77  
GLN CA  CB   sing N N 78  
GLN CA  HA   sing N N 79  
GLN C   O    doub N N 80  
GLN C   OXT  sing N N 81  
GLN CB  CG   sing N N 82  
GLN CB  HB2  sing N N 83  
GLN CB  HB3  sing N N 84  
GLN CG  CD   sing N N 85  
GLN CG  HG2  sing N N 86  
GLN CG  HG3  sing N N 87  
GLN CD  OE1  doub N N 88  
GLN CD  NE2  sing N N 89  
GLN NE2 HE21 sing N N 90  
GLN NE2 HE22 sing N N 91  
GLN OXT HXT  sing N N 92  
GLU N   CA   sing N N 93  
GLU N   H    sing N N 94  
GLU N   H2   sing N N 95  
GLU CA  C    sing N N 96  
GLU CA  CB   sing N N 97  
GLU CA  HA   sing N N 98  
GLU C   O    doub N N 99  
GLU C   OXT  sing N N 100 
GLU CB  CG   sing N N 101 
GLU CB  HB2  sing N N 102 
GLU CB  HB3  sing N N 103 
GLU CG  CD   sing N N 104 
GLU CG  HG2  sing N N 105 
GLU CG  HG3  sing N N 106 
GLU CD  OE1  doub N N 107 
GLU CD  OE2  sing N N 108 
GLU OE2 HE2  sing N N 109 
GLU OXT HXT  sing N N 110 
GLY N   CA   sing N N 111 
GLY N   H    sing N N 112 
GLY N   H2   sing N N 113 
GLY CA  C    sing N N 114 
GLY CA  HA2  sing N N 115 
GLY CA  HA3  sing N N 116 
GLY C   O    doub N N 117 
GLY C   OXT  sing N N 118 
GLY OXT HXT  sing N N 119 
HIS N   CA   sing N N 120 
HIS N   H    sing N N 121 
HIS N   H2   sing N N 122 
HIS CA  C    sing N N 123 
HIS CA  CB   sing N N 124 
HIS CA  HA   sing N N 125 
HIS C   O    doub N N 126 
HIS C   OXT  sing N N 127 
HIS CB  CG   sing N N 128 
HIS CB  HB2  sing N N 129 
HIS CB  HB3  sing N N 130 
HIS CG  ND1  sing Y N 131 
HIS CG  CD2  doub Y N 132 
HIS ND1 CE1  doub Y N 133 
HIS ND1 HD1  sing N N 134 
HIS CD2 NE2  sing Y N 135 
HIS CD2 HD2  sing N N 136 
HIS CE1 NE2  sing Y N 137 
HIS CE1 HE1  sing N N 138 
HIS NE2 HE2  sing N N 139 
HIS OXT HXT  sing N N 140 
HOH O   H1   sing N N 141 
HOH O   H2   sing N N 142 
ILE N   CA   sing N N 143 
ILE N   H    sing N N 144 
ILE N   H2   sing N N 145 
ILE CA  C    sing N N 146 
ILE CA  CB   sing N N 147 
ILE CA  HA   sing N N 148 
ILE C   O    doub N N 149 
ILE C   OXT  sing N N 150 
ILE CB  CG1  sing N N 151 
ILE CB  CG2  sing N N 152 
ILE CB  HB   sing N N 153 
ILE CG1 CD1  sing N N 154 
ILE CG1 HG12 sing N N 155 
ILE CG1 HG13 sing N N 156 
ILE CG2 HG21 sing N N 157 
ILE CG2 HG22 sing N N 158 
ILE CG2 HG23 sing N N 159 
ILE CD1 HD11 sing N N 160 
ILE CD1 HD12 sing N N 161 
ILE CD1 HD13 sing N N 162 
ILE OXT HXT  sing N N 163 
LEU N   CA   sing N N 164 
LEU N   H    sing N N 165 
LEU N   H2   sing N N 166 
LEU CA  C    sing N N 167 
LEU CA  CB   sing N N 168 
LEU CA  HA   sing N N 169 
LEU C   O    doub N N 170 
LEU C   OXT  sing N N 171 
LEU CB  CG   sing N N 172 
LEU CB  HB2  sing N N 173 
LEU CB  HB3  sing N N 174 
LEU CG  CD1  sing N N 175 
LEU CG  CD2  sing N N 176 
LEU CG  HG   sing N N 177 
LEU CD1 HD11 sing N N 178 
LEU CD1 HD12 sing N N 179 
LEU CD1 HD13 sing N N 180 
LEU CD2 HD21 sing N N 181 
LEU CD2 HD22 sing N N 182 
LEU CD2 HD23 sing N N 183 
LEU OXT HXT  sing N N 184 
LYS N   CA   sing N N 185 
LYS N   H    sing N N 186 
LYS N   H2   sing N N 187 
LYS CA  C    sing N N 188 
LYS CA  CB   sing N N 189 
LYS CA  HA   sing N N 190 
LYS C   O    doub N N 191 
LYS C   OXT  sing N N 192 
LYS CB  CG   sing N N 193 
LYS CB  HB2  sing N N 194 
LYS CB  HB3  sing N N 195 
LYS CG  CD   sing N N 196 
LYS CG  HG2  sing N N 197 
LYS CG  HG3  sing N N 198 
LYS CD  CE   sing N N 199 
LYS CD  HD2  sing N N 200 
LYS CD  HD3  sing N N 201 
LYS CE  NZ   sing N N 202 
LYS CE  HE2  sing N N 203 
LYS CE  HE3  sing N N 204 
LYS NZ  HZ1  sing N N 205 
LYS NZ  HZ2  sing N N 206 
LYS NZ  HZ3  sing N N 207 
LYS OXT HXT  sing N N 208 
NO3 N   O1   doub N N 209 
NO3 N   O2   sing N N 210 
NO3 N   O3   sing N N 211 
PHE N   CA   sing N N 212 
PHE N   H    sing N N 213 
PHE N   H2   sing N N 214 
PHE CA  C    sing N N 215 
PHE CA  CB   sing N N 216 
PHE CA  HA   sing N N 217 
PHE C   O    doub N N 218 
PHE C   OXT  sing N N 219 
PHE CB  CG   sing N N 220 
PHE CB  HB2  sing N N 221 
PHE CB  HB3  sing N N 222 
PHE CG  CD1  doub Y N 223 
PHE CG  CD2  sing Y N 224 
PHE CD1 CE1  sing Y N 225 
PHE CD1 HD1  sing N N 226 
PHE CD2 CE2  doub Y N 227 
PHE CD2 HD2  sing N N 228 
PHE CE1 CZ   doub Y N 229 
PHE CE1 HE1  sing N N 230 
PHE CE2 CZ   sing Y N 231 
PHE CE2 HE2  sing N N 232 
PHE CZ  HZ   sing N N 233 
PHE OXT HXT  sing N N 234 
PRO N   CA   sing N N 235 
PRO N   CD   sing N N 236 
PRO N   H    sing N N 237 
PRO CA  C    sing N N 238 
PRO CA  CB   sing N N 239 
PRO CA  HA   sing N N 240 
PRO C   O    doub N N 241 
PRO C   OXT  sing N N 242 
PRO CB  CG   sing N N 243 
PRO CB  HB2  sing N N 244 
PRO CB  HB3  sing N N 245 
PRO CG  CD   sing N N 246 
PRO CG  HG2  sing N N 247 
PRO CG  HG3  sing N N 248 
PRO CD  HD2  sing N N 249 
PRO CD  HD3  sing N N 250 
PRO OXT HXT  sing N N 251 
SER N   CA   sing N N 252 
SER N   H    sing N N 253 
SER N   H2   sing N N 254 
SER CA  C    sing N N 255 
SER CA  CB   sing N N 256 
SER CA  HA   sing N N 257 
SER C   O    doub N N 258 
SER C   OXT  sing N N 259 
SER CB  OG   sing N N 260 
SER CB  HB2  sing N N 261 
SER CB  HB3  sing N N 262 
SER OG  HG   sing N N 263 
SER OXT HXT  sing N N 264 
SO4 S   O1   doub N N 265 
SO4 S   O2   doub N N 266 
SO4 S   O3   sing N N 267 
SO4 S   O4   sing N N 268 
THR N   CA   sing N N 269 
THR N   H    sing N N 270 
THR N   H2   sing N N 271 
THR CA  C    sing N N 272 
THR CA  CB   sing N N 273 
THR CA  HA   sing N N 274 
THR C   O    doub N N 275 
THR C   OXT  sing N N 276 
THR CB  OG1  sing N N 277 
THR CB  CG2  sing N N 278 
THR CB  HB   sing N N 279 
THR OG1 HG1  sing N N 280 
THR CG2 HG21 sing N N 281 
THR CG2 HG22 sing N N 282 
THR CG2 HG23 sing N N 283 
THR OXT HXT  sing N N 284 
TRP N   CA   sing N N 285 
TRP N   H    sing N N 286 
TRP N   H2   sing N N 287 
TRP CA  C    sing N N 288 
TRP CA  CB   sing N N 289 
TRP CA  HA   sing N N 290 
TRP C   O    doub N N 291 
TRP C   OXT  sing N N 292 
TRP CB  CG   sing N N 293 
TRP CB  HB2  sing N N 294 
TRP CB  HB3  sing N N 295 
TRP CG  CD1  doub Y N 296 
TRP CG  CD2  sing Y N 297 
TRP CD1 NE1  sing Y N 298 
TRP CD1 HD1  sing N N 299 
TRP CD2 CE2  doub Y N 300 
TRP CD2 CE3  sing Y N 301 
TRP NE1 CE2  sing Y N 302 
TRP NE1 HE1  sing N N 303 
TRP CE2 CZ2  sing Y N 304 
TRP CE3 CZ3  doub Y N 305 
TRP CE3 HE3  sing N N 306 
TRP CZ2 CH2  doub Y N 307 
TRP CZ2 HZ2  sing N N 308 
TRP CZ3 CH2  sing Y N 309 
TRP CZ3 HZ3  sing N N 310 
TRP CH2 HH2  sing N N 311 
TRP OXT HXT  sing N N 312 
VAL N   CA   sing N N 313 
VAL N   H    sing N N 314 
VAL N   H2   sing N N 315 
VAL CA  C    sing N N 316 
VAL CA  CB   sing N N 317 
VAL CA  HA   sing N N 318 
VAL C   O    doub N N 319 
VAL C   OXT  sing N N 320 
VAL CB  CG1  sing N N 321 
VAL CB  CG2  sing N N 322 
VAL CB  HB   sing N N 323 
VAL CG1 HG11 sing N N 324 
VAL CG1 HG12 sing N N 325 
VAL CG1 HG13 sing N N 326 
VAL CG2 HG21 sing N N 327 
VAL CG2 HG22 sing N N 328 
VAL CG2 HG23 sing N N 329 
VAL OXT HXT  sing N N 330 
# 
_pdbx_audit_support.funding_organization   'Other government' 
_pdbx_audit_support.country                Pakistan 
_pdbx_audit_support.grant_number           IRSIP 
_pdbx_audit_support.ordinal                1 
# 
_pdbx_initial_refinement_model.id               1 
_pdbx_initial_refinement_model.entity_id_list   ? 
_pdbx_initial_refinement_model.type             'experimental model' 
_pdbx_initial_refinement_model.source_name      PDB 
_pdbx_initial_refinement_model.accession_code   6VJ0 
_pdbx_initial_refinement_model.details          ? 
# 
_atom_sites.entry_id                    9V6Z 
_atom_sites.Cartn_transf_matrix[1][1]   ? 
_atom_sites.Cartn_transf_matrix[1][2]   ? 
_atom_sites.Cartn_transf_matrix[1][3]   ? 
_atom_sites.Cartn_transf_matrix[2][1]   ? 
_atom_sites.Cartn_transf_matrix[2][2]   ? 
_atom_sites.Cartn_transf_matrix[2][3]   ? 
_atom_sites.Cartn_transf_matrix[3][1]   ? 
_atom_sites.Cartn_transf_matrix[3][2]   ? 
_atom_sites.Cartn_transf_matrix[3][3]   ? 
_atom_sites.Cartn_transf_vector[1]      ? 
_atom_sites.Cartn_transf_vector[2]      ? 
_atom_sites.Cartn_transf_vector[3]      ? 
_atom_sites.Cartn_transform_axes        ? 
_atom_sites.fract_transf_matrix[1][1]   0.01696649 
_atom_sites.fract_transf_matrix[1][2]   0.00275140 
_atom_sites.fract_transf_matrix[1][3]   -0.01394567 
_atom_sites.fract_transf_matrix[2][1]   -0.00822659 
_atom_sites.fract_transf_matrix[2][2]   0.00659940 
_atom_sites.fract_transf_matrix[2][3]   -0.00870655 
_atom_sites.fract_transf_matrix[3][1]   0.00718619 
_atom_sites.fract_transf_matrix[3][2]   0.02770327 
_atom_sites.fract_transf_matrix[3][3]   0.01420851 
_atom_sites.fract_transf_vector[1]      0.439406 
_atom_sites.fract_transf_vector[2]      0.167402 
_atom_sites.fract_transf_vector[3]      0.152671 
_atom_sites.solution_primary            ? 
_atom_sites.solution_secondary          ? 
_atom_sites.solution_hydrogens          ? 
_atom_sites.special_details             ? 
# 
loop_
_atom_type.symbol 
C  
CL 
LI 
N  
NA 
O  
S  
# 
loop_
_atom_site.group_PDB 
_atom_site.id 
_atom_site.type_symbol 
_atom_site.label_atom_id 
_atom_site.label_alt_id 
_atom_site.label_comp_id 
_atom_site.label_asym_id 
_atom_site.label_entity_id 
_atom_site.label_seq_id 
_atom_site.pdbx_PDB_ins_code 
_atom_site.Cartn_x 
_atom_site.Cartn_y 
_atom_site.Cartn_z 
_atom_site.occupancy 
_atom_site.B_iso_or_equiv 
_atom_site.pdbx_formal_charge 
_atom_site.auth_seq_id 
_atom_site.auth_comp_id 
_atom_site.auth_asym_id 
_atom_site.auth_atom_id 
_atom_site.pdbx_PDB_model_num 
ATOM   1   N  N   . ALA A 1 1  ? -2.860  -14.064 -22.930 1.00 42.92 ?  1   ALA A N   1 
ATOM   2   C  CA  . ALA A 1 1  ? -1.792  -14.655 -22.134 1.00 27.39 ?  1   ALA A CA  1 
ATOM   3   C  C   . ALA A 1 1  ? -0.913  -15.575 -22.984 1.00 36.53 ?  1   ALA A C   1 
ATOM   4   O  O   . ALA A 1 1  ? -1.413  -16.438 -23.708 1.00 42.42 ?  1   ALA A O   1 
ATOM   5   C  CB  . ALA A 1 1  ? -2.378  -15.412 -20.946 1.00 31.67 ?  1   ALA A CB  1 
ATOM   6   N  N   . GLY A 1 2  ? 0.401   -15.394 -22.884 1.00 31.73 ?  2   GLY A N   1 
ATOM   7   C  CA  . GLY A 1 2  ? 1.336   -16.162 -23.671 1.00 30.92 ?  2   GLY A CA  1 
ATOM   8   C  C   . GLY A 1 2  ? 2.700   -16.234 -23.022 1.00 27.58 ?  2   GLY A C   1 
ATOM   9   O  O   . GLY A 1 2  ? 3.009   -15.485 -22.087 1.00 25.82 ?  2   GLY A O   1 
ATOM   10  N  N   . PRO A 1 3  ? 3.554   -17.137 -23.515 1.00 30.92 ?  3   PRO A N   1 
ATOM   11  C  CA  . PRO A 1 3  ? 4.881   -17.298 -22.901 1.00 28.87 ?  3   PRO A CA  1 
ATOM   12  C  C   . PRO A 1 3  ? 5.728   -16.046 -22.958 1.00 22.93 ?  3   PRO A C   1 
ATOM   13  O  O   . PRO A 1 3  ? 6.649   -15.901 -22.145 1.00 28.01 ?  3   PRO A O   1 
ATOM   14  C  CB  . PRO A 1 3  ? 5.512   -18.450 -23.700 1.00 34.26 ?  3   PRO A CB  1 
ATOM   15  C  CG  . PRO A 1 3  ? 4.745   -18.509 -24.967 1.00 34.70 ?  3   PRO A CG  1 
ATOM   16  C  CD  . PRO A 1 3  ? 3.354   -18.043 -24.657 1.00 33.39 ?  3   PRO A CD  1 
ATOM   17  N  N   . PHE A 1 4  ? 5.419   -15.122 -23.869 1.00 24.85 ?  4   PHE A N   1 
ATOM   18  C  CA  . PHE A 1 4  ? 6.208   -13.912 -24.040 1.00 22.89 ?  4   PHE A CA  1 
ATOM   19  C  C   . PHE A 1 4  ? 5.414   -12.653 -23.742 1.00 22.88 ?  4   PHE A C   1 
ATOM   20  O  O   . PHE A 1 4  ? 5.817   -11.561 -24.151 1.00 21.79 ?  4   PHE A O   1 
ATOM   21  C  CB  . PHE A 1 4  ? 6.798   -13.875 -25.447 1.00 21.17 ?  4   PHE A CB  1 
ATOM   22  C  CG  . PHE A 1 4  ? 7.668   -15.047 -25.737 1.00 23.07 ?  4   PHE A CG  1 
ATOM   23  C  CD1 . PHE A 1 4  ? 8.946   -15.094 -25.232 1.00 21.74 ?  4   PHE A CD1 1 
ATOM   24  C  CD2 . PHE A 1 4  ? 7.188   -16.126 -26.463 1.00 26.29 ?  4   PHE A CD2 1 
ATOM   25  C  CE1 . PHE A 1 4  ? 9.769   -16.187 -25.471 1.00 29.23 ?  4   PHE A CE1 1 
ATOM   26  C  CE2 . PHE A 1 4  ? 8.001   -17.226 -26.709 1.00 30.02 ?  4   PHE A CE2 1 
ATOM   27  C  CZ  . PHE A 1 4  ? 9.292   -17.249 -26.211 1.00 27.15 ?  4   PHE A CZ  1 
ATOM   28  N  N   . GLY A 1 5  ? 4.295   -12.784 -23.023 1.00 22.69 ?  5   GLY A N   1 
ATOM   29  C  CA  . GLY A 1 5  ? 3.548   -11.636 -22.600 1.00 19.92 ?  5   GLY A CA  1 
ATOM   30  C  C   . GLY A 1 5  ? 4.271   -10.882 -21.502 1.00 20.20 ?  5   GLY A C   1 
ATOM   31  O  O   . GLY A 1 5  ? 5.366   -11.262 -21.073 1.00 21.11 ?  5   GLY A O   1 
ATOM   32  N  N   . PRO A 1 6  ? 3.653   -9.801  -21.027 1.00 18.92 ?  6   PRO A N   1 
ATOM   33  C  CA  . PRO A 1 6  ? 4.330   -8.985  -20.002 1.00 17.95 ?  6   PRO A CA  1 
ATOM   34  C  C   . PRO A 1 6  ? 4.643   -9.759  -18.734 1.00 18.96 ?  6   PRO A C   1 
ATOM   35  O  O   . PRO A 1 6  ? 5.698   -9.535  -18.119 1.00 21.83 ?  6   PRO A O   1 
ATOM   36  C  CB  . PRO A 1 6  ? 3.365   -7.813  -19.771 1.00 21.46 ?  6   PRO A CB  1 
ATOM   37  C  CG  . PRO A 1 6  ? 2.079   -8.204  -20.430 1.00 21.50 ?  6   PRO A CG  1 
ATOM   38  C  CD  . PRO A 1 6  ? 2.397   -9.196  -21.500 1.00 20.79 ?  6   PRO A CD  1 
ATOM   39  N  N   . ARG A 1 7  ? 3.753   -10.665 -18.333 1.00 20.88 ?  7   ARG A N   1 
ATOM   40  C  CA  . ARG A 1 7  ? 3.994   -11.593 -17.230 1.00 17.98 ?  7   ARG A CA  1 
ATOM   41  C  C   . ARG A 1 7  ? 4.472   -10.902 -15.952 1.00 19.56 ?  7   ARG A C   1 
ATOM   42  O  O   . ARG A 1 7  ? 5.588   -11.165 -15.479 1.00 21.41 ?  7   ARG A O   1 
ATOM   43  C  CB  . ARG A 1 7  ? 4.935   -12.712 -17.645 1.00 21.89 ?  7   ARG A CB  1 
ATOM   44  C  CG  . ARG A 1 7  ? 4.296   -13.671 -18.638 1.00 21.77 ?  7   ARG A CG  1 
ATOM   45  C  CD  . ARG A 1 7  ? 5.325   -14.511 -19.363 1.00 25.16 ?  7   ARG A CD  1 
ATOM   46  N  NE  . ARG A 1 7  ? 5.975   -15.485 -18.495 1.00 41.89 ?  7   ARG A NE  1 
ATOM   47  C  CZ  . ARG A 1 7  ? 5.622   -16.760 -18.403 1.00 48.32 ?  7   ARG A CZ  1 
ATOM   48  N  NH1 . ARG A 1 7  ? 4.601   -17.248 -19.095 1.00 39.15 ?  7   ARG A NH1 1 
ATOM   49  N  NH2 . ARG A 1 7  ? 6.312   -17.567 -17.602 1.00 40.89 ?  7   ARG A NH2 1 
ATOM   50  N  N   . PRO A 1 8  ? 3.657   -10.031 -15.366 1.00 19.63 ?  8   PRO A N   1 
ATOM   51  C  CA  . PRO A 1 8  ? 4.068   -9.340  -14.139 1.00 19.74 ?  8   PRO A CA  1 
ATOM   52  C  C   . PRO A 1 8  ? 4.347   -10.333 -13.025 1.00 18.85 ?  8   PRO A C   1 
ATOM   53  O  O   . PRO A 1 8  ? 3.614   -11.307 -12.839 1.00 21.63 ?  8   PRO A O   1 
ATOM   54  C  CB  . PRO A 1 8  ? 2.850   -8.474  -13.796 1.00 24.14 ?  8   PRO A CB  1 
ATOM   55  C  CG  . PRO A 1 8  ? 2.049   -8.387  -15.053 1.00 24.46 ?  8   PRO A CG  1 
ATOM   56  C  CD  . PRO A 1 8  ? 2.291   -9.675  -15.777 1.00 20.06 ?  8   PRO A CD  1 
ATOM   57  N  N   . SER A 1 9  ? 5.403   -10.065 -12.268 1.00 20.21 ?  9   SER A N   1 
ATOM   58  C  CA  . SER A 1 9  ? 5.761   -10.853 -11.091 1.00 21.91 ?  9   SER A CA  1 
ATOM   59  C  C   . SER A 1 9  ? 5.625   -9.916  -9.899  1.00 21.82 ?  9   SER A C   1 
ATOM   60  O  O   . SER A 1 9  ? 6.531   -9.121  -9.633  1.00 22.45 ?  9   SER A O   1 
ATOM   61  C  CB  . SER A 1 9  ? 7.184   -11.392 -11.222 1.00 24.77 ?  9   SER A CB  1 
ATOM   62  O  OG  . SER A 1 9  ? 7.282   -12.281 -12.326 1.00 34.53 ?  9   SER A OG  1 
ATOM   63  N  N   . CYS A 1 10 ? 4.489   -9.991  -9.200  1.00 21.85 ?  10  CYS A N   1 
ATOM   64  C  CA  . CYS A 1 10 ? 4.230   -9.026  -8.134  1.00 21.34 ?  10  CYS A CA  1 
ATOM   65  C  C   . CYS A 1 10 ? 5.279   -9.013  -7.020  1.00 23.05 ?  10  CYS A C   1 
ATOM   66  O  O   . CYS A 1 10 ? 5.661   -7.908  -6.593  1.00 21.87 ?  10  CYS A O   1 
ATOM   67  C  CB  . CYS A 1 10 ? 2.789   -9.154  -7.617  1.00 25.56 ?  10  CYS A CB  1 
ATOM   68  S  SG  . CYS A 1 10 ? 1.468   -8.979  -8.880  1.00 25.48 ?  10  CYS A SG  1 
ATOM   69  N  N   . PRO A 1 11 ? 5.790   -10.150 -6.518  1.00 22.78 ?  11  PRO A N   1 
ATOM   70  C  CA  . PRO A 1 11 ? 6.821   -10.060 -5.466  1.00 26.05 ?  11  PRO A CA  1 
ATOM   71  C  C   . PRO A 1 11 ? 8.092   -9.377  -5.927  1.00 25.99 ?  11  PRO A C   1 
ATOM   72  O  O   . PRO A 1 11 ? 8.725   -8.653  -5.148  1.00 26.36 ?  11  PRO A O   1 
ATOM   73  C  CB  . PRO A 1 11 ? 7.065   -11.525 -5.075  1.00 24.67 ?  11  PRO A CB  1 
ATOM   74  C  CG  . PRO A 1 11 ? 5.812   -12.234 -5.478  1.00 28.43 ?  11  PRO A CG  1 
ATOM   75  C  CD  . PRO A 1 11 ? 5.376   -11.546 -6.743  1.00 24.90 ?  11  PRO A CD  1 
ATOM   76  N  N   . SER A 1 12 ? 8.496   -9.597  -7.181  1.00 22.94 ?  12  SER A N   1 
ATOM   77  C  CA  . SER A 1 12 ? 9.680   -8.925  -7.698  1.00 23.72 ?  12  SER A CA  1 
ATOM   78  C  C   . SER A 1 12 ? 9.433   -7.429  -7.827  1.00 23.12 ?  12  SER A C   1 
ATOM   79  O  O   . SER A 1 12 ? 10.309  -6.619  -7.508  1.00 25.36 ?  12  SER A O   1 
ATOM   80  C  CB  . SER A 1 12 ? 10.074  -9.536  -9.046  1.00 30.84 ?  12  SER A CB  1 
ATOM   81  O  OG  . SER A 1 12 ? 11.424  -9.256  -9.362  1.00 50.48 ?  12  SER A OG  1 
ATOM   82  N  N   . GLU A 1 13 ? 8.239   -7.040  -8.281  1.00 20.22 ?  13  GLU A N   1 
ATOM   83  C  CA  . GLU A 1 13 ? 7.924   -5.620  -8.369  1.00 21.29 ?  13  GLU A CA  1 
ATOM   84  C  C   . GLU A 1 13 ? 7.928   -4.974  -6.994  1.00 20.64 ?  13  GLU A C   1 
ATOM   85  O  O   . GLU A 1 13 ? 8.404   -3.845  -6.838  1.00 20.09 ?  13  GLU A O   1 
ATOM   86  C  CB  . GLU A 1 13 ? 6.573   -5.421  -9.055  1.00 23.66 ?  13  GLU A CB  1 
ATOM   87  C  CG  . GLU A 1 13 ? 6.594   -5.847  -10.508 1.00 25.49 ?  13  GLU A CG  1 
ATOM   88  C  CD  . GLU A 1 13 ? 5.275   -5.631  -11.217 1.00 26.74 ?  13  GLU A CD  1 
ATOM   89  O  OE1 . GLU A 1 13 ? 4.384   -4.951  -10.673 1.00 23.99 ?  13  GLU A OE1 1 
ATOM   90  O  OE2 . GLU A 1 13 ? 5.136   -6.154  -12.344 1.00 28.32 ?  13  GLU A OE2 1 
ATOM   91  N  N   . PHE A 1 14 ? 7.429   -5.693  -5.982  1.00 19.46 ?  14  PHE A N   1 
ATOM   92  C  CA  . PHE A 1 14 ? 7.410   -5.175  -4.617  1.00 19.16 ?  14  PHE A CA  1 
ATOM   93  C  C   . PHE A 1 14 ? 8.819   -4.869  -4.122  1.00 20.47 ?  14  PHE A C   1 
ATOM   94  O  O   . PHE A 1 14 ? 9.080   -3.781  -3.598  1.00 18.29 ?  14  PHE A O   1 
ATOM   95  C  CB  . PHE A 1 14 ? 6.734   -6.202  -3.714  1.00 18.79 ?  14  PHE A CB  1 
ATOM   96  C  CG  . PHE A 1 14 ? 6.551   -5.748  -2.293  1.00 18.46 ?  14  PHE A CG  1 
ATOM   97  C  CD1 . PHE A 1 14 ? 5.771   -4.643  -1.996  1.00 19.65 ?  14  PHE A CD1 1 
ATOM   98  C  CD2 . PHE A 1 14 ? 7.139   -6.452  -1.254  1.00 21.45 ?  14  PHE A CD2 1 
ATOM   99  C  CE1 . PHE A 1 14 ? 5.581   -4.235  -0.672  1.00 19.39 ?  14  PHE A CE1 1 
ATOM   100 C  CE2 . PHE A 1 14 ? 6.959   -6.049  0.074   1.00 20.33 ?  14  PHE A CE2 1 
ATOM   101 C  CZ  . PHE A 1 14 ? 6.172   -4.938  0.356   1.00 20.96 ?  14  PHE A CZ  1 
ATOM   102 N  N   . VAL A 1 15 ? 9.747   -5.816  -4.287  1.00 21.94 ?  15  VAL A N   1 
ATOM   103 C  CA  . VAL A 1 15 ? 11.112  -5.571  -3.826  1.00 22.79 ?  15  VAL A CA  1 
ATOM   104 C  C   . VAL A 1 15 ? 11.777  -4.481  -4.661  1.00 20.64 ?  15  VAL A C   1 
ATOM   105 O  O   . VAL A 1 15 ? 12.494  -3.627  -4.129  1.00 25.40 ?  15  VAL A O   1 
ATOM   106 C  CB  . VAL A 1 15 ? 11.934  -6.873  -3.740  1.00 30.50 ?  15  VAL A CB  1 
ATOM   107 C  CG1 . VAL A 1 15 ? 11.339  -7.791  -2.704  1.00 33.48 ?  15  VAL A CG1 1 
ATOM   108 C  CG2 . VAL A 1 15 ? 11.985  -7.564  -5.068  1.00 30.52 ?  15  VAL A CG2 1 
ATOM   109 N  N   . SER A 1 16 ? 11.488  -4.437  -5.963  1.00 21.06 ?  16  SER A N   1 
ATOM   110 C  CA  . SER A 1 16 ? 12.029  -3.387  -6.818  1.00 24.55 ?  16  SER A CA  1 
ATOM   111 C  C   . SER A 1 16 ? 11.520  -2.007  -6.421  1.00 25.31 ?  16  SER A C   1 
ATOM   112 O  O   . SER A 1 16 ? 12.236  -1.013  -6.584  1.00 26.73 ?  16  SER A O   1 
ATOM   113 C  CB  . SER A 1 16 ? 11.709  -3.685  -8.284  1.00 30.23 ?  16  SER A CB  1 
ATOM   114 O  OG  . SER A 1 16 ? 12.394  -4.846  -8.734  1.00 37.51 ?  16  SER A OG  1 
ATOM   115 N  N   . ALA A 1 17 ? 10.303  -1.927  -5.871  1.00 20.45 ?  17  ALA A N   1 
ATOM   116 C  CA  . ALA A 1 17 ? 9.717   -0.683  -5.384  1.00 20.34 ?  17  ALA A CA  1 
ATOM   117 C  C   . ALA A 1 17 ? 10.063  -0.411  -3.922  1.00 19.27 ?  17  ALA A C   1 
ATOM   118 O  O   . ALA A 1 17 ? 9.306   0.274   -3.221  1.00 18.78 ?  17  ALA A O   1 
ATOM   119 C  CB  . ALA A 1 17 ? 8.200   -0.697  -5.585  1.00 23.77 ?  17  ALA A CB  1 
ATOM   120 N  N   . HIS A 1 18 ? 11.195  -0.930  -3.453  1.00 17.80 ?  18  HIS A N   1 
ATOM   121 C  CA  . HIS A 1 18 ? 11.671  -0.704  -2.086  1.00 18.82 ?  18  HIS A CA  1 
ATOM   122 C  C   . HIS A 1 18 ? 10.667  -1.179  -1.043  1.00 16.90 ?  18  HIS A C   1 
ATOM   123 O  O   . HIS A 1 18 ? 10.570  -0.603  0.046   1.00 16.78 ?  18  HIS A O   1 
ATOM   124 C  CB  . HIS A 1 18 ? 12.073  0.754   -1.836  1.00 20.08 ?  18  HIS A CB  1 
ATOM   125 C  CG  . HIS A 1 18 ? 13.242  1.211   -2.652  1.00 25.17 ?  18  HIS A CG  1 
ATOM   126 N  ND1 . HIS A 1 18 ? 13.311  1.053   -4.020  1.00 38.46 ?  18  HIS A ND1 1 
ATOM   127 C  CD2 . HIS A 1 18 ? 14.380  1.851   -2.291  1.00 31.79 ?  18  HIS A CD2 1 
ATOM   128 C  CE1 . HIS A 1 18 ? 14.450  1.556   -4.463  1.00 32.88 ?  18  HIS A CE1 1 
ATOM   129 N  NE2 . HIS A 1 18 ? 15.115  2.050   -3.435  1.00 33.77 ?  18  HIS A NE2 1 
ATOM   130 N  N   . ARG A 1 19 ? 9.920   -2.234  -1.372  1.00 17.09 ?  19  ARG A N   1 
ATOM   131 C  CA  . ARG A 1 19 ? 8.878   -2.772  -0.502  1.00 16.49 ?  19  ARG A CA  1 
ATOM   132 C  C   . ARG A 1 19 ? 7.876   -1.699  -0.099  1.00 16.05 ?  19  ARG A C   1 
ATOM   133 O  O   . ARG A 1 19 ? 7.268   -1.768  0.977   1.00 16.38 ?  19  ARG A O   1 
ATOM   134 C  CB  . ARG A 1 19 ? 9.453   -3.528  0.699   1.00 19.12 ?  19  ARG A CB  1 
ATOM   135 C  CG  . ARG A 1 19 ? 10.277  -4.716  0.221   1.00 20.69 ?  19  ARG A CG  1 
ATOM   136 C  CD  . ARG A 1 19 ? 10.762  -5.580  1.337   1.00 26.93 ?  19  ARG A CD  1 
ATOM   137 N  NE  . ARG A 1 19 ? 11.607  -6.642  0.804   1.00 25.74 ?  19  ARG A NE  1 
ATOM   138 C  CZ  . ARG A 1 19 ? 11.668  -7.863  1.314   1.00 24.87 ?  19  ARG A CZ  1 
ATOM   139 N  NH1 . ARG A 1 19 ? 10.918  -8.214  2.343   1.00 28.83 ?  19  ARG A NH1 1 
ATOM   140 N  NH2 . ARG A 1 19 ? 12.502  -8.751  0.773   1.00 27.31 ?  19  ARG A NH2 1 
ATOM   141 N  N   . LEU A 1 20 ? 7.669   -0.725  -0.988  1.00 15.91 ?  20  LEU A N   1 
ATOM   142 C  CA  . LEU A 1 20 ? 6.753   0.382   -0.719  1.00 16.12 ?  20  LEU A CA  1 
ATOM   143 C  C   . LEU A 1 20 ? 7.065   1.037   0.621   1.00 16.02 ?  20  LEU A C   1 
ATOM   144 O  O   . LEU A 1 20 ? 6.171   1.347   1.406   1.00 16.25 ?  20  LEU A O   1 
ATOM   145 C  CB  . LEU A 1 20 ? 5.283   -0.069  -0.794  1.00 17.29 ?  20  LEU A CB  1 
ATOM   146 C  CG  . LEU A 1 20 ? 4.883   -0.764  -2.105  1.00 15.07 ?  20  LEU A CG  1 
ATOM   147 C  CD1 . LEU A 1 20 ? 3.427   -1.205  -2.052  1.00 18.43 ?  20  LEU A CD1 1 
ATOM   148 C  CD2 . LEU A 1 20 ? 5.136   0.134   -3.321  1.00 17.61 ?  20  LEU A CD2 1 
ATOM   149 N  N   . SER A 1 21 ? 8.359   1.194   0.919   1.00 16.13 ?  21  SER A N   1 
ATOM   150 C  CA  . SER A 1 21 ? 8.760   1.656   2.247   1.00 16.15 ?  21  SER A CA  1 
ATOM   151 C  C   . SER A 1 21 ? 8.139   3.004   2.614   1.00 15.01 ?  21  SER A C   1 
ATOM   152 O  O   . SER A 1 21 ? 7.810   3.227   3.785   1.00 16.35 ?  21  SER A O   1 
ATOM   153 C  CB  . SER A 1 21 ? 10.277  1.713   2.350   1.00 21.39 ?  21  SER A CB  1 
ATOM   154 O  OG  . SER A 1 21 ? 10.763  2.642   1.425   1.00 24.22 ?  21  SER A OG  1 
ATOM   155 N  N   . ALA A 1 22 ? 7.952   3.909   1.642   1.00 15.21 ?  22  ALA A N   1 
ATOM   156 C  CA  . ALA A 1 22 ? 7.307   5.186   1.952   1.00 16.29 ?  22  ALA A CA  1 
ATOM   157 C  C   . ALA A 1 22 ? 5.828   4.987   2.264   1.00 16.15 ?  22  ALA A C   1 
ATOM   158 O  O   . ALA A 1 22 ? 5.267   5.664   3.138   1.00 16.13 ?  22  ALA A O   1 
ATOM   159 C  CB  . ALA A 1 22 ? 7.507   6.192   0.814   1.00 18.58 ?  22  ALA A CB  1 
ATOM   160 N  N   . CYS A 1 23 ? 5.177   4.056   1.566   1.00 15.81 ?  23  CYS A N   1 
ATOM   161 C  CA  . CYS A 1 23 ? 3.793   3.738   1.894   1.00 15.51 ?  23  CYS A CA  1 
ATOM   162 C  C   . CYS A 1 23 ? 3.699   3.110   3.271   1.00 15.36 ?  23  CYS A C   1 
ATOM   163 O  O   . CYS A 1 23 ? 2.754   3.393   4.007   1.00 14.14 ?  23  CYS A O   1 
ATOM   164 C  CB  . CYS A 1 23 ? 3.212   2.779   0.863   1.00 16.33 ?  23  CYS A CB  1 
ATOM   165 S  SG  . CYS A 1 23 ? 3.263   3.405   -0.814  1.00 16.56 ?  23  CYS A SG  1 
ATOM   166 N  N   . GLU A 1 24 ? 4.670   2.261   3.639   1.00 15.68 ?  24  GLU A N   1 
ATOM   167 C  CA  . GLU A 1 24 ? 4.656   1.673   4.972   1.00 14.71 ?  24  GLU A CA  1 
ATOM   168 C  C   . GLU A 1 24 ? 4.739   2.760   6.041   1.00 14.59 ?  24  GLU A C   1 
ATOM   169 O  O   . GLU A 1 24 ? 3.998   2.726   7.032   1.00 15.84 ?  24  GLU A O   1 
ATOM   170 C  CB  . GLU A 1 24 ? 5.789   0.650   5.126   1.00 13.58 ?  24  GLU A CB  1 
ATOM   171 C  CG  . GLU A 1 24 ? 5.599   -0.605  4.286   1.00 16.08 ?  24  GLU A CG  1 
ATOM   172 C  CD  . GLU A 1 24 ? 6.545   -1.721  4.671   1.00 16.79 ?  24  GLU A CD  1 
ATOM   173 O  OE1 . GLU A 1 24 ? 6.741   -1.941  5.884   1.00 17.22 ?  24  GLU A OE1 1 
ATOM   174 O  OE2 . GLU A 1 24 ? 7.080   -2.394  3.759   1.00 20.41 ?  24  GLU A OE2 1 
ATOM   175 N  N   . SER A 1 25 ? 5.625   3.747   5.851   1.00 14.98 ?  25  SER A N   1 
ATOM   176 C  CA  . SER A 1 25 ? 5.712   4.830   6.830   1.00 16.79 ?  25  SER A CA  1 
ATOM   177 C  C   . SER A 1 25 ? 4.421   5.645   6.877   1.00 16.99 ?  25  SER A C   1 
ATOM   178 O  O   . SER A 1 25 ? 3.952   6.024   7.962   1.00 17.02 ?  25  SER A O   1 
ATOM   179 C  CB  . SER A 1 25 ? 6.915   5.717   6.513   1.00 19.60 ?  25  SER A CB  1 
ATOM   180 O  OG  . SER A 1 25 ? 8.141   5.005   6.685   1.00 32.88 ?  25  SER A OG  1 
ATOM   181 N  N   . TRP A 1 26 ? 3.815   5.892   5.720   1.00 16.42 ?  26  TRP A N   1 
ATOM   182 C  CA  . TRP A 1 26 ? 2.555   6.632   5.664   1.00 17.51 ?  26  TRP A CA  1 
ATOM   183 C  C   . TRP A 1 26 ? 1.425   5.875   6.360   1.00 16.88 ?  26  TRP A C   1 
ATOM   184 O  O   . TRP A 1 26 ? 0.656   6.459   7.141   1.00 17.21 ?  26  TRP A O   1 
ATOM   185 C  CB  . TRP A 1 26 ? 2.192   6.922   4.204   1.00 16.20 ?  26  TRP A CB  1 
ATOM   186 C  CG  . TRP A 1 26 ? 0.902   7.679   4.069   1.00 15.28 ?  26  TRP A CG  1 
ATOM   187 C  CD1 . TRP A 1 26 ? -0.323  7.172   3.736   1.00 17.25 ?  26  TRP A CD1 1 
ATOM   188 C  CD2 . TRP A 1 26 ? 0.712   9.086   4.283   1.00 16.45 ?  26  TRP A CD2 1 
ATOM   189 N  NE1 . TRP A 1 26 ? -1.265  8.181   3.735   1.00 17.49 ?  26  TRP A NE1 1 
ATOM   190 C  CE2 . TRP A 1 26 ? -0.651  9.360   4.071   1.00 17.30 ?  26  TRP A CE2 1 
ATOM   191 C  CE3 . TRP A 1 26 ? 1.565   10.137  4.646   1.00 18.58 ?  26  TRP A CE3 1 
ATOM   192 C  CZ2 . TRP A 1 26 ? -1.184  10.643  4.199   1.00 19.40 ?  26  TRP A CZ2 1 
ATOM   193 C  CZ3 . TRP A 1 26 ? 1.037   11.409  4.774   1.00 20.51 ?  26  TRP A CZ3 1 
ATOM   194 C  CH2 . TRP A 1 26 ? -0.325  11.652  4.544   1.00 19.40 ?  26  TRP A CH2 1 
ATOM   195 N  N   . ILE A 1 27 ? 1.307   4.576   6.074   1.00 16.47 ?  27  ILE A N   1 
ATOM   196 C  CA  . ILE A 1 27 ? 0.297   3.720   6.696   1.00 16.02 ?  27  ILE A CA  1 
ATOM   197 C  C   . ILE A 1 27 ? 0.462   3.730   8.208   1.00 17.36 ?  27  ILE A C   1 
ATOM   198 O  O   . ILE A 1 27 ? -0.520  3.829   8.962   1.00 17.97 ?  27  ILE A O   1 
ATOM   199 C  CB  . ILE A 1 27 ? 0.436   2.298   6.115   1.00 19.72 ?  27  ILE A CB  1 
ATOM   200 C  CG1 . ILE A 1 27 ? -0.113  2.254   4.685   1.00 18.82 ?  27  ILE A CG1 1 
ATOM   201 C  CG2 . ILE A 1 27 ? -0.205  1.248   7.024   1.00 22.62 ?  27  ILE A CG2 1 
ATOM   202 C  CD1 . ILE A 1 27 ? 0.394   1.044   3.929   1.00 20.87 ?  27  ILE A CD1 1 
ATOM   203 N  N   . HIS A 1 28 ? 1.705   3.630   8.679   1.00 16.11 ?  28  HIS A N   1 
ATOM   204 C  CA  . HIS A 1 28 ? 1.969   3.657   10.116  1.00 17.69 ?  28  HIS A CA  1 
ATOM   205 C  C   . HIS A 1 28 ? 1.523   4.980   10.726  1.00 18.19 ?  28  HIS A C   1 
ATOM   206 O  O   . HIS A 1 28 ? 0.859   5.002   11.769  1.00 18.78 ?  28  HIS A O   1 
ATOM   207 C  CB  . HIS A 1 28 ? 3.462   3.398   10.350  1.00 19.15 ?  28  HIS A CB  1 
ATOM   208 C  CG  . HIS A 1 28 ? 3.891   3.467   11.786  1.00 20.94 ?  28  HIS A CG  1 
ATOM   209 N  ND1 . HIS A 1 28 ? 3.151   2.944   12.822  1.00 28.59 ?  28  HIS A ND1 1 
ATOM   210 C  CD2 . HIS A 1 28 ? 5.026   3.952   12.342  1.00 33.87 ?  28  HIS A CD2 1 
ATOM   211 C  CE1 . HIS A 1 28 ? 3.794   3.137   13.961  1.00 27.50 ?  28  HIS A CE1 1 
ATOM   212 N  NE2 . HIS A 1 28 ? 4.933   3.748   13.698  1.00 36.17 ?  28  HIS A NE2 1 
ATOM   213 N  N   . SER A 1 29 ? 1.872   6.093   10.078  1.00 16.81 ?  29  SER A N   1 
ATOM   214 C  CA  . SER A 1 29 ? 1.503   7.420   10.567  1.00 20.71 ?  29  SER A CA  1 
ATOM   215 C  C   . SER A 1 29 ? -0.010  7.579   10.653  1.00 19.33 ?  29  SER A C   1 
ATOM   216 O  O   . SER A 1 29 ? -0.532  8.131   11.631  1.00 22.36 ?  29  SER A O   1 
ATOM   217 C  CB  . SER A 1 29 ? 2.101   8.474   9.634   1.00 24.37 ?  29  SER A CB  1 
ATOM   218 O  OG  . SER A 1 29 ? 1.767   9.788   10.039  1.00 42.75 ?  29  SER A OG  1 
ATOM   219 N  N   . GLU A 1 30 ? -0.736  7.089   9.651   1.00 17.75 ?  30  GLU A N   1 
ATOM   220 C  CA  . GLU A 1 30 ? -2.191  7.187   9.698   1.00 17.34 ?  30  GLU A CA  1 
ATOM   221 C  C   . GLU A 1 30 ? -2.772  6.273   10.767  1.00 18.72 ?  30  GLU A C   1 
ATOM   222 O  O   . GLU A 1 30 ? -3.747  6.639   11.434  1.00 20.45 ?  30  GLU A O   1 
ATOM   223 C  CB  . GLU A 1 30 ? -2.783  6.845   8.334   1.00 19.17 ?  30  GLU A CB  1 
ATOM   224 C  CG  . GLU A 1 30 ? -2.570  7.929   7.285   1.00 20.71 ?  30  GLU A CG  1 
ATOM   225 C  CD  . GLU A 1 30 ? -3.216  9.253   7.657   1.00 25.46 ?  30  GLU A CD  1 
ATOM   226 O  OE1 . GLU A 1 30 ? -4.265  9.249   8.341   1.00 27.53 ?  30  GLU A OE1 1 
ATOM   227 O  OE2 . GLU A 1 30 ? -2.672  10.308  7.276   1.00 29.53 ?  30  GLU A OE2 1 
ATOM   228 N  N   . ALA A 1 31 ? -2.202  5.077   10.936  1.00 18.45 ?  31  ALA A N   1 
ATOM   229 C  CA  . ALA A 1 31 ? -2.752  4.107   11.873  1.00 18.96 ?  31  ALA A CA  1 
ATOM   230 C  C   . ALA A 1 31 ? -2.747  4.654   13.286  1.00 19.97 ?  31  ALA A C   1 
ATOM   231 O  O   . ALA A 1 31 ? -3.735  4.507   14.019  1.00 22.44 ?  31  ALA A O   1 
ATOM   232 C  CB  . ALA A 1 31 ? -1.960  2.800   11.815  1.00 21.70 ?  31  ALA A CB  1 
ATOM   233 N  N   . THR A 1 32 ? -1.653  5.294   13.692  1.00 19.95 ?  32  THR A N   1 
ATOM   234 C  CA  . THR A 1 32 ? -1.569  5.757   15.072  1.00 26.98 ?  32  THR A CA  1 
ATOM   235 C  C   . THR A 1 32 ? -2.381  7.021   15.330  1.00 30.60 ?  32  THR A C   1 
ATOM   236 O  O   . THR A 1 32 ? -2.427  7.482   16.477  1.00 31.30 ?  32  THR A O   1 
ATOM   237 C  CB  . THR A 1 32 ? -0.110  5.919   15.504  1.00 26.33 ?  32  THR A CB  1 
ATOM   238 O  OG1 . THR A 1 32 ? 0.528   6.911   14.694  1.00 36.56 ?  32  THR A OG1 1 
ATOM   239 C  CG2 . THR A 1 32 ? 0.630   4.602   15.354  1.00 28.18 ?  32  THR A CG2 1 
ATOM   240 N  N   . ASN A 1 33 ? -3.022  7.579   14.300  1.00 28.75 ?  33  ASN A N   1 
ATOM   241 C  CA  . ASN A 1 33 ? -4.003  8.652   14.427  1.00 31.13 ?  33  ASN A CA  1 
ATOM   242 C  C   . ASN A 1 33 ? -5.397  8.147   14.782  1.00 33.85 ?  33  ASN A C   1 
ATOM   243 O  O   . ASN A 1 33 ? -6.298  8.972   14.972  1.00 33.77 ?  33  ASN A O   1 
ATOM   244 C  CB  . ASN A 1 33 ? -4.121  9.427   13.110  1.00 33.88 ?  33  ASN A CB  1 
ATOM   245 C  CG  . ASN A 1 33 ? -2.940  10.334  12.851  1.00 43.82 ?  33  ASN A CG  1 
ATOM   246 O  OD1 . ASN A 1 33 ? -2.091  10.531  13.718  1.00 48.51 ?  33  ASN A OD1 1 
ATOM   247 N  ND2 . ASN A 1 33 ? -2.895  10.919  11.655  1.00 50.96 ?  33  ASN A ND2 1 
ATOM   248 N  N   . ALA A 1 34 ? -5.605  6.833   14.855  1.00 26.83 ?  34  ALA A N   1 
ATOM   249 C  CA  . ALA A 1 34 ? -6.949  6.295   15.038  1.00 28.35 ?  34  ALA A CA  1 
ATOM   250 C  C   . ALA A 1 34 ? -7.541  6.769   16.359  1.00 35.62 ?  34  ALA A C   1 
ATOM   251 O  O   . ALA A 1 34 ? -6.890  6.710   17.404  1.00 35.91 ?  34  ALA A O   1 
ATOM   252 C  CB  . ALA A 1 34 ? -6.911  4.768   15.002  1.00 29.09 ?  34  ALA A CB  1 
ATOM   253 N  N   . GLY A 1 35 ? -8.782  7.243   16.304  1.00 29.85 ?  35  GLY A N   1 
ATOM   254 C  CA  . GLY A 1 35 ? -9.436  7.811   17.471  1.00 34.01 ?  35  GLY A CA  1 
ATOM   255 C  C   . GLY A 1 35 ? -8.721  9.056   17.965  1.00 42.21 ?  35  GLY A C   1 
ATOM   256 O  O   . GLY A 1 35 ? -9.259  9.821   18.765  1.00 52.99 ?  35  GLY A O   1 
ATOM   257 N  N   . PRO B 2 1  ? -1.525  23.952  2.221   1.00 46.25 ?  53  PRO B N   1 
ATOM   258 C  CA  . PRO B 2 1  ? -0.961  23.743  0.883   1.00 38.56 ?  53  PRO B CA  1 
ATOM   259 C  C   . PRO B 2 1  ? -1.787  22.774  0.042   1.00 40.86 ?  53  PRO B C   1 
ATOM   260 O  O   . PRO B 2 1  ? -2.365  21.826  0.568   1.00 33.36 ?  53  PRO B O   1 
ATOM   261 C  CB  . PRO B 2 1  ? 0.426   23.143  1.177   1.00 38.28 ?  53  PRO B CB  1 
ATOM   262 C  CG  . PRO B 2 1  ? 0.380   22.690  2.605   1.00 41.26 ?  53  PRO B CG  1 
ATOM   263 C  CD  . PRO B 2 1  ? -0.547  23.646  3.279   1.00 44.24 ?  53  PRO B CD  1 
ATOM   264 N  N   . LYS B 2 2  ? -1.851  23.005  -1.264  1.00 35.04 ?  54  LYS B N   1 
ATOM   265 C  CA  . LYS B 2 2  ? -2.604  22.100  -2.116  1.00 33.72 ?  54  LYS B CA  1 
ATOM   266 C  C   . LYS B 2 2  ? -1.793  20.893  -2.557  1.00 32.60 ?  54  LYS B C   1 
ATOM   267 O  O   . LYS B 2 2  ? -2.380  19.867  -2.918  1.00 38.33 ?  54  LYS B O   1 
ATOM   268 C  CB  . LYS B 2 2  ? -3.179  22.852  -3.316  1.00 39.15 ?  54  LYS B CB  1 
ATOM   269 C  CG  . LYS B 2 2  ? -3.914  24.102  -2.899  1.00 40.78 ?  54  LYS B CG  1 
ATOM   270 C  CD  . LYS B 2 2  ? -5.076  23.745  -2.013  1.00 45.96 ?  54  LYS B CD  1 
ATOM   271 C  CE  . LYS B 2 2  ? -6.051  22.832  -2.722  1.00 37.58 ?  54  LYS B CE  1 
ATOM   272 N  NZ  . LYS B 2 2  ? -7.268  22.511  -1.900  1.00 53.53 ?  54  LYS B NZ  1 
ATOM   273 N  N   . GLU B 2 3  ? -0.466  20.978  -2.514  1.00 27.02 ?  55  GLU B N   1 
ATOM   274 C  CA  . GLU B 2 3  ? 0.344   19.789  -2.724  1.00 22.68 ?  55  GLU B CA  1 
ATOM   275 C  C   . GLU B 2 3  ? 0.214   18.846  -1.530  1.00 27.35 ?  55  GLU B C   1 
ATOM   276 O  O   . GLU B 2 3  ? -0.036  19.263  -0.396  1.00 26.37 ?  55  GLU B O   1 
ATOM   277 C  CB  . GLU B 2 3  ? 1.813   20.164  -2.941  1.00 21.58 ?  55  GLU B CB  1 
ATOM   278 C  CG  . GLU B 2 3  ? 2.106   20.867  -4.275  1.00 21.96 ?  55  GLU B CG  1 
ATOM   279 C  CD  . GLU B 2 3  ? 3.589   20.997  -4.535  1.00 24.53 ?  55  GLU B CD  1 
ATOM   280 O  OE1 . GLU B 2 3  ? 4.229   19.988  -4.915  1.00 25.75 ?  55  GLU B OE1 1 
ATOM   281 O  OE2 . GLU B 2 3  ? 4.130   22.104  -4.333  1.00 24.67 ?  55  GLU B OE2 1 
ATOM   282 N  N   . ARG B 2 4  ? 0.384   17.562  -1.798  1.00 21.84 ?  56  ARG B N   1 
ATOM   283 C  CA  . ARG B 2 4  ? 0.255   16.537  -0.779  1.00 17.72 ?  56  ARG B CA  1 
ATOM   284 C  C   . ARG B 2 4  ? 1.507   16.486  0.096   1.00 19.34 ?  56  ARG B C   1 
ATOM   285 O  O   . ARG B 2 4  ? 2.561   17.019  -0.266  1.00 19.78 ?  56  ARG B O   1 
ATOM   286 C  CB  . ARG B 2 4  ? 0.057   15.191  -1.466  1.00 22.03 ?  56  ARG B CB  1 
ATOM   287 C  CG  . ARG B 2 4  ? -1.300  15.058  -2.123  1.00 25.39 ?  56  ARG B CG  1 
ATOM   288 C  CD  . ARG B 2 4  ? -1.363  13.841  -3.012  1.00 29.37 ?  56  ARG B CD  1 
ATOM   289 N  NE  . ARG B 2 4  ? -0.497  13.994  -4.173  1.00 26.22 ?  56  ARG B NE  1 
ATOM   290 C  CZ  . ARG B 2 4  ? -0.395  13.103  -5.147  1.00 28.00 ?  56  ARG B CZ  1 
ATOM   291 N  NH1 . ARG B 2 4  ? -1.109  11.989  -5.141  1.00 33.29 ?  56  ARG B NH1 1 
ATOM   292 N  NH2 . ARG B 2 4  ? 0.431   13.343  -6.158  1.00 32.07 ?  56  ARG B NH2 1 
ATOM   293 N  N   . PRO B 2 5  ? 1.424   15.853  1.262   1.00 17.05 ?  57  PRO B N   1 
ATOM   294 C  CA  . PRO B 2 5  ? 2.606   15.685  2.096   1.00 19.33 ?  57  PRO B CA  1 
ATOM   295 C  C   . PRO B 2 5  ? 3.697   14.944  1.345   1.00 17.45 ?  57  PRO B C   1 
ATOM   296 O  O   . PRO B 2 5  ? 3.427   13.997  0.591   1.00 17.18 ?  57  PRO B O   1 
ATOM   297 C  CB  . PRO B 2 5  ? 2.083   14.859  3.281   1.00 19.97 ?  57  PRO B CB  1 
ATOM   298 C  CG  . PRO B 2 5  ? 0.649   15.247  3.366   1.00 19.67 ?  57  PRO B CG  1 
ATOM   299 C  CD  . PRO B 2 5  ? 0.194   15.437  1.958   1.00 19.09 ?  57  PRO B CD  1 
ATOM   300 N  N   . PRO B 2 6  ? 4.944   15.365  1.508   1.00 17.83 ?  58  PRO B N   1 
ATOM   301 C  CA  . PRO B 2 6  ? 6.040   14.727  0.756   1.00 18.41 ?  58  PRO B CA  1 
ATOM   302 C  C   . PRO B 2 6  ? 6.096   13.214  0.902   1.00 16.64 ?  58  PRO B C   1 
ATOM   303 O  O   . PRO B 2 6  ? 6.357   12.513  -0.084  1.00 17.65 ?  58  PRO B O   1 
ATOM   304 C  CB  . PRO B 2 6  ? 7.287   15.436  1.298   1.00 21.32 ?  58  PRO B CB  1 
ATOM   305 C  CG  . PRO B 2 6  ? 6.764   16.815  1.656   1.00 23.13 ?  58  PRO B CG  1 
ATOM   306 C  CD  . PRO B 2 6  ? 5.370   16.596  2.197   1.00 19.59 ?  58  PRO B CD  1 
ATOM   307 N  N   . LEU B 2 7  ? 5.794   12.679  2.087   1.00 17.99 ?  59  LEU B N   1 
ATOM   308 C  CA  . LEU B 2 7  ? 5.904   11.237  2.280   1.00 18.20 ?  59  LEU B CA  1 
ATOM   309 C  C   . LEU B 2 7  ? 4.839   10.506  1.478   1.00 17.99 ?  59  LEU B C   1 
ATOM   310 O  O   . LEU B 2 7  ? 5.092   9.424   0.925   1.00 16.21 ?  59  LEU B O   1 
ATOM   311 C  CB  . LEU B 2 7  ? 5.760   10.913  3.763   1.00 19.38 ?  59  LEU B CB  1 
ATOM   312 C  CG  . LEU B 2 7  ? 5.801   9.433   4.121   1.00 18.48 ?  59  LEU B CG  1 
ATOM   313 C  CD1 . LEU B 2 7  ? 7.152   8.809   3.784   1.00 18.49 ?  59  LEU B CD1 1 
ATOM   314 C  CD2 . LEU B 2 7  ? 5.480   9.229   5.599   1.00 20.41 ?  59  LEU B CD2 1 
ATOM   315 N  N   . LEU B 2 8  ? 3.641   11.080  1.403   1.00 16.30 ?  60  LEU B N   1 
ATOM   316 C  CA  . LEU B 2 8  ? 2.601   10.483  0.582   1.00 16.59 ?  60  LEU B CA  1 
ATOM   317 C  C   . LEU B 2 8  ? 3.004   10.484  -0.882  1.00 16.39 ?  60  LEU B C   1 
ATOM   318 O  O   . LEU B 2 8  ? 2.813   9.490   -1.587  1.00 16.27 ?  60  LEU B O   1 
ATOM   319 C  CB  . LEU B 2 8  ? 1.289   11.238  0.778   1.00 16.73 ?  60  LEU B CB  1 
ATOM   320 C  CG  . LEU B 2 8  ? 0.089   10.797  -0.056  1.00 16.75 ?  60  LEU B CG  1 
ATOM   321 C  CD1 . LEU B 2 8  ? -0.191  9.297   0.119   1.00 19.06 ?  60  LEU B CD1 1 
ATOM   322 C  CD2 . LEU B 2 8  ? -1.134  11.598  0.339   1.00 19.66 ?  60  LEU B CD2 1 
ATOM   323 N  N   . ARG B 2 9  ? 3.612   11.579  -1.354  1.00 16.84 ?  61  ARG B N   1 
ATOM   324 C  CA  . ARG B 2 9  ? 4.071   11.628  -2.738  1.00 17.68 ?  61  ARG B CA  1 
ATOM   325 C  C   . ARG B 2 9  ? 5.141   10.583  -3.019  1.00 14.51 ?  61  ARG B C   1 
ATOM   326 O  O   . ARG B 2 9  ? 5.120   9.943   -4.083  1.00 17.30 ?  61  ARG B O   1 
ATOM   327 C  CB  . ARG B 2 9  ? 4.575   13.028  -3.067  1.00 17.81 ?  61  ARG B CB  1 
ATOM   328 C  CG  . ARG B 2 9  ? 3.438   13.975  -3.330  1.00 18.81 ?  61  ARG B CG  1 
ATOM   329 C  CD  . ARG B 2 9  ? 3.704   15.323  -2.731  1.00 21.05 ?  61  ARG B CD  1 
ATOM   330 N  NE  . ARG B 2 9  ? 4.912   15.918  -3.278  1.00 18.72 ?  61  ARG B NE  1 
ATOM   331 C  CZ  . ARG B 2 9  ? 5.350   17.122  -2.946  1.00 19.08 ?  61  ARG B CZ  1 
ATOM   332 N  NH1 . ARG B 2 9  ? 4.740   17.847  -2.026  1.00 19.04 ?  61  ARG B NH1 1 
ATOM   333 N  NH2 . ARG B 2 9  ? 6.403   17.628  -3.581  1.00 18.20 ?  61  ARG B NH2 1 
ATOM   334 N  N   . LEU B 2 10 ? 6.073   10.375  -2.083  1.00 15.29 ?  62  LEU B N   1 
ATOM   335 C  CA  . LEU B 2 10 ? 7.057   9.308   -2.248  1.00 15.06 ?  62  LEU B CA  1 
ATOM   336 C  C   . LEU B 2 10 ? 6.376   7.952   -2.339  1.00 15.75 ?  62  LEU B C   1 
ATOM   337 O  O   . LEU B 2 10 ? 6.782   7.094   -3.129  1.00 17.61 ?  62  LEU B O   1 
ATOM   338 C  CB  . LEU B 2 10 ? 8.050   9.306   -1.088  1.00 20.50 ?  62  LEU B CB  1 
ATOM   339 C  CG  . LEU B 2 10 ? 8.998   10.478  -0.907  1.00 24.10 ?  62  LEU B CG  1 
ATOM   340 C  CD1 . LEU B 2 10 ? 9.900   10.208  0.285   1.00 26.34 ?  62  LEU B CD1 1 
ATOM   341 C  CD2 . LEU B 2 10 ? 9.828   10.641  -2.169  1.00 25.37 ?  62  LEU B CD2 1 
ATOM   342 N  N   . CYS B 2 11 ? 5.350   7.728   -1.516  1.00 14.86 ?  63  CYS B N   1 
ATOM   343 C  CA  . CYS B 2 11 ? 4.616   6.475   -1.592  1.00 17.06 ?  63  CYS B CA  1 
ATOM   344 C  C   . CYS B 2 11 ? 3.988   6.292   -2.964  1.00 17.19 ?  63  CYS B C   1 
ATOM   345 O  O   . CYS B 2 11 ? 4.071   5.206   -3.550  1.00 16.39 ?  63  CYS B O   1 
ATOM   346 C  CB  . CYS B 2 11 ? 3.548   6.475   -0.504  1.00 14.84 ?  63  CYS B CB  1 
ATOM   347 S  SG  . CYS B 2 11 ? 2.268   5.207   -0.693  1.00 17.60 ?  63  CYS B SG  1 
ATOM   348 N  N   . CYS B 2 12 ? 3.356   7.340   -3.495  1.00 16.60 ?  64  CYS B N   1 
ATOM   349 C  CA  . CYS B 2 12 ? 2.748   7.237   -4.820  1.00 19.60 ?  64  CYS B CA  1 
ATOM   350 C  C   . CYS B 2 12 ? 3.786   6.920   -5.896  1.00 17.08 ?  64  CYS B C   1 
ATOM   351 O  O   . CYS B 2 12 ? 3.525   6.110   -6.794  1.00 20.99 ?  64  CYS B O   1 
ATOM   352 C  CB  . CYS B 2 12 ? 1.984   8.512   -5.145  1.00 21.97 ?  64  CYS B CB  1 
ATOM   353 S  SG  . CYS B 2 12 ? 0.557   8.798   -4.061  1.00 25.25 ?  64  CYS B SG  1 
ATOM   354 N  N   . THR B 2 13 ? 4.977   7.518   -5.811  1.00 17.76 ?  65  THR B N   1 
ATOM   355 C  CA  . THR B 2 13 ? 6.039   7.187   -6.757  1.00 18.19 ?  65  THR B CA  1 
ATOM   356 C  C   . THR B 2 13 ? 6.401   5.710   -6.689  1.00 20.46 ?  65  THR B C   1 
ATOM   357 O  O   . THR B 2 13 ? 6.569   5.050   -7.721  1.00 21.48 ?  65  THR B O   1 
ATOM   358 C  CB  . THR B 2 13 ? 7.262   8.055   -6.462  1.00 19.95 ?  65  THR B CB  1 
ATOM   359 O  OG1 . THR B 2 13 ? 6.913   9.419   -6.713  1.00 22.11 ?  65  THR B OG1 1 
ATOM   360 C  CG2 . THR B 2 13 ? 8.457   7.658   -7.342  1.00 22.36 ?  65  THR B CG2 1 
ATOM   361 N  N   . GLU B 2 14 ? 6.520   5.163   -5.482  1.00 16.73 ?  66  GLU B N   1 
ATOM   362 C  CA  . GLU B 2 14 ? 6.819   3.745   -5.348  1.00 16.56 ?  66  GLU B CA  1 
ATOM   363 C  C   . GLU B 2 14 ? 5.702   2.877   -5.914  1.00 16.99 ?  66  GLU B C   1 
ATOM   364 O  O   . GLU B 2 14 ? 5.974   1.891   -6.615  1.00 16.60 ?  66  GLU B O   1 
ATOM   365 C  CB  . GLU B 2 14 ? 7.113   3.415   -3.888  1.00 16.95 ?  66  GLU B CB  1 
ATOM   366 C  CG  . GLU B 2 14 ? 8.383   4.071   -3.387  1.00 17.47 ?  66  GLU B CG  1 
ATOM   367 C  CD  . GLU B 2 14 ? 8.700   3.773   -1.937  1.00 18.90 ?  66  GLU B CD  1 
ATOM   368 O  OE1 . GLU B 2 14 ? 7.766   3.525   -1.155  1.00 18.89 ?  66  GLU B OE1 1 
ATOM   369 O  OE2 . GLU B 2 14 ? 9.895   3.800   -1.572  1.00 26.80 ?  66  GLU B OE2 1 
ATOM   370 N  N   . LEU B 2 15 ? 4.444   3.219   -5.618  1.00 18.28 ?  67  LEU B N   1 
ATOM   371 C  CA  . LEU B 2 15 ? 3.317   2.455   -6.153  1.00 18.12 ?  67  LEU B CA  1 
ATOM   372 C  C   . LEU B 2 15 ? 3.317   2.449   -7.676  1.00 21.17 ?  67  LEU B C   1 
ATOM   373 O  O   . LEU B 2 15 ? 2.974   1.436   -8.300  1.00 19.61 ?  67  LEU B O   1 
ATOM   374 C  CB  . LEU B 2 15 ? 2.004   3.037   -5.644  1.00 19.65 ?  67  LEU B CB  1 
ATOM   375 C  CG  . LEU B 2 15 ? 1.574   2.547   -4.276  1.00 24.81 ?  67  LEU B CG  1 
ATOM   376 C  CD1 . LEU B 2 15 ? 0.324   3.318   -3.844  1.00 24.17 ?  67  LEU B CD1 1 
ATOM   377 C  CD2 . LEU B 2 15 ? 1.345   1.024   -4.301  1.00 20.27 ?  67  LEU B CD2 1 
ATOM   378 N  N   . HIS B 2 16 ? 3.688   3.575   -8.297  1.00 18.95 ?  68  HIS B N   1 
ATOM   379 C  CA  . HIS B 2 16 ? 3.756   3.660   -9.756  1.00 18.75 ?  68  HIS B CA  1 
ATOM   380 C  C   . HIS B 2 16 ? 4.805   2.742   -10.351 1.00 21.48 ?  68  HIS B C   1 
ATOM   381 O  O   . HIS B 2 16 ? 4.795   2.527   -11.566 1.00 22.00 ?  68  HIS B O   1 
ATOM   382 C  CB  . HIS B 2 16 ? 4.078   5.089   -10.184 1.00 23.49 ?  68  HIS B CB  1 
ATOM   383 C  CG  . HIS B 2 16 ? 2.972   6.057   -9.930  1.00 26.63 ?  68  HIS B CG  1 
ATOM   384 N  ND1 . HIS B 2 16 ? 3.137   7.421   -10.041 1.00 38.38 ?  68  HIS B ND1 1 
ATOM   385 C  CD2 . HIS B 2 16 ? 1.689   5.862   -9.551  1.00 30.38 ?  68  HIS B CD2 1 
ATOM   386 C  CE1 . HIS B 2 16 ? 1.999   8.024   -9.752  1.00 37.55 ?  68  HIS B CE1 1 
ATOM   387 N  NE2 . HIS B 2 16 ? 1.103   7.100   -9.452  1.00 44.09 ?  68  HIS B NE2 1 
ATOM   388 N  N   . LYS B 2 17 ? 5.717   2.215   -9.553  1.00 17.71 ?  69  LYS B N   1 
ATOM   389 C  CA  . LYS B 2 17 ? 6.662   1.227   -10.046 1.00 20.40 ?  69  LYS B CA  1 
ATOM   390 C  C   . LYS B 2 17 ? 6.045   -0.155  -10.200 1.00 27.14 ?  69  LYS B C   1 
ATOM   391 O  O   . LYS B 2 17 ? 6.742   -1.087  -10.612 1.00 29.26 ?  69  LYS B O   1 
ATOM   392 C  CB  . LYS B 2 17 ? 7.879   1.169   -9.126  1.00 21.35 ?  69  LYS B CB  1 
ATOM   393 C  CG  . LYS B 2 17 ? 8.599   2.509   -9.041  1.00 24.42 ?  69  LYS B CG  1 
ATOM   394 C  CD  . LYS B 2 17 ? 9.667   2.509   -7.965  1.00 33.00 ?  69  LYS B CD  1 
ATOM   395 C  CE  . LYS B 2 17 ? 10.803  1.565   -8.303  1.00 37.13 ?  69  LYS B CE  1 
ATOM   396 N  NZ  . LYS B 2 17 ? 11.951  1.757   -7.368  1.00 51.14 ?  69  LYS B NZ  1 
ATOM   397 N  N   . GLU B 2 18 ? 4.763   -0.313  -9.902  1.00 20.39 ?  70  GLU B N   1 
ATOM   398 C  CA  . GLU B 2 18 ? 4.113   -1.611  -9.968  1.00 20.51 ?  70  GLU B CA  1 
ATOM   399 C  C   . GLU B 2 18 ? 2.989   -1.590  -10.993 1.00 21.36 ?  70  GLU B C   1 
ATOM   400 O  O   . GLU B 2 18 ? 2.433   -0.541  -11.317 1.00 24.42 ?  70  GLU B O   1 
ATOM   401 C  CB  . GLU B 2 18 ? 3.561   -2.006  -8.591  1.00 19.21 ?  70  GLU B CB  1 
ATOM   402 C  CG  . GLU B 2 18 ? 4.621   -2.007  -7.508  1.00 20.42 ?  70  GLU B CG  1 
ATOM   403 C  CD  . GLU B 2 18 ? 4.095   -2.498  -6.186  1.00 20.74 ?  70  GLU B CD  1 
ATOM   404 O  OE1 . GLU B 2 18 ? 2.913   -2.241  -5.897  1.00 21.46 ?  70  GLU B OE1 1 
ATOM   405 O  OE2 . GLU B 2 18 ? 4.847   -3.145  -5.449  1.00 22.09 ?  70  GLU B OE2 1 
ATOM   406 N  N   . ASN B 2 19 ? 2.648   -2.775  -11.498 1.00 20.55 ?  71  ASN B N   1 
ATOM   407 C  CA  . ASN B 2 19 ? 1.491   -2.885  -12.371 1.00 20.24 ?  71  ASN B CA  1 
ATOM   408 C  C   . ASN B 2 19 ? 0.203   -2.736  -11.565 1.00 19.95 ?  71  ASN B C   1 
ATOM   409 O  O   . ASN B 2 19 ? 0.137   -3.149  -10.405 1.00 19.28 ?  71  ASN B O   1 
ATOM   410 C  CB  . ASN B 2 19 ? 1.468   -4.242  -13.067 1.00 22.29 ?  71  ASN B CB  1 
ATOM   411 C  CG  . ASN B 2 19 ? 2.607   -4.410  -14.044 1.00 26.66 ?  71  ASN B CG  1 
ATOM   412 O  OD1 . ASN B 2 19 ? 3.348   -5.376  -13.987 1.00 26.83 ?  71  ASN B OD1 1 
ATOM   413 N  ND2 . ASN B 2 19 ? 2.747   -3.467  -14.945 1.00 23.40 ?  71  ASN B ND2 1 
ATOM   414 N  N   . PRO B 2 20 ? -0.833  -2.146  -12.162 1.00 17.68 ?  72  PRO B N   1 
ATOM   415 C  CA  . PRO B 2 20 ? -2.107  -1.980  -11.442 1.00 19.55 ?  72  PRO B CA  1 
ATOM   416 C  C   . PRO B 2 20 ? -2.630  -3.256  -10.809 1.00 20.43 ?  72  PRO B C   1 
ATOM   417 O  O   . PRO B 2 20 ? -3.135  -3.227  -9.681  1.00 22.59 ?  72  PRO B O   1 
ATOM   418 C  CB  . PRO B 2 20 ? -3.052  -1.456  -12.531 1.00 22.58 ?  72  PRO B CB  1 
ATOM   419 C  CG  . PRO B 2 20 ? -2.143  -0.752  -13.485 1.00 21.02 ?  72  PRO B CG  1 
ATOM   420 C  CD  . PRO B 2 20 ? -0.853  -1.497  -13.486 1.00 21.73 ?  72  PRO B CD  1 
ATOM   421 N  N   . GLU B 2 21 ? -2.515  -4.383  -11.495 1.00 20.57 ?  73  GLU B N   1 
ATOM   422 C  CA  . GLU B 2 21 ? -3.054  -5.617  -10.945 1.00 21.98 ?  73  GLU B CA  1 
ATOM   423 C  C   . GLU B 2 21 ? -2.168  -6.231  -9.870  1.00 21.88 ?  73  GLU B C   1 
ATOM   424 O  O   . GLU B 2 21 ? -2.531  -7.283  -9.337  1.00 24.69 ?  73  GLU B O   1 
ATOM   425 C  CB  . GLU B 2 21 ? -3.339  -6.629  -12.058 1.00 27.23 ?  73  GLU B CB  1 
ATOM   426 C  CG  . GLU B 2 21 ? -2.124  -7.066  -12.825 1.00 25.28 ?  73  GLU B CG  1 
ATOM   427 C  CD  . GLU B 2 21 ? -1.872  -6.235  -14.070 1.00 25.98 ?  73  GLU B CD  1 
ATOM   428 O  OE1 . GLU B 2 21 ? -1.999  -4.992  -14.039 1.00 23.76 ?  73  GLU B OE1 1 
ATOM   429 O  OE2 . GLU B 2 21 ? -1.545  -6.846  -15.097 1.00 25.98 ?  73  GLU B OE2 1 
ATOM   430 N  N   . CYS B 2 22 ? -1.027  -5.612  -9.540  1.00 19.09 ?  74  CYS B N   1 
ATOM   431 C  CA  . CYS B 2 22 ? -0.201  -6.013  -8.403  1.00 19.77 ?  74  CYS B CA  1 
ATOM   432 C  C   . CYS B 2 22 ? -0.386  -5.120  -7.186  1.00 19.71 ?  74  CYS B C   1 
ATOM   433 O  O   . CYS B 2 22 ? 0.061   -5.487  -6.091  1.00 18.84 ?  74  CYS B O   1 
ATOM   434 C  CB  . CYS B 2 22 ? 1.292   -5.964  -8.764  1.00 20.40 ?  74  CYS B CB  1 
ATOM   435 S  SG  . CYS B 2 22 ? 1.852   -7.251  -9.886  1.00 23.95 ?  74  CYS B SG  1 
ATOM   436 N  N   . VAL B 2 23 ? -1.018  -3.958  -7.355  1.00 18.02 ?  75  VAL B N   1 
ATOM   437 C  CA  . VAL B 2 23 ? -0.979  -2.925  -6.324  1.00 17.32 ?  75  VAL B CA  1 
ATOM   438 C  C   . VAL B 2 23 ? -1.667  -3.385  -5.044  1.00 18.24 ?  75  VAL B C   1 
ATOM   439 O  O   . VAL B 2 23 ? -1.125  -3.244  -3.945  1.00 18.41 ?  75  VAL B O   1 
ATOM   440 C  CB  . VAL B 2 23 ? -1.570  -1.619  -6.874  1.00 19.42 ?  75  VAL B CB  1 
ATOM   441 C  CG1 . VAL B 2 23 ? -1.949  -0.687  -5.750  1.00 24.86 ?  75  VAL B CG1 1 
ATOM   442 C  CG2 . VAL B 2 23 ? -0.569  -0.952  -7.814  1.00 20.84 ?  75  VAL B CG2 1 
ATOM   443 N  N   . CYS B 2 24 ? -2.866  -3.950  -5.155  1.00 18.94 ?  76  CYS B N   1 
ATOM   444 C  CA  . CYS B 2 24 ? -3.584  -4.298  -3.934  1.00 19.47 ?  76  CYS B CA  1 
ATOM   445 C  C   . CYS B 2 24 ? -2.877  -5.406  -3.156  1.00 16.77 ?  76  CYS B C   1 
ATOM   446 O  O   . CYS B 2 24 ? -2.812  -5.350  -1.922  1.00 17.75 ?  76  CYS B O   1 
ATOM   447 C  CB  . CYS B 2 24 ? -5.034  -4.647  -4.256  1.00 19.93 ?  76  CYS B CB  1 
ATOM   448 S  SG  . CYS B 2 24 ? -5.961  -3.200  -4.776  1.00 21.95 ?  76  CYS B SG  1 
ATOM   449 N  N   . SER B 2 25 ? -2.351  -6.425  -3.851  1.00 18.31 ?  77  SER B N   1 
ATOM   450 C  CA  . SER B 2 25 ? -1.637  -7.502  -3.166  1.00 20.06 ?  77  SER B CA  1 
ATOM   451 C  C   . SER B 2 25 ? -0.391  -6.982  -2.465  1.00 18.12 ?  77  SER B C   1 
ATOM   452 O  O   . SER B 2 25 ? -0.103  -7.365  -1.324  1.00 19.56 ?  77  SER B O   1 
ATOM   453 C  CB  . SER B 2 25 ? -1.277  -8.616  -4.156  1.00 23.44 ?  77  SER B CB  1 
ATOM   454 O  OG  . SER B 2 25 ? -0.433  -9.592  -3.549  1.00 44.60 ?  77  SER B OG  1 
ATOM   455 N  N   . THR B 2 26 ? 0.357   -6.102  -3.126  1.00 18.14 ?  78  THR B N   1 
ATOM   456 C  CA  . THR B 2 26 ? 1.566   -5.577  -2.503  1.00 17.49 ?  78  THR B CA  1 
ATOM   457 C  C   . THR B 2 26 ? 1.250   -4.635  -1.344  1.00 17.40 ?  78  THR B C   1 
ATOM   458 O  O   . THR B 2 26 ? 1.993   -4.594  -0.357  1.00 17.14 ?  78  THR B O   1 
ATOM   459 C  CB  . THR B 2 26 ? 2.463   -4.898  -3.540  1.00 17.99 ?  78  THR B CB  1 
ATOM   460 O  OG1 . THR B 2 26 ? 1.754   -3.821  -4.154  1.00 17.73 ?  78  THR B OG1 1 
ATOM   461 C  CG2 . THR B 2 26 ? 2.909   -5.902  -4.614  1.00 20.81 ?  78  THR B CG2 1 
ATOM   462 N  N   . LEU B 2 27 ? 0.138   -3.904  -1.424  1.00 16.87 ?  79  LEU B N   1 
ATOM   463 C  CA  . LEU B 2 27 ? -0.251  -3.038  -0.314  1.00 16.25 ?  79  LEU B CA  1 
ATOM   464 C  C   . LEU B 2 27 ? -0.705  -3.845  0.896   1.00 17.98 ?  79  LEU B C   1 
ATOM   465 O  O   . LEU B 2 27 ? -0.458  -3.442  2.038   1.00 19.29 ?  79  LEU B O   1 
ATOM   466 C  CB  . LEU B 2 27 ? -1.339  -2.070  -0.766  1.00 17.01 ?  79  LEU B CB  1 
ATOM   467 C  CG  . LEU B 2 27 ? -0.823  -0.888  -1.571  1.00 16.50 ?  79  LEU B CG  1 
ATOM   468 C  CD1 . LEU B 2 27 ? -1.974  -0.190  -2.258  1.00 18.65 ?  79  LEU B CD1 1 
ATOM   469 C  CD2 . LEU B 2 27 ? -0.082  0.057   -0.626  1.00 18.99 ?  79  LEU B CD2 1 
ATOM   470 N  N   . ARG B 2 28 ? -1.386  -4.975  0.667   1.00 17.04 ?  80  ARG B N   1 
ATOM   471 C  CA  . ARG B 2 28 ? -1.702  -5.888  1.763   1.00 18.96 ?  80  ARG B CA  1 
ATOM   472 C  C   . ARG B 2 28 ? -0.425  -6.396  2.422   1.00 18.28 ?  80  ARG B C   1 
ATOM   473 O  O   . ARG B 2 28 ? -0.331  -6.444  3.654   1.00 18.22 ?  80  ARG B O   1 
ATOM   474 C  CB  . ARG B 2 28 ? -2.515  -7.057  1.206   1.00 21.94 ?  80  ARG B CB  1 
ATOM   475 C  CG  . ARG B 2 28 ? -2.671  -8.225  2.151   1.00 26.64 ?  80  ARG B CG  1 
ATOM   476 C  CD  . ARG B 2 28 ? -3.812  -8.004  3.084   1.00 29.01 ?  80  ARG B CD  1 
ATOM   477 N  NE  . ARG B 2 28 ? -4.141  -9.221  3.815   1.00 28.65 ?  80  ARG B NE  1 
ATOM   478 C  CZ  . ARG B 2 28 ? -5.151  -9.313  4.666   1.00 29.82 ?  80  ARG B CZ  1 
ATOM   479 N  NH1 . ARG B 2 28 ? -5.946  -8.283  4.902   1.00 30.71 ?  80  ARG B NH1 1 
ATOM   480 N  NH2 . ARG B 2 28 ? -5.365  -10.464 5.298   1.00 36.57 ?  80  ARG B NH2 1 
ATOM   481 N  N   . ARG B 2 29 ? 0.570   -6.779  1.615   1.00 16.57 ?  81  ARG B N   1 
ATOM   482 C  CA  . ARG B 2 29 ? 1.844   -7.232  2.164   1.00 18.43 ?  81  ARG B CA  1 
ATOM   483 C  C   . ARG B 2 29 ? 2.528   -6.122  2.960   1.00 18.31 ?  81  ARG B C   1 
ATOM   484 O  O   . ARG B 2 29 ? 3.057   -6.371  4.051   1.00 18.44 ?  81  ARG B O   1 
ATOM   485 C  CB  . ARG B 2 29 ? 2.738   -7.736  1.027   1.00 19.46 ?  81  ARG B CB  1 
ATOM   486 C  CG  . ARG B 2 29 ? 4.141   -8.109  1.451   1.00 26.59 ?  81  ARG B CG  1 
ATOM   487 C  CD  . ARG B 2 29 ? 4.822   -8.939  0.386   1.00 30.43 ?  81  ARG B CD  1 
ATOM   488 N  NE  . ARG B 2 29 ? 6.233   -9.136  0.687   1.00 39.98 ?  81  ARG B NE  1 
ATOM   489 C  CZ  . ARG B 2 29 ? 7.101   -9.689  -0.148  1.00 41.24 ?  81  ARG B CZ  1 
ATOM   490 N  NH1 . ARG B 2 29 ? 6.727   -10.124 -1.341  1.00 33.98 ?  81  ARG B NH1 1 
ATOM   491 N  NH2 . ARG B 2 29 ? 8.376   -9.801  0.221   1.00 46.32 ?  81  ARG B NH2 1 
ATOM   492 N  N   . ALA B 2 30 ? 2.514   -4.889  2.435   1.00 18.52 ?  82  ALA B N   1 
ATOM   493 C  CA  . ALA B 2 30 ? 3.093   -3.745  3.138   1.00 17.72 ?  82  ALA B CA  1 
ATOM   494 C  C   . ALA B 2 30 ? 2.384   -3.487  4.463   1.00 18.39 ?  82  ALA B C   1 
ATOM   495 O  O   . ALA B 2 30 ? 3.033   -3.202  5.479   1.00 17.58 ?  82  ALA B O   1 
ATOM   496 C  CB  . ALA B 2 30 ? 3.006   -2.503  2.249   1.00 19.03 ?  82  ALA B CB  1 
ATOM   497 N  N   . ALA B 2 31 ? 1.052   -3.566  4.464   1.00 18.05 ?  83  ALA B N   1 
ATOM   498 C  CA  . ALA B 2 31 ? 0.291   -3.354  5.690   1.00 16.30 ?  83  ALA B CA  1 
ATOM   499 C  C   . ALA B 2 31 ? 0.608   -4.411  6.736   1.00 17.55 ?  83  ALA B C   1 
ATOM   500 O  O   . ALA B 2 31 ? 0.785   -4.087  7.913   1.00 17.10 ?  83  ALA B O   1 
ATOM   501 C  CB  . ALA B 2 31 ? -1.202  -3.350  5.370   1.00 18.61 ?  83  ALA B CB  1 
ATOM   502 N  N   . LYS B 2 32 ? 0.682   -5.682  6.329   1.00 16.02 ?  84  LYS B N   1 
ATOM   503 C  CA  . LYS B 2 32 ? 1.035   -6.730  7.282   1.00 16.78 ?  84  LYS B CA  1 
ATOM   504 C  C   . LYS B 2 32 ? 2.432   -6.514  7.841   1.00 18.41 ?  84  LYS B C   1 
ATOM   505 O  O   . LYS B 2 32 ? 2.688   -6.772  9.025   1.00 18.17 ?  84  LYS B O   1 
ATOM   506 C  CB  . LYS B 2 32 ? 0.932   -8.110  6.625   1.00 18.39 ?  84  LYS B CB  1 
ATOM   507 C  CG  . LYS B 2 32 ? -0.488  -8.507  6.252   1.00 20.72 ?  84  LYS B CG  1 
ATOM   508 C  CD  . LYS B 2 32 ? -0.516  -9.779  5.414   1.00 31.29 ?  84  LYS B CD  1 
ATOM   509 C  CE  . LYS B 2 32 ? -0.216  -11.008 6.249   1.00 46.05 ?  84  LYS B CE  1 
ATOM   510 N  NZ  . LYS B 2 32 ? 0.349   -12.109 5.417   1.00 47.06 ?  84  LYS B NZ  1 
ATOM   511 N  N   . ALA B 2 33 ? 3.359   -6.051  7.002   1.00 17.54 ?  85  ALA B N   1 
ATOM   512 C  CA  . ALA B 2 33 ? 4.726   -5.837  7.463   1.00 16.19 ?  85  ALA B CA  1 
ATOM   513 C  C   . ALA B 2 33 ? 4.790   -4.750  8.528   1.00 17.32 ?  85  ALA B C   1 
ATOM   514 O  O   . ALA B 2 33 ? 5.433   -4.933  9.566   1.00 18.09 ?  85  ALA B O   1 
ATOM   515 C  CB  . ALA B 2 33 ? 5.631   -5.502  6.276   1.00 19.50 ?  85  ALA B CB  1 
ATOM   516 N  N   . THR B 2 34 ? 4.141   -3.605  8.281   1.00 17.94 ?  86  THR B N   1 
ATOM   517 C  CA  . THR B 2 34 ? 4.093   -2.522  9.268   1.00 19.58 ?  86  THR B CA  1 
ATOM   518 C  C   . THR B 2 34 ? 3.404   -2.967  10.549  1.00 19.54 ?  86  THR B C   1 
ATOM   519 O  O   . THR B 2 34 ? 3.896   -2.708  11.657  1.00 20.82 ?  86  THR B O   1 
ATOM   520 C  CB  . THR B 2 34 ? 3.319   -1.342  8.676   1.00 30.64 ?  86  THR B CB  1 
ATOM   521 O  OG1 . THR B 2 34 ? 4.154   -0.647  7.748   1.00 38.82 ?  86  THR B OG1 1 
ATOM   522 C  CG2 . THR B 2 34 ? 2.849   -0.376  9.779   1.00 24.94 ?  86  THR B CG2 1 
ATOM   523 N  N   . ARG B 2 35 ? 2.254   -3.632  10.416  1.00 17.31 ?  87  ARG B N   1 
ATOM   524 C  CA  . ARG B 2 35 ? 1.513   -4.080  11.587  1.00 18.17 ?  87  ARG B CA  1 
ATOM   525 C  C   . ARG B 2 35 ? 2.395   -4.933  12.487  1.00 20.42 ?  87  ARG B C   1 
ATOM   526 O  O   . ARG B 2 35 ? 2.435   -4.735  13.709  1.00 20.46 ?  87  ARG B O   1 
ATOM   527 C  CB  . ARG B 2 35 ? 0.281   -4.863  11.128  1.00 22.48 ?  87  ARG B CB  1 
ATOM   528 C  CG  . ARG B 2 35 ? -0.802  -5.052  12.182  1.00 24.02 ?  87  ARG B CG  1 
ATOM   529 C  CD  . ARG B 2 35 ? -0.580  -6.303  12.984  1.00 24.27 ?  87  ARG B CD  1 
ATOM   530 N  NE  . ARG B 2 35 ? -1.710  -6.586  13.865  1.00 25.99 ?  87  ARG B NE  1 
ATOM   531 C  CZ  . ARG B 2 35 ? -2.723  -7.378  13.543  1.00 29.16 ?  87  ARG B CZ  1 
ATOM   532 N  NH1 . ARG B 2 35 ? -2.787  -7.972  12.362  1.00 32.60 ?  87  ARG B NH1 1 
ATOM   533 N  NH2 . ARG B 2 35 ? -3.697  -7.578  14.429  1.00 32.31 ?  87  ARG B NH2 1 
ATOM   534 N  N   . VAL B 2 36 ? 3.148   -5.851  11.890  1.00 17.26 ?  88  VAL B N   1 
ATOM   535 C  CA  . VAL B 2 36 ? 3.972   -6.778  12.657  1.00 18.55 ?  88  VAL B CA  1 
ATOM   536 C  C   . VAL B 2 36 ? 5.224   -6.095  13.194  1.00 19.55 ?  88  VAL B C   1 
ATOM   537 O  O   . VAL B 2 36 ? 5.568   -6.243  14.375  1.00 19.93 ?  88  VAL B O   1 
ATOM   538 C  CB  . VAL B 2 36 ? 4.317   -7.996  11.788  1.00 24.13 ?  88  VAL B CB  1 
ATOM   539 C  CG1 . VAL B 2 36 ? 5.317   -8.846  12.505  1.00 23.79 ?  88  VAL B CG1 1 
ATOM   540 C  CG2 . VAL B 2 36 ? 3.074   -8.793  11.477  1.00 34.02 ?  88  VAL B CG2 1 
ATOM   541 N  N   . ARG B 2 37 ? 5.951   -5.375  12.334  1.00 18.30 ?  89  ARG B N   1 
ATOM   542 C  CA  . ARG B 2 37 ? 7.182   -4.721  12.769  1.00 17.69 ?  89  ARG B CA  1 
ATOM   543 C  C   . ARG B 2 37 ? 6.930   -3.744  13.902  1.00 21.75 ?  89  ARG B C   1 
ATOM   544 O  O   . ARG B 2 37 ? 7.719   -3.662  14.850  1.00 22.17 ?  89  ARG B O   1 
ATOM   545 C  CB  . ARG B 2 37 ? 7.839   -3.968  11.616  1.00 21.11 ?  89  ARG B CB  1 
ATOM   546 C  CG  . ARG B 2 37 ? 8.792   -4.784  10.786  1.00 23.57 ?  89  ARG B CG  1 
ATOM   547 C  CD  . ARG B 2 37 ? 9.849   -3.905  10.096  1.00 20.06 ?  89  ARG B CD  1 
ATOM   548 N  NE  . ARG B 2 37 ? 9.326   -2.618  9.652   1.00 20.58 ?  89  ARG B NE  1 
ATOM   549 C  CZ  . ARG B 2 37 ? 8.628   -2.438  8.535   1.00 18.81 ?  89  ARG B CZ  1 
ATOM   550 N  NH1 . ARG B 2 37 ? 8.382   -3.439  7.708   1.00 16.28 ?  89  ARG B NH1 1 
ATOM   551 N  NH2 . ARG B 2 37 ? 8.144   -1.228  8.259   1.00 21.37 ?  89  ARG B NH2 1 
ATOM   552 N  N   . GLN B 2 38 ? 5.850   -2.975  13.814  1.00 21.36 ?  90  GLN B N   1 
ATOM   553 C  CA  . GLN B 2 38 ? 5.562   -1.939  14.795  1.00 24.01 ?  90  GLN B CA  1 
ATOM   554 C  C   . GLN B 2 38 ? 4.704   -2.442  15.940  1.00 22.69 ?  90  GLN B C   1 
ATOM   555 O  O   . GLN B 2 38 ? 4.415   -1.674  16.865  1.00 28.53 ?  90  GLN B O   1 
ATOM   556 C  CB  . GLN B 2 38 ? 4.903   -0.730  14.117  1.00 23.68 ?  90  GLN B CB  1 
ATOM   557 C  CG  . GLN B 2 38 ? 5.769   -0.076  13.063  1.00 27.16 ?  90  GLN B CG  1 
ATOM   558 C  CD  . GLN B 2 38 ? 6.936   0.705   13.646  1.00 37.63 ?  90  GLN B CD  1 
ATOM   559 O  OE1 . GLN B 2 38 ? 7.043   0.876   14.859  1.00 37.02 ?  90  GLN B OE1 1 
ATOM   560 N  NE2 . GLN B 2 38 ? 7.812   1.189   12.775  1.00 42.80 ?  90  GLN B NE2 1 
ATOM   561 N  N   . GLY B 2 39 ? 4.297   -3.704  15.907  1.00 20.79 ?  91  GLY B N   1 
ATOM   562 C  CA  . GLY B 2 39 ? 3.515   -4.258  17.003  1.00 24.47 ?  91  GLY B CA  1 
ATOM   563 C  C   . GLY B 2 39 ? 2.198   -3.550  17.232  1.00 28.42 ?  91  GLY B C   1 
ATOM   564 O  O   . GLY B 2 39 ? 1.787   -3.359  18.385  1.00 28.99 ?  91  GLY B O   1 
ATOM   565 N  N   . THR B 2 40 ? 1.525   -3.152  16.160  1.00 23.93 ?  92  THR B N   1 
ATOM   566 C  CA  . THR B 2 40 ? 0.248   -2.463  16.283  1.00 23.53 ?  92  THR B CA  1 
ATOM   567 C  C   . THR B 2 40 ? -0.836  -3.484  16.613  1.00 25.72 ?  92  THR B C   1 
ATOM   568 O  O   . THR B 2 40 ? -1.072  -4.420  15.842  1.00 26.39 ?  92  THR B O   1 
ATOM   569 C  CB  . THR B 2 40 ? -0.074  -1.744  14.975  1.00 22.64 ?  92  THR B CB  1 
ATOM   570 O  OG1 . THR B 2 40 ? 0.944   -0.779  14.678  1.00 33.82 ?  92  THR B OG1 1 
ATOM   571 C  CG2 . THR B 2 40 ? -1.432  -1.039  15.088  1.00 25.21 ?  92  THR B CG2 1 
ATOM   572 N  N   . ALA B 2 41 ? -1.493  -3.307  17.760  1.00 27.55 ?  93  ALA B N   1 
ATOM   573 C  CA  . ALA B 2 41 ? -2.506  -4.250  18.217  1.00 27.01 ?  93  ALA B CA  1 
ATOM   574 C  C   . ALA B 2 41 ? -3.828  -3.615  18.615  1.00 24.32 ?  93  ALA B C   1 
ATOM   575 O  O   . ALA B 2 41 ? -4.835  -4.335  18.670  1.00 33.04 ?  93  ALA B O   1 
ATOM   576 C  CB  . ALA B 2 41 ? -1.981  -5.091  19.393  1.00 33.76 ?  93  ALA B CB  1 
ATOM   577 N  N   . ALA B 2 42 ? -3.869  -2.316  18.895  1.00 23.57 ?  94  ALA B N   1 
ATOM   578 C  CA  . ALA B 2 42 ? -5.130  -1.678  19.246  1.00 22.44 ?  94  ALA B CA  1 
ATOM   579 C  C   . ALA B 2 42 ? -6.088  -1.786  18.069  1.00 25.89 ?  94  ALA B C   1 
ATOM   580 O  O   . ALA B 2 42 ? -5.715  -1.494  16.932  1.00 23.07 ?  94  ALA B O   1 
ATOM   581 C  CB  . ALA B 2 42 ? -4.879  -0.215  19.598  1.00 25.45 ?  94  ALA B CB  1 
ATOM   582 N  N   . ALA B 2 43 ? -7.322  -2.224  18.338  1.00 26.95 ?  95  ALA B N   1 
ATOM   583 C  CA  . ALA B 2 43 ? -8.228  -2.611  17.258  1.00 23.34 ?  95  ALA B CA  1 
ATOM   584 C  C   . ALA B 2 43 ? -8.443  -1.473  16.265  1.00 22.30 ?  95  ALA B C   1 
ATOM   585 O  O   . ALA B 2 43 ? -8.378  -1.678  15.044  1.00 22.96 ?  95  ALA B O   1 
ATOM   586 C  CB  . ALA B 2 43 ? -9.565  -3.092  17.830  1.00 28.76 ?  95  ALA B CB  1 
ATOM   587 N  N   . SER B 2 44 ? -8.704  -0.261  16.764  1.00 23.77 ?  96  SER B N   1 
ATOM   588 C  CA  . SER B 2 44 ? -8.977  0.845   15.849  1.00 20.82 ?  96  SER B CA  1 
ATOM   589 C  C   . SER B 2 44 ? -7.741  1.201   15.030  1.00 20.51 ?  96  SER B C   1 
ATOM   590 O  O   . SER B 2 44 ? -7.856  1.559   13.851  1.00 19.88 ?  96  SER B O   1 
ATOM   591 C  CB  . SER B 2 44 ? -9.489  2.065   16.613  1.00 30.43 ?  96  SER B CB  1 
ATOM   592 O  OG  . SER B 2 44 ? -8.482  2.599   17.445  1.00 34.07 ?  96  SER B OG  1 
ATOM   593 N  N   . GLN B 2 45 ? -6.553  1.110   15.635  1.00 20.80 ?  97  GLN B N   1 
ATOM   594 C  CA  . GLN B 2 45 ? -5.323  1.363   14.888  1.00 19.69 ?  97  GLN B CA  1 
ATOM   595 C  C   . GLN B 2 45 ? -5.111  0.320   13.803  1.00 17.68 ?  97  GLN B C   1 
ATOM   596 O  O   . GLN B 2 45 ? -4.702  0.655   12.687  1.00 18.68 ?  97  GLN B O   1 
ATOM   597 C  CB  . GLN B 2 45 ? -4.127  1.386   15.840  1.00 22.61 ?  97  GLN B CB  1 
ATOM   598 C  CG  . GLN B 2 45 ? -4.124  2.595   16.778  1.00 21.52 ?  97  GLN B CG  1 
ATOM   599 C  CD  . GLN B 2 45 ? -2.840  2.715   17.568  1.00 26.48 ?  97  GLN B CD  1 
ATOM   600 O  OE1 . GLN B 2 45 ? -1.984  1.838   17.513  1.00 33.03 ?  97  GLN B OE1 1 
ATOM   601 N  NE2 . GLN B 2 45 ? -2.697  3.809   18.303  1.00 35.35 ?  97  GLN B NE2 1 
ATOM   602 N  N   . VAL B 2 46 ? -5.346  -0.952  14.118  1.00 19.75 ?  98  VAL B N   1 
ATOM   603 C  CA  . VAL B 2 46 ? -5.165  -2.002  13.120  1.00 18.72 ?  98  VAL B CA  1 
ATOM   604 C  C   . VAL B 2 46 ? -6.126  -1.806  11.955  1.00 20.07 ?  98  VAL B C   1 
ATOM   605 O  O   . VAL B 2 46 ? -5.738  -1.912  10.783  1.00 18.52 ?  98  VAL B O   1 
ATOM   606 C  CB  . VAL B 2 46 ? -5.313  -3.392  13.758  1.00 20.76 ?  98  VAL B CB  1 
ATOM   607 C  CG1 . VAL B 2 46 ? -5.236  -4.469  12.686  1.00 25.43 ?  98  VAL B CG1 1 
ATOM   608 C  CG2 . VAL B 2 46 ? -4.234  -3.616  14.820  1.00 23.97 ?  98  VAL B CG2 1 
ATOM   609 N  N   . GLN B 2 47 ? -7.391  -1.507  12.253  1.00 18.69 ?  99  GLN B N   1 
ATOM   610 C  CA  . GLN B 2 47 ? -8.362  -1.279  11.187  1.00 16.90 ?  99  GLN B CA  1 
ATOM   611 C  C   . GLN B 2 47 ? -7.972  -0.087  10.322  1.00 18.10 ?  99  GLN B C   1 
ATOM   612 O  O   . GLN B 2 47 ? -8.041  -0.156  9.089   1.00 18.60 ?  99  GLN B O   1 
ATOM   613 C  CB  . GLN B 2 47 ? -9.755  -1.071  11.786  1.00 23.05 ?  99  GLN B CB  1 
ATOM   614 C  CG  . GLN B 2 47 ? -10.314 -2.321  12.441  1.00 28.12 ?  99  GLN B CG  1 
ATOM   615 C  CD  . GLN B 2 47 ? -11.532 -2.034  13.286  1.00 35.76 ?  99  GLN B CD  1 
ATOM   616 O  OE1 . GLN B 2 47 ? -11.990 -0.896  13.356  1.00 41.82 ?  99  GLN B OE1 1 
ATOM   617 N  NE2 . GLN B 2 47 ? -12.059 -3.063  13.941  1.00 37.14 ?  99  GLN B NE2 1 
ATOM   618 N  N   . ARG B 2 48 ? -7.546  1.013   10.946  1.00 17.24 ?  100 ARG B N   1 
ATOM   619 C  CA  . ARG B 2 48 ? -7.164  2.190   10.175  1.00 18.10 ?  100 ARG B CA  1 
ATOM   620 C  C   . ARG B 2 48 ? -5.917  1.928   9.339   1.00 15.80 ?  100 ARG B C   1 
ATOM   621 O  O   . ARG B 2 48 ? -5.817  2.427   8.215   1.00 16.56 ?  100 ARG B O   1 
ATOM   622 C  CB  . ARG B 2 48 ? -6.968  3.382   11.114  1.00 18.22 ?  100 ARG B CB  1 
ATOM   623 C  CG  . ARG B 2 48 ? -6.704  4.682   10.401  1.00 18.75 ?  100 ARG B CG  1 
ATOM   624 C  CD  . ARG B 2 48 ? -6.743  5.863   11.369  1.00 20.17 ?  100 ARG B CD  1 
ATOM   625 N  NE  . ARG B 2 48 ? -6.459  7.093   10.649  1.00 20.33 ?  100 ARG B NE  1 
ATOM   626 C  CZ  . ARG B 2 48 ? -7.379  7.847   10.065  1.00 20.85 ?  100 ARG B CZ  1 
ATOM   627 N  NH1 . ARG B 2 48 ? -8.674  7.599   10.210  1.00 17.90 ?  100 ARG B NH1 1 
ATOM   628 N  NH2 . ARG B 2 48 ? -6.993  8.881   9.321   1.00 21.63 ?  100 ARG B NH2 1 
ATOM   629 N  N   . LEU B 2 49 ? -4.992  1.123   9.863   1.00 16.53 ?  101 LEU B N   1 
ATOM   630 C  CA  . LEU B 2 49 ? -3.797  0.732   9.122   1.00 16.30 ?  101 LEU B CA  1 
ATOM   631 C  C   . LEU B 2 49 ? -4.169  0.075   7.802   1.00 16.59 ?  101 LEU B C   1 
ATOM   632 O  O   . LEU B 2 49 ? -3.736  0.511   6.727   1.00 16.72 ?  101 LEU B O   1 
ATOM   633 C  CB  . LEU B 2 49 ? -3.003  -0.238  9.997   1.00 16.98 ?  101 LEU B CB  1 
ATOM   634 C  CG  . LEU B 2 49 ? -1.577  -0.612  9.618   1.00 19.53 ?  101 LEU B CG  1 
ATOM   635 C  CD1 . LEU B 2 49 ? -0.880  -1.152  10.867  1.00 22.79 ?  101 LEU B CD1 1 
ATOM   636 C  CD2 . LEU B 2 49 ? -1.541  -1.646  8.528   1.00 25.14 ?  101 LEU B CD2 1 
ATOM   637 N  N   . PHE B 2 50 ? -4.970  -0.987  7.867   1.00 17.38 ?  102 PHE B N   1 
ATOM   638 C  CA  . PHE B 2 50 ? -5.345  -1.706  6.656   1.00 17.42 ?  102 PHE B CA  1 
ATOM   639 C  C   . PHE B 2 50 ? -6.244  -0.871  5.754   1.00 17.94 ?  102 PHE B C   1 
ATOM   640 O  O   . PHE B 2 50 ? -6.120  -0.950  4.531   1.00 16.95 ?  102 PHE B O   1 
ATOM   641 C  CB  . PHE B 2 50 ? -5.970  -3.060  7.009   1.00 17.14 ?  102 PHE B CB  1 
ATOM   642 C  CG  . PHE B 2 50 ? -4.957  -4.094  7.424   1.00 17.71 ?  102 PHE B CG  1 
ATOM   643 C  CD1 . PHE B 2 50 ? -4.534  -4.179  8.737   1.00 20.58 ?  102 PHE B CD1 1 
ATOM   644 C  CD2 . PHE B 2 50 ? -4.382  -4.938  6.485   1.00 20.95 ?  102 PHE B CD2 1 
ATOM   645 C  CE1 . PHE B 2 50 ? -3.570  -5.121  9.120   1.00 22.66 ?  102 PHE B CE1 1 
ATOM   646 C  CE2 . PHE B 2 50 ? -3.432  -5.884  6.862   1.00 22.26 ?  102 PHE B CE2 1 
ATOM   647 C  CZ  . PHE B 2 50 ? -3.022  -5.968  8.178   1.00 22.90 ?  102 PHE B CZ  1 
ATOM   648 N  N   . GLN B 2 51 ? -7.133  -0.056  6.321   1.00 16.43 ?  103 GLN B N   1 
ATOM   649 C  CA  . GLN B 2 51 ? -7.952  0.810   5.480   1.00 15.37 ?  103 GLN B CA  1 
ATOM   650 C  C   . GLN B 2 51 ? -7.100  1.816   4.715   1.00 16.46 ?  103 GLN B C   1 
ATOM   651 O  O   . GLN B 2 51 ? -7.338  2.058   3.522   1.00 17.22 ?  103 GLN B O   1 
ATOM   652 C  CB  . GLN B 2 51 ? -8.999  1.533   6.316   1.00 17.92 ?  103 GLN B CB  1 
ATOM   653 C  CG  . GLN B 2 51 ? -9.833  2.473   5.481   1.00 18.24 ?  103 GLN B CG  1 
ATOM   654 C  CD  . GLN B 2 51 ? -10.912 3.078   6.292   1.00 25.15 ?  103 GLN B CD  1 
ATOM   655 O  OE1 . GLN B 2 51 ? -10.772 4.180   6.822   1.00 22.29 ?  103 GLN B OE1 1 
ATOM   656 N  NE2 . GLN B 2 51 ? -12.001 2.348   6.423   1.00 21.05 ?  103 GLN B NE2 1 
ATOM   657 N  N   . THR B 2 52 ? -6.136  2.445   5.395   1.00 17.11 ?  104 THR B N   1 
ATOM   658 C  CA  . THR B 2 52 ? -5.270  3.409   4.719   1.00 15.57 ?  104 THR B CA  1 
ATOM   659 C  C   . THR B 2 52 ? -4.570  2.763   3.537   1.00 15.67 ?  104 THR B C   1 
ATOM   660 O  O   . THR B 2 52 ? -4.548  3.325   2.435   1.00 16.20 ?  104 THR B O   1 
ATOM   661 C  CB  . THR B 2 52 ? -4.250  3.965   5.714   1.00 17.52 ?  104 THR B CB  1 
ATOM   662 O  OG1 . THR B 2 52 ? -4.940  4.697   6.728   1.00 18.07 ?  104 THR B OG1 1 
ATOM   663 C  CG2 . THR B 2 52 ? -3.281  4.922   5.030   1.00 18.61 ?  104 THR B CG2 1 
ATOM   664 N  N   . ALA B 2 53 ? -4.039  1.547   3.738   1.00 16.73 ?  105 ALA B N   1 
ATOM   665 C  CA  . ALA B 2 53 ? -3.376  0.834   2.646   1.00 15.87 ?  105 ALA B CA  1 
ATOM   666 C  C   . ALA B 2 53 ? -4.332  0.556   1.493   1.00 16.41 ?  105 ALA B C   1 
ATOM   667 O  O   . ALA B 2 53 ? -3.978  0.768   0.322   1.00 18.14 ?  105 ALA B O   1 
ATOM   668 C  CB  . ALA B 2 53 ? -2.745  -0.465  3.161   1.00 18.69 ?  105 ALA B CB  1 
ATOM   669 N  N   . ARG B 2 54 ? -5.560  0.118   1.794   1.00 15.73 ?  106 ARG B N   1 
ATOM   670 C  CA  . ARG B 2 54 ? -6.497  -0.197  0.721   1.00 16.48 ?  106 ARG B CA  1 
ATOM   671 C  C   . ARG B 2 54 ? -6.904  1.031   -0.074  1.00 16.72 ?  106 ARG B C   1 
ATOM   672 O  O   . ARG B 2 54 ? -7.256  0.911   -1.253  1.00 18.12 ?  106 ARG B O   1 
ATOM   673 C  CB  . ARG B 2 54 ? -7.736  -0.893  1.271   1.00 19.17 ?  106 ARG B CB  1 
ATOM   674 C  CG  . ARG B 2 54 ? -7.468  -2.332  1.691   1.00 21.36 ?  106 ARG B CG  1 
ATOM   675 C  CD  . ARG B 2 54 ? -8.761  -3.061  1.968   1.00 31.85 ?  106 ARG B CD  1 
ATOM   676 N  NE  . ARG B 2 54 ? -9.455  -2.467  3.096   1.00 34.83 ?  106 ARG B NE  1 
ATOM   677 C  CZ  . ARG B 2 54 ? -10.461 -1.610  3.007   1.00 24.87 ?  106 ARG B CZ  1 
ATOM   678 N  NH1 . ARG B 2 54 ? -10.973 -1.258  1.835   1.00 29.13 ?  106 ARG B NH1 1 
ATOM   679 N  NH2 . ARG B 2 54 ? -10.976 -1.106  4.122   1.00 33.06 ?  106 ARG B NH2 1 
ATOM   680 N  N   . HIS B 2 55 ? -6.852  2.213   0.531   1.00 16.27 ?  107 HIS B N   1 
ATOM   681 C  CA  . HIS B 2 55 ? -7.256  3.430   -0.163  1.00 17.75 ?  107 HIS B CA  1 
ATOM   682 C  C   . HIS B 2 55 ? -6.130  4.115   -0.920  1.00 19.31 ?  107 HIS B C   1 
ATOM   683 O  O   . HIS B 2 55 ? -6.398  5.032   -1.705  1.00 21.15 ?  107 HIS B O   1 
ATOM   684 C  CB  . HIS B 2 55 ? -7.875  4.413   0.827   1.00 18.86 ?  107 HIS B CB  1 
ATOM   685 C  CG  . HIS B 2 55 ? -9.301  4.107   1.130   1.00 20.70 ?  107 HIS B CG  1 
ATOM   686 N  ND1 . HIS B 2 55 ? -10.344 4.842   0.610   1.00 24.31 ?  107 HIS B ND1 1 
ATOM   687 C  CD2 . HIS B 2 55 ? -9.859  3.108   1.848   1.00 20.33 ?  107 HIS B CD2 1 
ATOM   688 C  CE1 . HIS B 2 55 ? -11.487 4.327   1.031   1.00 23.78 ?  107 HIS B CE1 1 
ATOM   689 N  NE2 . HIS B 2 55 ? -11.220 3.277   1.786   1.00 21.77 ?  107 HIS B NE2 1 
ATOM   690 N  N   . LEU B 2 56 ? -4.892  3.684   -0.727  1.00 17.28 ?  108 LEU B N   1 
ATOM   691 C  CA  . LEU B 2 56 ? -3.776  4.364   -1.377  1.00 20.70 ?  108 LEU B CA  1 
ATOM   692 C  C   . LEU B 2 56 ? -3.860  4.436   -2.894  1.00 20.52 ?  108 LEU B C   1 
ATOM   693 O  O   . LEU B 2 56 ? -3.426  5.459   -3.453  1.00 24.61 ?  108 LEU B O   1 
ATOM   694 C  CB  . LEU B 2 56 ? -2.437  3.787   -0.908  1.00 20.54 ?  108 LEU B CB  1 
ATOM   695 C  CG  . LEU B 2 56 ? -1.934  4.367   0.412   1.00 18.63 ?  108 LEU B CG  1 
ATOM   696 C  CD1 . LEU B 2 56 ? -0.722  3.590   0.875   1.00 19.10 ?  108 LEU B CD1 1 
ATOM   697 C  CD2 . LEU B 2 56 ? -1.633  5.866   0.326   1.00 23.07 ?  108 LEU B CD2 1 
ATOM   698 N  N   . PRO B 2 57 ? -4.327  3.423   -3.623  1.00 19.87 ?  109 PRO B N   1 
ATOM   699 C  CA  . PRO B 2 57 ? -4.439  3.612   -5.078  1.00 22.22 ?  109 PRO B CA  1 
ATOM   700 C  C   . PRO B 2 57 ? -5.331  4.791   -5.433  1.00 26.89 ?  109 PRO B C   1 
ATOM   701 O  O   . PRO B 2 57 ? -5.024  5.527   -6.379  1.00 33.61 ?  109 PRO B O   1 
ATOM   702 C  CB  . PRO B 2 57 ? -4.978  2.264   -5.575  1.00 22.10 ?  109 PRO B CB  1 
ATOM   703 C  CG  . PRO B 2 57 ? -4.578  1.283   -4.506  1.00 23.48 ?  109 PRO B CG  1 
ATOM   704 C  CD  . PRO B 2 57 ? -4.665  2.045   -3.218  1.00 21.53 ?  109 PRO B CD  1 
ATOM   705 N  N   . SER B 2 58 ? -6.396  5.018   -4.652  1.00 23.81 ?  110 SER B N   1 
ATOM   706 C  CA  . SER B 2 58 ? -7.293  6.160   -4.819  1.00 35.92 ?  110 SER B CA  1 
ATOM   707 C  C   . SER B 2 58 ? -6.733  7.440   -4.212  1.00 43.25 ?  110 SER B C   1 
ATOM   708 O  O   . SER B 2 58 ? -7.137  8.534   -4.620  1.00 43.29 ?  110 SER B O   1 
ATOM   709 C  CB  . SER B 2 58 ? -8.656  5.860   -4.186  1.00 35.67 ?  110 SER B CB  1 
ATOM   710 O  OG  . SER B 2 58 ? -9.475  7.019   -4.143  1.00 44.95 ?  110 SER B OG  1 
ATOM   711 N  N   . THR B 2 59 ? -5.841  7.332   -3.230  1.00 35.31 ?  111 THR B N   1 
ATOM   712 C  CA  . THR B 2 59 ? -5.059  8.491   -2.827  1.00 37.36 ?  111 THR B CA  1 
ATOM   713 C  C   . THR B 2 59 ? -3.950  8.822   -3.837  1.00 37.85 ?  111 THR B C   1 
ATOM   714 O  O   . THR B 2 59 ? -3.399  9.926   -3.779  1.00 53.03 ?  111 THR B O   1 
ATOM   715 C  CB  . THR B 2 59 ? -4.501  8.306   -1.393  1.00 32.94 ?  111 THR B CB  1 
ATOM   716 O  OG1 . THR B 2 59 ? -5.480  7.693   -0.532  1.00 31.74 ?  111 THR B OG1 1 
ATOM   717 C  CG2 . THR B 2 59 ? -4.120  9.648   -0.777  1.00 41.20 ?  111 THR B CG2 1 
ATOM   718 N  N   . CYS B 2 60 ? -3.647  7.922   -4.793  1.00 44.09 ?  112 CYS B N   1 
ATOM   719 C  CA  . CYS B 2 60 ? -2.477  8.045   -5.671  1.00 29.35 ?  112 CYS B CA  1 
ATOM   720 C  C   . CYS B 2 60 ? -2.797  8.034   -7.169  1.00 48.32 ?  112 CYS B C   1 
ATOM   721 O  O   . CYS B 2 60 ? -1.914  7.710   -7.971  1.00 45.84 ?  112 CYS B O   1 
ATOM   722 C  CB  . CYS B 2 60 ? -1.445  6.947   -5.407  1.00 42.89 ?  112 CYS B CB  1 
ATOM   723 S  SG  . CYS B 2 60 ? -0.480  7.064   -3.903  1.00 25.71 ?  112 CYS B SG  1 
ATOM   724 N  N   . GLY B 2 61 ? -4.023  8.350   -7.577  1.00 47.58 ?  113 GLY B N   1 
ATOM   725 C  CA  . GLY B 2 61 ? -4.308  8.460   -9.002  1.00 45.25 ?  113 GLY B CA  1 
ATOM   726 C  C   . GLY B 2 61 ? -4.212  7.184   -9.816  1.00 42.20 ?  113 GLY B C   1 
ATOM   727 O  O   . GLY B 2 61 ? -4.035  7.253   -11.035 1.00 45.68 ?  113 GLY B O   1 
ATOM   728 N  N   . PHE B 2 62 ? -4.319  6.016   -9.180  1.00 32.76 ?  114 PHE B N   1 
ATOM   729 C  CA  . PHE B 2 62 ? -4.395  4.733   -9.883  1.00 27.84 ?  114 PHE B CA  1 
ATOM   730 C  C   . PHE B 2 62 ? -5.855  4.494   -10.257 1.00 44.70 ?  114 PHE B C   1 
ATOM   731 O  O   . PHE B 2 62 ? -6.602  3.797   -9.565  1.00 40.51 ?  114 PHE B O   1 
ATOM   732 C  CB  . PHE B 2 62 ? -3.896  3.608   -8.983  1.00 43.28 ?  114 PHE B CB  1 
ATOM   733 C  CG  . PHE B 2 62 ? -2.547  3.061   -9.361  1.00 28.43 ?  114 PHE B CG  1 
ATOM   734 C  CD1 . PHE B 2 62 ? -2.404  2.190   -10.430 1.00 32.14 ?  114 PHE B CD1 1 
ATOM   735 C  CD2 . PHE B 2 62 ? -1.429  3.379   -8.611  1.00 32.61 ?  114 PHE B CD2 1 
ATOM   736 C  CE1 . PHE B 2 62 ? -1.164  1.670   -10.759 1.00 32.23 ?  114 PHE B CE1 1 
ATOM   737 C  CE2 . PHE B 2 62 ? -0.196  2.863   -8.939  1.00 31.19 ?  114 PHE B CE2 1 
ATOM   738 C  CZ  . PHE B 2 62 ? -0.062  2.011   -10.016 1.00 32.75 ?  114 PHE B CZ  1 
ATOM   739 N  N   . ALA B 2 63 ? -6.257  5.071   -11.394 1.00 44.62 ?  115 ALA B N   1 
ATOM   740 C  CA  . ALA B 2 63 ? -7.663  5.055   -11.786 1.00 45.97 ?  115 ALA B CA  1 
ATOM   741 C  C   . ALA B 2 63 ? -8.160  3.641   -12.068 1.00 42.67 ?  115 ALA B C   1 
ATOM   742 O  O   . ALA B 2 63 ? -9.288  3.293   -11.703 1.00 47.41 ?  115 ALA B O   1 
ATOM   743 C  CB  . ALA B 2 63 ? -7.876  5.955   -13.002 1.00 47.81 ?  115 ALA B CB  1 
ATOM   744 N  N   . GLY B 2 64 ? -7.340  2.812   -12.716 1.00 41.71 ?  116 GLY B N   1 
ATOM   745 C  CA  . GLY B 2 64 ? -7.771  1.465   -13.052 1.00 43.40 ?  116 GLY B CA  1 
ATOM   746 C  C   . GLY B 2 64 ? -8.058  0.587   -11.850 1.00 52.34 ?  116 GLY B C   1 
ATOM   747 O  O   . GLY B 2 64 ? -8.823  -0.378  -11.967 1.00 50.29 ?  116 GLY B O   1 
ATOM   748 N  N   . VAL B 2 65 ? -7.480  0.910   -10.692 1.00 43.11 ?  117 VAL B N   1 
ATOM   749 C  CA  . VAL B 2 65 ? -7.579  0.064   -9.507  1.00 40.63 ?  117 VAL B CA  1 
ATOM   750 C  C   . VAL B 2 65 ? -8.742  0.496   -8.625  1.00 35.91 ?  117 VAL B C   1 
ATOM   751 O  O   . VAL B 2 65 ? -9.641  -0.299  -8.328  1.00 44.52 ?  117 VAL B O   1 
ATOM   752 C  CB  . VAL B 2 65 ? -6.259  0.077   -8.715  1.00 35.05 ?  117 VAL B CB  1 
ATOM   753 C  CG1 . VAL B 2 65 ? -6.405  -0.728  -7.425  1.00 31.88 ?  117 VAL B CG1 1 
ATOM   754 C  CG2 . VAL B 2 65 ? -5.128  -0.469  -9.569  1.00 37.50 ?  117 VAL B CG2 1 
ATOM   755 N  N   . GLY B 2 66 ? -8.725  1.752   -8.187  1.00 36.27 ?  118 GLY B N   1 
ATOM   756 C  CA  . GLY B 2 66 ? -9.691  2.196   -7.204  1.00 35.57 ?  118 GLY B CA  1 
ATOM   757 C  C   . GLY B 2 66 ? -9.268  1.784   -5.803  1.00 30.55 ?  118 GLY B C   1 
ATOM   758 O  O   . GLY B 2 66 ? -8.082  1.686   -5.490  1.00 35.83 ?  118 GLY B O   1 
ATOM   759 N  N   . THR B 2 67 ? -10.257 1.527   -4.955  1.00 27.22 ?  119 THR B N   1 
ATOM   760 C  CA  . THR B 2 67 ? -9.993  1.067   -3.597  1.00 25.56 ?  119 THR B CA  1 
ATOM   761 C  C   . THR B 2 67 ? -9.861  -0.453  -3.584  1.00 23.63 ?  119 THR B C   1 
ATOM   762 O  O   . THR B 2 67 ? -10.635 -1.164  -4.227  1.00 27.41 ?  119 THR B O   1 
ATOM   763 C  CB  . THR B 2 67 ? -11.120 1.520   -2.660  1.00 29.88 ?  119 THR B CB  1 
ATOM   764 O  OG1 . THR B 2 67 ? -11.093 2.950   -2.540  1.00 38.94 ?  119 THR B OG1 1 
ATOM   765 C  CG2 . THR B 2 67 ? -10.945 0.907   -1.282  1.00 30.09 ?  119 THR B CG2 1 
ATOM   766 N  N   . CYS B 2 68 ? -8.851  -0.949  -2.875  1.00 18.88 ?  120 CYS B N   1 
ATOM   767 C  CA  . CYS B 2 68 ? -8.636  -2.385  -2.800  1.00 17.16 ?  120 CYS B CA  1 
ATOM   768 C  C   . CYS B 2 68 ? -9.725  -3.030  -1.949  1.00 20.12 ?  120 CYS B C   1 
ATOM   769 O  O   . CYS B 2 68 ? -10.180 -2.449  -0.963  1.00 19.56 ?  120 CYS B O   1 
ATOM   770 C  CB  . CYS B 2 68 ? -7.288  -2.674  -2.155  1.00 17.54 ?  120 CYS B CB  1 
ATOM   771 S  SG  . CYS B 2 68 ? -5.918  -2.012  -3.124  1.00 21.00 ?  120 CYS B SG  1 
ATOM   772 N  N   . PRO B 2 69 ? -10.135 -4.246  -2.285  1.00 20.70 ?  121 PRO B N   1 
ATOM   773 C  CA  . PRO B 2 69 ? -11.214 -4.879  -1.522  1.00 19.85 ?  121 PRO B CA  1 
ATOM   774 C  C   . PRO B 2 69 ? -10.769 -5.248  -0.122  1.00 20.84 ?  121 PRO B C   1 
ATOM   775 O  O   . PRO B 2 69 ? -9.594  -5.518  0.152   1.00 22.80 ?  121 PRO B O   1 
ATOM   776 C  CB  . PRO B 2 69 ? -11.534 -6.137  -2.334  1.00 24.52 ?  121 PRO B CB  1 
ATOM   777 C  CG  . PRO B 2 69 ? -10.288 -6.428  -3.078  1.00 38.51 ?  121 PRO B CG  1 
ATOM   778 C  CD  . PRO B 2 69 ? -9.703  -5.084  -3.413  1.00 27.25 ?  121 PRO B CD  1 
ATOM   779 N  N   . PHE B 2 70 ? -11.747 -5.267  0.772   1.00 20.80 ?  122 PHE B N   1 
ATOM   780 C  CA  . PHE B 2 70 ? -11.512 -5.668  2.140   1.00 20.27 ?  122 PHE B CA  1 
ATOM   781 C  C   . PHE B 2 70 ? -11.153 -7.146  2.196   1.00 22.67 ?  122 PHE B C   1 
ATOM   782 O  O   . PHE B 2 70 ? -11.747 -7.978  1.504   1.00 28.28 ?  122 PHE B O   1 
ATOM   783 C  CB  . PHE B 2 70 ? -12.775 -5.418  2.963   1.00 26.30 ?  122 PHE B CB  1 
ATOM   784 C  CG  . PHE B 2 70 ? -12.639 -5.837  4.380   1.00 23.30 ?  122 PHE B CG  1 
ATOM   785 C  CD1 . PHE B 2 70 ? -11.915 -5.066  5.273   1.00 28.81 ?  122 PHE B CD1 1 
ATOM   786 C  CD2 . PHE B 2 70 ? -13.197 -7.025  4.818   1.00 30.37 ?  122 PHE B CD2 1 
ATOM   787 C  CE1 . PHE B 2 70 ? -11.765 -5.462  6.585   1.00 33.93 ?  122 PHE B CE1 1 
ATOM   788 C  CE2 . PHE B 2 70 ? -13.054 -7.423  6.132   1.00 30.64 ?  122 PHE B CE2 1 
ATOM   789 C  CZ  . PHE B 2 70 ? -12.333 -6.639  7.014   1.00 35.34 ?  122 PHE B CZ  1 
ATOM   790 N  N   . LYS B 2 71 ? -10.151 -7.461  3.004   1.00 23.79 ?  123 LYS B N   1 
ATOM   791 C  CA  . LYS B 2 71 ? -9.820  -8.830  3.360   1.00 26.83 ?  123 LYS B CA  1 
ATOM   792 C  C   . LYS B 2 71 ? -9.673  -8.888  4.869   1.00 29.98 ?  123 LYS B C   1 
ATOM   793 O  O   . LYS B 2 71 ? -9.127  -7.963  5.479   1.00 26.75 ?  123 LYS B O   1 
ATOM   794 C  CB  . LYS B 2 71 ? -8.516  -9.286  2.693   1.00 30.45 ?  123 LYS B CB  1 
ATOM   795 C  CG  . LYS B 2 71 ? -8.720  -9.851  1.301   1.00 41.09 ?  123 LYS B CG  1 
ATOM   796 C  CD  . LYS B 2 71 ? -7.609  -10.813 0.918   1.00 43.91 ?  123 LYS B CD  1 
ATOM   797 C  CE  . LYS B 2 71 ? -6.304  -10.080 0.786   1.00 44.57 ?  123 LYS B CE  1 
ATOM   798 N  NZ  . LYS B 2 71 ? -6.510  -8.800  0.057   1.00 39.76 ?  123 LYS B NZ  1 
ATOM   799 N  N   . ALA B 2 72 ? -10.195 -9.961  5.467   1.00 29.51 ?  124 ALA B N   1 
ATOM   800 C  CA  . ALA B 2 72 ? -10.121 -10.134 6.911   1.00 34.43 ?  124 ALA B CA  1 
ATOM   801 C  C   . ALA B 2 72 ? -8.699  -9.906  7.403   1.00 28.97 ?  124 ALA B C   1 
ATOM   802 O  O   . ALA B 2 72 ? -7.730  -10.324 6.768   1.00 33.01 ?  124 ALA B O   1 
ATOM   803 C  CB  . ALA B 2 72 ? -10.585 -11.544 7.282   1.00 39.12 ?  124 ALA B CB  1 
ATOM   804 N  N   . THR B 2 73 ? -8.579  -9.215  8.514   1.00 28.22 ?  125 THR B N   1 
ATOM   805 C  CA  . THR B 2 73 ? -7.277  -8.826  9.046   1.00 31.50 ?  125 THR B CA  1 
ATOM   806 C  C   . THR B 2 73 ? -6.711  -9.952  9.902   1.00 38.52 ?  125 THR B C   1 
ATOM   807 O  O   . THR B 2 73 ? -7.426  -10.492 10.753  1.00 34.46 ?  125 THR B O   1 
ATOM   808 C  CB  . THR B 2 73 ? -7.417  -7.564  9.885   1.00 30.16 ?  125 THR B CB  1 
ATOM   809 O  OG1 . THR B 2 73 ? -7.845  -6.478  9.049   1.00 39.43 ?  125 THR B OG1 1 
ATOM   810 C  CG2 . THR B 2 73 ? -6.100  -7.205  10.546  1.00 32.97 ?  125 THR B CG2 1 
ATOM   811 N  N   . PRO B 2 74 ? -5.443  -10.347 9.702   1.00 38.98 ?  126 PRO B N   1 
ATOM   812 C  CA  . PRO B 2 74 ? -4.838  -11.462 10.444  1.00 38.45 ?  126 PRO B CA  1 
ATOM   813 C  C   . PRO B 2 74 ? -4.788  -11.226 11.952  1.00 42.62 ?  126 PRO B C   1 
ATOM   814 O  O   . PRO B 2 74 ? -4.711  -10.075 12.387  1.00 37.63 ?  126 PRO B O   1 
ATOM   815 C  CB  . PRO B 2 74 ? -3.419  -11.532 9.870   1.00 45.23 ?  126 PRO B CB  1 
ATOM   816 C  CG  . PRO B 2 74 ? -3.528  -10.909 8.516   1.00 37.70 ?  126 PRO B CG  1 
ATOM   817 C  CD  . PRO B 2 74 ? -4.529  -9.809  8.678   1.00 37.57 ?  126 PRO B CD  1 
HETATM 818 S  S   . SO4 C 3 .  ? 0.461   -12.526 -19.542 1.00 19.57 ?  101 SO4 A S   1 
HETATM 819 O  O1  . SO4 C 3 .  ? 0.906   -12.791 -20.950 1.00 21.09 ?  101 SO4 A O1  1 
HETATM 820 O  O2  . SO4 C 3 .  ? -1.012  -12.365 -19.527 1.00 18.55 ?  101 SO4 A O2  1 
HETATM 821 O  O3  . SO4 C 3 .  ? 0.843   -13.643 -18.632 1.00 20.64 ?  101 SO4 A O3  1 
HETATM 822 O  O4  . SO4 C 3 .  ? 1.102   -11.259 -19.048 1.00 19.73 ?  101 SO4 A O4  1 
HETATM 823 NA NA  . NA  D 4 .  ? 7.668   -8.234  3.461   1.00 41.84 ?  102 NA  A NA  1 
HETATM 824 NA NA  . NA  E 4 .  ? -3.792  13.347  6.720   1.00 38.69 ?  103 NA  A NA  1 
HETATM 825 N  N   . NO3 F 5 .  ? 9.066   -5.383  4.228   1.00 27.36 ?  104 NO3 A N   1 
HETATM 826 O  O1  . NO3 F 5 .  ? 9.190   -4.309  4.817   1.00 21.09 ?  104 NO3 A O1  1 
HETATM 827 O  O2  . NO3 F 5 .  ? 9.972   -6.225  4.298   1.00 33.30 -1 104 NO3 A O2  1 
HETATM 828 O  O3  . NO3 F 5 .  ? 8.045   -5.617  3.570   1.00 30.05 -1 104 NO3 A O3  1 
HETATM 829 CL CL  . CL  G 6 .  ? 3.960   -9.542  -3.368  1.00 53.44 ?  201 CL  B CL  1 
HETATM 830 CL CL  . CL  H 6 .  ? 0.270   10.391  -7.899  1.00 51.36 ?  202 CL  B CL  1 
HETATM 831 CL CL  . CL  I 6 .  ? 7.434   1.892   8.467   1.00 50.19 ?  203 CL  B CL  1 
HETATM 832 S  S   . SO4 J 3 .  ? 1.434   17.040  -5.657  1.00 24.66 ?  204 SO4 B S   1 
HETATM 833 O  O1  . SO4 J 3 .  ? 1.485   15.954  -6.691  1.00 28.93 ?  204 SO4 B O1  1 
HETATM 834 O  O2  . SO4 J 3 .  ? 0.999   16.502  -4.337  1.00 23.43 ?  204 SO4 B O2  1 
HETATM 835 O  O3  . SO4 J 3 .  ? 2.795   17.658  -5.573  1.00 23.71 ?  204 SO4 B O3  1 
HETATM 836 O  O4  . SO4 J 3 .  ? 0.412   18.057  -6.061  1.00 28.42 ?  204 SO4 B O4  1 
HETATM 837 NA NA  . NA  K 4 .  ? -8.099  -3.148  21.390  1.00 54.12 ?  205 NA  B NA  1 
HETATM 838 C  C   . ACT L 7 .  ? -2.937  -12.862 3.878   1.00 33.89 ?  206 ACT B C   1 
HETATM 839 O  O   . ACT L 7 .  ? -3.012  -13.922 3.227   1.00 49.69 ?  206 ACT B O   1 
HETATM 840 O  OXT . ACT L 7 .  ? -2.612  -11.743 3.431   1.00 44.03 -1 206 ACT B OXT 1 
HETATM 841 C  CH3 . ACT L 7 .  ? -3.282  -12.962 5.373   1.00 42.24 ?  206 ACT B CH3 1 
HETATM 842 C  C   . ACT M 7 .  ? 3.698   -11.807 3.776   1.00 47.44 ?  207 ACT B C   1 
HETATM 843 O  O   . ACT M 7 .  ? 2.779   -11.250 3.140   1.00 49.94 ?  207 ACT B O   1 
HETATM 844 O  OXT . ACT M 7 .  ? 3.578   -12.447 4.841   1.00 56.31 -1 207 ACT B OXT 1 
HETATM 845 C  CH3 . ACT M 7 .  ? 5.115   -11.686 3.179   1.00 42.31 ?  207 ACT B CH3 1 
HETATM 846 O  O   . HOH N 8 .  ? -4.459  6.147   18.133  1.00 42.71 ?  201 HOH A O   1 
HETATM 847 O  O   . HOH N 8 .  ? 0.612   9.763   13.422  1.00 38.03 ?  202 HOH A O   1 
HETATM 848 O  O   . HOH N 8 .  ? 1.708   -15.959 -19.686 1.00 25.71 ?  203 HOH A O   1 
HETATM 849 O  O   . HOH N 8 .  ? 3.341   -13.604 -14.272 1.00 21.66 ?  204 HOH A O   1 
HETATM 850 O  O   . HOH N 8 .  ? 5.134   -8.883  -24.229 1.00 20.52 ?  205 HOH A O   1 
HETATM 851 O  O   . HOH N 8 .  ? 8.872   -2.427  -9.239  1.00 29.32 ?  206 HOH A O   1 
HETATM 852 O  O   . HOH N 8 .  ? 1.224   -13.436 -15.833 1.00 20.36 ?  207 HOH A O   1 
HETATM 853 O  O   . HOH N 8 .  ? 7.931   -9.806  -19.908 1.00 35.86 ?  208 HOH A O   1 
HETATM 854 O  O   . HOH N 8 .  ? 14.292  -8.640  -1.499  1.00 43.78 ?  209 HOH A O   1 
HETATM 855 O  O   . HOH N 8 .  ? 2.860   -12.398 -9.776  1.00 32.29 ?  210 HOH A O   1 
HETATM 856 O  O   . HOH N 8 .  ? 7.463   -8.198  -13.302 1.00 30.05 ?  211 HOH A O   1 
HETATM 857 O  O   . HOH N 8 .  ? 9.212   1.935   6.063   1.00 25.84 ?  212 HOH A O   1 
HETATM 858 O  O   . HOH N 8 .  ? 15.600  -3.070  -3.772  1.00 37.78 ?  213 HOH A O   1 
HETATM 859 O  O   . HOH N 8 .  ? 10.086  -4.503  -11.050 1.00 39.17 ?  214 HOH A O   1 
HETATM 860 O  O   . HOH N 8 .  ? -1.807  13.548  7.763   1.00 50.18 ?  215 HOH A O   1 
HETATM 861 O  O   . HOH N 8 .  ? 9.682   -7.783  -12.215 1.00 47.91 ?  216 HOH A O   1 
HETATM 862 O  O   . HOH N 8 .  ? 5.852   -14.909 -14.465 1.00 32.04 ?  217 HOH A O   1 
HETATM 863 O  O   . HOH N 8 .  ? 0.954   -12.270 -8.184  1.00 46.94 ?  218 HOH A O   1 
HETATM 864 O  O   . HOH O 8 .  ? -2.981  20.915  2.638   1.00 53.15 ?  301 HOH B O   1 
HETATM 865 O  O   . HOH O 8 .  ? -12.874 -1.981  -3.664  1.00 37.71 ?  302 HOH B O   1 
HETATM 866 O  O   . HOH O 8 .  ? -10.681 4.479   -9.808  1.00 54.71 ?  303 HOH B O   1 
HETATM 867 O  O   . HOH O 8 .  ? -9.282  -2.733  5.746   1.00 30.24 ?  304 HOH B O   1 
HETATM 868 O  O   . HOH O 8 .  ? -0.047  19.303  2.334   1.00 34.69 ?  305 HOH B O   1 
HETATM 869 O  O   . HOH O 8 .  ? 4.306   23.856  -2.233  1.00 30.64 ?  306 HOH B O   1 
HETATM 870 O  O   . HOH O 8 .  ? -6.936  -6.003  0.658   1.00 30.62 ?  307 HOH B O   1 
HETATM 871 O  O   . HOH O 8 .  ? -4.364  -4.542  -7.594  1.00 23.69 ?  308 HOH B O   1 
HETATM 872 O  O   . HOH O 8 .  ? -8.604  -5.304  4.846   1.00 25.77 ?  309 HOH B O   1 
HETATM 873 O  O   . HOH O 8 .  ? 7.635   5.764   -10.208 1.00 30.62 ?  310 HOH B O   1 
HETATM 874 O  O   . HOH O 8 .  ? -0.368  -10.929 1.959   1.00 45.59 ?  311 HOH B O   1 
HETATM 875 O  O   . HOH O 8 .  ? -4.960  -8.718  -9.570  1.00 28.92 ?  312 HOH B O   1 
HETATM 876 O  O   . HOH O 8 .  ? 4.251   -8.867  4.671   1.00 32.26 ?  313 HOH B O   1 
HETATM 877 O  O   . HOH O 8 .  ? 7.865   -3.683  17.689  1.00 36.91 ?  314 HOH B O   1 
HETATM 878 O  O   . HOH O 8 .  ? -2.221  17.850  -4.959  1.00 40.20 ?  315 HOH B O   1 
HETATM 879 O  O   . HOH O 8 .  ? -1.426  -0.689  18.954  1.00 31.61 ?  316 HOH B O   1 
HETATM 880 O  O   . HOH O 8 .  ? -3.235  -6.958  -6.558  1.00 25.38 ?  317 HOH B O   1 
HETATM 881 O  O   . HOH O 8 .  ? -6.147  -5.847  3.332   1.00 26.07 ?  318 HOH B O   1 
HETATM 882 O  O   . HOH O 8 .  ? -5.307  6.118   2.157   1.00 21.45 ?  319 HOH B O   1 
HETATM 883 O  O   . HOH O 8 .  ? -10.025 -1.949  7.936   1.00 33.50 ?  320 HOH B O   1 
HETATM 884 O  O   . HOH O 8 .  ? -9.731  7.232   -1.214  1.00 42.96 ?  321 HOH B O   1 
HETATM 885 O  O   . HOH O 8 .  ? -4.843  -4.169  -0.127  1.00 28.06 ?  322 HOH B O   1 
HETATM 886 O  O   . HOH O 8 .  ? 5.520   14.218  4.602   1.00 28.10 ?  323 HOH B O   1 
HETATM 887 O  O   . HOH O 8 .  ? -0.681  -10.096 -0.310  1.00 35.79 ?  324 HOH B O   1 
HETATM 888 O  O   . HOH O 8 .  ? 10.208  -0.758  11.791  1.00 34.44 ?  325 HOH B O   1 
HETATM 889 O  O   . HOH O 8 .  ? 5.916   7.883   -11.124 1.00 38.61 ?  326 HOH B O   1 
HETATM 890 O  O   . HOH O 8 .  ? -9.234  -2.983  -6.882  1.00 39.68 ?  327 HOH B O   1 
HETATM 891 O  O   . HOH O 8 .  ? -11.031 -8.064  10.024  1.00 44.01 ?  328 HOH B O   1 
HETATM 892 O  O   . HOH O 8 .  ? 11.995  4.887   -3.626  1.00 37.05 ?  329 HOH B O   1 
HETATM 893 O  O   . HOH O 8 .  ? 7.386   3.682   10.604  1.00 51.87 ?  330 HOH B O   1 
HETATM 894 O  O   . HOH O 8 .  ? -4.498  -3.672  2.953   1.00 31.46 ?  331 HOH B O   1 
HETATM 895 O  O   . HOH O 8 .  ? 9.462   12.486  2.208   1.00 34.55 ?  332 HOH B O   1 
HETATM 896 O  O   . HOH O 8 .  ? 11.116  5.656   -6.200  1.00 49.37 ?  333 HOH B O   1 
HETATM 897 O  O   . HOH O 8 .  ? -0.123  22.201  6.418   1.00 38.46 ?  334 HOH B O   1 
# 
